data_2N34
#
_entry.id   2N34
#
_entity_poly.entity_id   1
_entity_poly.type   'polypeptide(L)'
_entity_poly.pdbx_seq_one_letter_code
;RSLRQRLQDTVGLCFPMRTYSKQSKPLFSNKRKIHLSELMLEKCPFPAGSDLAQKWHLIKQHTAPVSPHS
;
_entity_poly.pdbx_strand_id   A
#
# COMPACT_ATOMS: atom_id res chain seq x y z
N ARG A 1 -17.40 55.58 34.15
CA ARG A 1 -18.35 54.53 33.80
C ARG A 1 -18.13 54.28 32.30
N SER A 2 -18.40 53.09 31.80
CA SER A 2 -18.09 52.68 30.44
C SER A 2 -18.87 51.40 30.11
N LEU A 3 -18.78 50.92 28.87
CA LEU A 3 -19.47 49.74 28.36
C LEU A 3 -18.66 49.13 27.21
N ARG A 4 -19.13 47.98 26.69
CA ARG A 4 -18.54 47.24 25.54
C ARG A 4 -17.01 47.13 25.63
N GLN A 5 -16.52 46.62 26.77
CA GLN A 5 -15.10 46.35 26.94
C GLN A 5 -14.72 45.12 26.10
N ARG A 6 -14.24 45.37 24.87
CA ARG A 6 -13.79 44.36 23.90
C ARG A 6 -14.95 43.56 23.31
N LEU A 7 -14.62 42.66 22.40
CA LEU A 7 -15.44 41.65 21.71
C LEU A 7 -14.38 40.76 21.06
N GLN A 8 -14.36 39.45 21.35
CA GLN A 8 -13.49 38.47 20.69
C GLN A 8 -14.16 37.11 20.82
N ASP A 9 -15.26 36.96 20.09
CA ASP A 9 -16.33 35.96 20.33
C ASP A 9 -16.55 35.08 19.11
N THR A 10 -15.66 35.25 18.12
CA THR A 10 -15.65 34.62 16.82
C THR A 10 -14.49 33.60 16.74
N VAL A 11 -13.63 33.52 17.77
CA VAL A 11 -12.45 32.68 17.76
C VAL A 11 -12.70 31.22 18.16
N GLY A 12 -13.95 30.88 18.48
CA GLY A 12 -14.35 29.57 18.95
C GLY A 12 -15.41 29.69 20.04
N LEU A 13 -15.64 28.60 20.78
CA LEU A 13 -16.52 28.60 21.96
C LEU A 13 -16.08 27.55 22.99
N CYS A 14 -14.78 27.21 23.03
CA CYS A 14 -14.20 26.16 23.87
C CYS A 14 -14.78 24.76 23.61
N PHE A 15 -14.22 23.76 24.32
CA PHE A 15 -14.49 22.34 24.14
C PHE A 15 -14.71 21.73 25.54
N PRO A 16 -15.83 22.03 26.21
CA PRO A 16 -16.13 21.43 27.49
C PRO A 16 -16.51 19.96 27.31
N MET A 17 -16.40 19.15 28.38
CA MET A 17 -16.76 17.73 28.41
C MET A 17 -15.84 16.91 27.49
N ARG A 18 -14.69 17.48 27.14
CA ARG A 18 -13.74 16.93 26.16
C ARG A 18 -12.33 16.82 26.74
N THR A 19 -12.19 17.07 28.05
CA THR A 19 -10.93 17.05 28.78
C THR A 19 -11.24 16.57 30.21
N TYR A 20 -10.57 15.51 30.69
CA TYR A 20 -10.76 14.89 32.02
C TYR A 20 -9.49 14.19 32.51
N SER A 21 -8.31 14.63 32.06
CA SER A 21 -7.02 13.97 32.28
C SER A 21 -7.04 12.51 31.79
N LYS A 22 -6.03 11.76 32.22
CA LYS A 22 -5.85 10.33 31.99
C LYS A 22 -5.47 10.16 30.53
N GLN A 23 -4.34 10.75 30.19
CA GLN A 23 -3.90 11.02 28.84
C GLN A 23 -2.40 10.76 28.84
N SER A 24 -2.00 9.65 28.24
CA SER A 24 -0.62 9.25 28.02
C SER A 24 -0.66 8.01 27.12
N LYS A 25 -0.43 8.19 25.83
CA LYS A 25 -0.26 7.07 24.90
C LYS A 25 0.94 7.38 24.00
N PRO A 26 2.16 7.23 24.52
CA PRO A 26 3.34 7.49 23.71
C PRO A 26 3.49 6.38 22.67
N LEU A 27 4.15 6.71 21.56
CA LEU A 27 4.53 5.78 20.50
C LEU A 27 5.92 6.08 20.01
N PHE A 28 6.41 5.20 19.15
CA PHE A 28 7.80 5.12 18.77
C PHE A 28 7.84 4.30 17.48
N SER A 29 8.38 4.83 16.38
CA SER A 29 8.49 4.07 15.14
C SER A 29 9.50 4.68 14.18
N ASN A 30 9.78 3.94 13.11
CA ASN A 30 10.33 4.42 11.86
C ASN A 30 9.24 5.23 11.16
N LYS A 31 9.24 6.55 11.34
CA LYS A 31 8.51 7.49 10.48
C LYS A 31 9.54 8.35 9.74
N ARG A 32 9.10 9.28 8.88
CA ARG A 32 9.96 10.18 8.11
C ARG A 32 11.06 9.43 7.36
N LYS A 33 10.71 8.36 6.63
CA LYS A 33 11.57 7.68 5.66
C LYS A 33 10.79 6.75 4.72
N ILE A 34 9.46 6.78 4.77
CA ILE A 34 8.63 5.79 4.09
C ILE A 34 8.34 6.28 2.67
N HIS A 35 8.11 5.35 1.74
CA HIS A 35 7.75 5.65 0.35
C HIS A 35 6.25 5.97 0.24
N LEU A 36 5.72 6.09 -0.99
CA LEU A 36 4.30 6.31 -1.29
C LEU A 36 3.73 5.26 -2.26
N SER A 37 4.55 4.28 -2.64
CA SER A 37 4.15 3.12 -3.43
C SER A 37 4.77 1.84 -2.88
N GLU A 38 5.19 1.82 -1.61
CA GLU A 38 5.86 0.66 -1.08
C GLU A 38 4.86 -0.47 -0.79
N LEU A 39 4.98 -1.56 -1.54
CA LEU A 39 4.22 -2.78 -1.41
C LEU A 39 5.21 -3.94 -1.35
N MET A 40 5.53 -4.34 -0.11
CA MET A 40 6.46 -5.41 0.32
C MET A 40 7.90 -5.36 -0.23
N LEU A 41 8.23 -4.36 -1.06
CA LEU A 41 9.39 -4.33 -1.94
C LEU A 41 10.68 -4.68 -1.23
N GLU A 42 11.15 -3.82 -0.31
CA GLU A 42 12.50 -3.92 0.22
C GLU A 42 12.56 -4.86 1.44
N LYS A 43 11.53 -5.69 1.64
CA LYS A 43 11.16 -6.24 2.93
C LYS A 43 11.18 -7.74 3.03
N CYS A 44 11.97 -8.37 2.18
CA CYS A 44 12.14 -9.80 2.10
C CYS A 44 13.57 -10.17 2.56
N PRO A 45 13.87 -10.07 3.87
CA PRO A 45 15.24 -10.18 4.37
C PRO A 45 15.71 -11.63 4.59
N PHE A 46 14.82 -12.58 4.39
CA PHE A 46 15.03 -14.00 4.64
C PHE A 46 15.34 -14.67 3.30
N PRO A 47 16.01 -15.83 3.31
CA PRO A 47 16.21 -16.61 2.11
C PRO A 47 14.88 -17.14 1.58
N ALA A 48 14.88 -17.53 0.31
CA ALA A 48 13.81 -18.34 -0.24
C ALA A 48 13.91 -19.73 0.38
N GLY A 49 12.77 -20.29 0.78
CA GLY A 49 12.69 -21.65 1.30
C GLY A 49 13.22 -21.75 2.72
N SER A 50 12.79 -20.87 3.63
CA SER A 50 12.96 -21.11 5.07
C SER A 50 11.79 -20.50 5.87
N ASP A 51 11.49 -21.07 7.03
CA ASP A 51 10.29 -20.83 7.84
C ASP A 51 10.13 -19.38 8.27
N LEU A 52 11.22 -18.64 8.37
CA LEU A 52 11.23 -17.20 8.67
C LEU A 52 10.36 -16.46 7.64
N ALA A 53 10.45 -16.88 6.37
CA ALA A 53 9.70 -16.27 5.29
C ALA A 53 8.21 -16.63 5.35
N GLN A 54 7.82 -17.80 5.87
CA GLN A 54 6.41 -18.19 5.87
C GLN A 54 5.63 -17.33 6.87
N LYS A 55 6.25 -16.97 8.00
CA LYS A 55 5.77 -15.93 8.89
C LYS A 55 5.76 -14.59 8.15
N TRP A 56 6.80 -14.23 7.38
CA TRP A 56 6.78 -12.94 6.67
C TRP A 56 5.54 -12.78 5.77
N HIS A 57 5.15 -13.85 5.05
CA HIS A 57 3.94 -13.86 4.22
C HIS A 57 2.66 -13.59 5.04
N LEU A 58 2.69 -13.77 6.36
CA LEU A 58 1.57 -13.51 7.25
C LEU A 58 1.26 -12.02 7.28
N ILE A 59 2.27 -11.19 7.58
CA ILE A 59 2.16 -9.72 7.58
C ILE A 59 1.95 -9.24 6.14
N LYS A 60 2.67 -9.82 5.17
CA LYS A 60 2.71 -9.44 3.78
C LYS A 60 3.24 -8.01 3.56
N GLN A 61 2.42 -6.99 3.75
CA GLN A 61 2.67 -5.60 3.40
C GLN A 61 2.44 -4.71 4.63
N HIS A 62 2.32 -3.39 4.44
CA HIS A 62 1.84 -2.47 5.48
C HIS A 62 0.37 -2.74 5.88
N THR A 63 -0.37 -3.56 5.13
CA THR A 63 -1.77 -3.86 5.38
C THR A 63 -2.06 -5.27 4.87
N ALA A 64 -2.88 -6.02 5.62
CA ALA A 64 -3.27 -7.41 5.35
C ALA A 64 -4.57 -7.71 6.11
N PRO A 65 -5.27 -8.82 5.80
CA PRO A 65 -6.41 -9.30 6.59
C PRO A 65 -5.91 -9.90 7.92
N VAL A 66 -5.78 -9.10 8.98
CA VAL A 66 -5.19 -9.53 10.25
C VAL A 66 -5.97 -9.04 11.49
N SER A 67 -7.24 -8.65 11.30
CA SER A 67 -8.09 -7.87 12.21
C SER A 67 -7.69 -6.38 12.23
N PRO A 68 -8.61 -5.47 12.60
CA PRO A 68 -8.28 -4.06 12.82
C PRO A 68 -7.30 -3.93 13.99
N HIS A 69 -6.49 -2.89 13.96
CA HIS A 69 -5.37 -2.73 14.88
C HIS A 69 -5.55 -1.36 15.56
N SER A 70 -5.05 -0.32 14.91
CA SER A 70 -5.61 1.03 14.94
C SER A 70 -6.17 1.24 13.54
N ARG A 1 -31.29 -34.44 -87.86
CA ARG A 1 -31.93 -33.15 -88.11
C ARG A 1 -33.00 -32.97 -87.03
N SER A 2 -32.77 -32.15 -86.00
CA SER A 2 -33.83 -31.68 -85.10
C SER A 2 -33.29 -30.48 -84.32
N LEU A 3 -34.06 -29.38 -84.34
CA LEU A 3 -34.04 -28.15 -83.54
C LEU A 3 -32.65 -27.50 -83.30
N ARG A 4 -32.64 -26.38 -82.56
CA ARG A 4 -31.41 -25.69 -82.15
C ARG A 4 -31.60 -25.15 -80.73
N GLN A 5 -31.80 -26.03 -79.75
CA GLN A 5 -31.87 -25.69 -78.33
C GLN A 5 -30.96 -26.66 -77.59
N ARG A 6 -30.02 -26.14 -76.81
CA ARG A 6 -29.22 -26.85 -75.80
C ARG A 6 -29.04 -25.82 -74.69
N LEU A 7 -29.80 -25.92 -73.60
CA LEU A 7 -29.69 -25.10 -72.40
C LEU A 7 -30.32 -25.89 -71.25
N GLN A 8 -30.15 -25.42 -70.03
CA GLN A 8 -30.64 -26.03 -68.80
C GLN A 8 -31.73 -25.14 -68.19
N ASP A 9 -32.78 -24.91 -68.98
CA ASP A 9 -33.83 -23.92 -68.72
C ASP A 9 -34.66 -24.24 -67.48
N THR A 10 -34.51 -25.49 -67.04
CA THR A 10 -35.19 -26.07 -65.90
C THR A 10 -34.30 -26.08 -64.65
N VAL A 11 -33.01 -25.80 -64.77
CA VAL A 11 -32.07 -25.87 -63.65
C VAL A 11 -30.80 -25.06 -63.96
N GLY A 12 -30.83 -23.76 -63.66
CA GLY A 12 -29.69 -22.88 -63.98
C GLY A 12 -29.65 -21.55 -63.22
N LEU A 13 -30.41 -21.39 -62.13
CA LEU A 13 -30.61 -20.08 -61.51
C LEU A 13 -30.42 -20.16 -60.00
N CYS A 14 -29.38 -19.50 -59.48
CA CYS A 14 -29.16 -19.28 -58.05
C CYS A 14 -28.38 -17.98 -57.87
N PHE A 15 -28.41 -17.37 -56.68
CA PHE A 15 -27.64 -16.17 -56.35
C PHE A 15 -27.47 -16.06 -54.82
N PRO A 16 -26.41 -15.40 -54.32
CA PRO A 16 -26.16 -15.24 -52.90
C PRO A 16 -27.05 -14.12 -52.32
N MET A 17 -28.10 -14.47 -51.58
CA MET A 17 -28.97 -13.48 -50.92
C MET A 17 -29.45 -13.95 -49.53
N ARG A 18 -28.73 -14.85 -48.86
CA ARG A 18 -29.16 -15.41 -47.56
C ARG A 18 -27.94 -15.68 -46.68
N THR A 19 -27.89 -15.01 -45.53
CA THR A 19 -26.87 -15.15 -44.50
C THR A 19 -27.59 -15.06 -43.15
N TYR A 20 -27.43 -16.10 -42.32
CA TYR A 20 -28.12 -16.29 -41.05
C TYR A 20 -27.23 -17.07 -40.06
N SER A 21 -25.92 -17.09 -40.33
CA SER A 21 -24.93 -17.88 -39.60
C SER A 21 -23.57 -17.18 -39.50
N LYS A 22 -23.50 -15.86 -39.69
CA LYS A 22 -22.27 -15.06 -39.58
C LYS A 22 -22.41 -14.11 -38.39
N GLN A 23 -22.17 -14.60 -37.17
CA GLN A 23 -22.23 -13.82 -35.94
C GLN A 23 -22.01 -14.71 -34.73
N SER A 24 -21.64 -14.09 -33.61
CA SER A 24 -21.73 -14.66 -32.26
C SER A 24 -22.18 -13.55 -31.30
N LYS A 25 -22.40 -13.91 -30.03
CA LYS A 25 -22.40 -12.99 -28.89
C LYS A 25 -22.09 -13.80 -27.62
N PRO A 26 -20.83 -14.23 -27.43
CA PRO A 26 -20.42 -14.93 -26.23
C PRO A 26 -20.44 -13.97 -25.05
N LEU A 27 -20.58 -14.51 -23.84
CA LEU A 27 -20.58 -13.76 -22.59
C LEU A 27 -20.28 -14.76 -21.47
N PHE A 28 -19.23 -14.51 -20.68
CA PHE A 28 -18.82 -15.29 -19.51
C PHE A 28 -17.59 -14.63 -18.89
N SER A 29 -17.70 -14.14 -17.66
CA SER A 29 -16.56 -13.54 -16.94
C SER A 29 -16.83 -13.47 -15.44
N ASN A 30 -16.38 -14.48 -14.68
CA ASN A 30 -16.61 -14.59 -13.23
C ASN A 30 -15.39 -15.13 -12.47
N LYS A 31 -14.16 -14.88 -12.96
CA LYS A 31 -12.95 -15.43 -12.31
C LYS A 31 -11.67 -14.58 -12.41
N ARG A 32 -11.66 -13.43 -13.10
CA ARG A 32 -10.43 -12.68 -13.42
C ARG A 32 -10.46 -11.25 -12.85
N LYS A 33 -10.99 -11.06 -11.64
CA LYS A 33 -10.89 -9.80 -10.91
C LYS A 33 -9.41 -9.61 -10.56
N ILE A 34 -8.93 -8.37 -10.63
CA ILE A 34 -7.61 -7.96 -10.16
C ILE A 34 -7.87 -7.00 -8.99
N HIS A 35 -6.89 -6.82 -8.10
CA HIS A 35 -7.06 -6.09 -6.86
C HIS A 35 -6.28 -4.78 -6.88
N LEU A 36 -6.81 -3.74 -6.24
CA LEU A 36 -6.28 -2.38 -6.28
C LEU A 36 -4.90 -2.21 -5.65
N SER A 37 -4.35 -3.26 -5.01
CA SER A 37 -2.98 -3.25 -4.50
C SER A 37 -2.18 -4.49 -4.92
N GLU A 38 -2.80 -5.52 -5.50
CA GLU A 38 -2.17 -6.73 -6.04
C GLU A 38 -1.07 -7.35 -5.13
N LEU A 39 -1.50 -7.97 -4.02
CA LEU A 39 -0.64 -8.45 -2.93
C LEU A 39 0.08 -7.24 -2.30
N MET A 40 1.21 -7.41 -1.60
CA MET A 40 1.99 -6.32 -1.02
C MET A 40 3.47 -6.74 -0.88
N LEU A 41 4.38 -6.42 -1.80
CA LEU A 41 5.81 -6.70 -1.65
C LEU A 41 6.67 -5.55 -2.07
N GLU A 42 7.61 -5.26 -1.18
CA GLU A 42 8.63 -4.24 -1.36
C GLU A 42 10.05 -4.73 -1.10
N LYS A 43 10.22 -5.98 -0.66
CA LYS A 43 11.48 -6.66 -0.42
C LYS A 43 11.20 -8.09 0.00
N CYS A 44 12.23 -8.94 -0.05
CA CYS A 44 12.18 -10.29 0.44
C CYS A 44 13.63 -10.72 0.75
N PRO A 45 14.17 -10.37 1.94
CA PRO A 45 15.59 -10.55 2.23
C PRO A 45 15.94 -11.97 2.67
N PHE A 46 14.97 -12.79 3.09
CA PHE A 46 15.21 -14.17 3.47
C PHE A 46 15.33 -15.04 2.21
N PRO A 47 16.06 -16.16 2.30
CA PRO A 47 15.89 -17.23 1.35
C PRO A 47 14.50 -17.85 1.56
N ALA A 48 13.84 -18.24 0.47
CA ALA A 48 12.60 -18.98 0.58
C ALA A 48 12.89 -20.31 1.26
N GLY A 49 12.07 -20.65 2.26
CA GLY A 49 12.08 -21.92 2.96
C GLY A 49 12.24 -21.78 4.47
N SER A 50 12.92 -20.73 4.94
CA SER A 50 13.09 -20.49 6.38
C SER A 50 11.73 -20.21 7.01
N ASP A 51 11.52 -20.57 8.29
CA ASP A 51 10.27 -20.26 8.98
C ASP A 51 10.07 -18.75 9.14
N LEU A 52 11.17 -17.99 9.21
CA LEU A 52 11.13 -16.54 9.23
C LEU A 52 10.48 -16.01 7.96
N ALA A 53 10.78 -16.63 6.80
CA ALA A 53 10.16 -16.27 5.53
C ALA A 53 8.64 -16.43 5.64
N GLN A 54 8.20 -17.56 6.20
CA GLN A 54 6.79 -17.87 6.40
C GLN A 54 6.14 -16.78 7.25
N LYS A 55 6.67 -16.51 8.46
CA LYS A 55 6.05 -15.53 9.36
C LYS A 55 6.05 -14.13 8.77
N TRP A 56 7.15 -13.67 8.18
CA TRP A 56 7.27 -12.29 7.74
C TRP A 56 6.36 -12.03 6.53
N HIS A 57 6.39 -12.90 5.52
CA HIS A 57 5.59 -12.72 4.31
C HIS A 57 4.09 -12.68 4.59
N LEU A 58 3.63 -13.38 5.64
CA LEU A 58 2.25 -13.45 6.10
C LEU A 58 1.63 -12.07 6.36
N ILE A 59 2.45 -11.10 6.79
CA ILE A 59 2.06 -9.73 7.11
C ILE A 59 2.55 -8.78 6.00
N LYS A 60 3.55 -9.19 5.21
CA LYS A 60 4.12 -8.39 4.14
C LYS A 60 3.09 -8.18 3.03
N GLN A 61 2.72 -9.27 2.34
CA GLN A 61 1.62 -9.32 1.39
C GLN A 61 0.35 -9.36 2.25
N HIS A 62 -0.82 -9.53 1.63
CA HIS A 62 -2.11 -9.64 2.29
C HIS A 62 -2.57 -8.36 2.99
N THR A 63 -1.99 -7.99 4.13
CA THR A 63 -2.39 -6.79 4.86
C THR A 63 -1.24 -6.30 5.73
N ALA A 64 -0.64 -5.18 5.31
CA ALA A 64 0.40 -4.46 6.04
C ALA A 64 -0.17 -3.09 6.43
N PRO A 65 -0.90 -2.97 7.54
CA PRO A 65 -1.31 -1.67 8.05
C PRO A 65 -0.09 -0.90 8.57
N VAL A 66 -0.25 0.39 8.88
CA VAL A 66 0.78 1.23 9.47
C VAL A 66 0.16 1.99 10.64
N SER A 67 0.99 2.42 11.60
CA SER A 67 0.57 3.21 12.74
C SER A 67 1.70 4.21 13.02
N PRO A 68 1.72 5.38 12.36
CA PRO A 68 2.64 6.45 12.71
C PRO A 68 2.25 7.04 14.07
N HIS A 69 3.08 7.94 14.59
CA HIS A 69 2.84 8.74 15.78
C HIS A 69 3.65 10.04 15.60
N SER A 70 3.34 11.04 16.42
CA SER A 70 3.93 12.36 16.43
C SER A 70 3.68 12.88 17.82
N ARG A 1 -53.18 -6.89 27.04
CA ARG A 1 -54.34 -6.11 26.56
C ARG A 1 -54.01 -4.61 26.44
N SER A 2 -52.74 -4.23 26.53
CA SER A 2 -52.22 -2.92 26.17
C SER A 2 -50.72 -3.09 25.91
N LEU A 3 -50.03 -2.02 25.50
CA LEU A 3 -48.58 -1.98 25.26
C LEU A 3 -48.04 -0.63 25.73
N ARG A 4 -46.72 -0.52 25.92
CA ARG A 4 -45.98 0.72 26.21
C ARG A 4 -44.68 0.72 25.42
N GLN A 5 -43.97 1.86 25.40
CA GLN A 5 -42.58 2.02 24.97
C GLN A 5 -42.09 3.36 25.54
N ARG A 6 -40.80 3.68 25.41
CA ARG A 6 -40.28 5.04 25.48
C ARG A 6 -39.53 5.34 24.19
N LEU A 7 -39.47 6.62 23.84
CA LEU A 7 -38.79 7.14 22.66
C LEU A 7 -37.92 8.32 23.05
N GLN A 8 -37.07 8.79 22.13
CA GLN A 8 -36.03 9.79 22.35
C GLN A 8 -36.28 10.99 21.44
N ASP A 9 -37.53 11.42 21.33
CA ASP A 9 -38.07 12.27 20.29
C ASP A 9 -38.64 13.54 20.94
N THR A 10 -37.96 13.93 21.99
CA THR A 10 -38.26 14.99 22.94
C THR A 10 -36.98 15.75 23.29
N VAL A 11 -35.82 15.34 22.76
CA VAL A 11 -34.52 15.96 23.03
C VAL A 11 -34.03 16.72 21.78
N GLY A 12 -34.96 17.36 21.06
CA GLY A 12 -34.73 17.97 19.74
C GLY A 12 -33.95 19.28 19.83
N LEU A 13 -32.66 19.22 20.16
CA LEU A 13 -31.74 20.35 20.08
C LEU A 13 -30.76 20.12 18.94
N CYS A 14 -30.54 21.15 18.11
CA CYS A 14 -29.67 21.14 16.95
C CYS A 14 -28.96 22.49 16.93
N PHE A 15 -27.63 22.50 17.03
CA PHE A 15 -26.84 23.72 17.18
C PHE A 15 -25.45 23.54 16.55
N PRO A 16 -24.75 24.64 16.18
CA PRO A 16 -23.46 24.55 15.50
C PRO A 16 -22.35 24.15 16.48
N MET A 17 -21.17 23.80 15.95
CA MET A 17 -20.06 23.21 16.72
C MET A 17 -18.79 24.05 16.75
N ARG A 18 -18.79 25.26 16.18
CA ARG A 18 -17.61 26.07 15.88
C ARG A 18 -16.90 25.48 14.66
N THR A 19 -16.45 26.34 13.76
CA THR A 19 -15.91 25.98 12.45
C THR A 19 -15.54 27.28 11.75
N TYR A 20 -14.63 27.20 10.78
CA TYR A 20 -14.32 28.26 9.86
C TYR A 20 -14.01 27.75 8.46
N SER A 21 -14.32 26.47 8.18
CA SER A 21 -14.02 25.87 6.89
C SER A 21 -15.03 24.78 6.53
N LYS A 22 -15.78 25.00 5.44
CA LYS A 22 -16.76 24.04 4.93
C LYS A 22 -16.89 24.07 3.40
N GLN A 23 -16.06 24.86 2.75
CA GLN A 23 -16.23 25.25 1.36
C GLN A 23 -15.30 24.49 0.42
N SER A 24 -14.54 23.52 0.94
CA SER A 24 -13.71 22.63 0.14
C SER A 24 -13.55 21.32 0.90
N LYS A 25 -14.25 20.29 0.47
CA LYS A 25 -14.22 18.94 1.04
C LYS A 25 -13.79 17.99 -0.09
N PRO A 26 -12.49 17.94 -0.44
CA PRO A 26 -12.01 17.08 -1.51
C PRO A 26 -12.09 15.63 -1.06
N LEU A 27 -13.01 14.86 -1.64
CA LEU A 27 -13.23 13.46 -1.28
C LEU A 27 -13.66 12.69 -2.51
N PHE A 28 -12.84 11.73 -2.93
CA PHE A 28 -13.20 10.81 -4.01
C PHE A 28 -12.34 9.54 -3.90
N SER A 29 -12.70 8.51 -4.66
CA SER A 29 -12.04 7.20 -4.74
C SER A 29 -12.00 6.43 -3.40
N ASN A 30 -12.50 7.00 -2.32
CA ASN A 30 -12.25 6.63 -0.94
C ASN A 30 -13.52 6.11 -0.23
N LYS A 31 -14.61 5.82 -0.97
CA LYS A 31 -15.90 5.48 -0.35
C LYS A 31 -16.34 4.05 -0.61
N ARG A 32 -16.09 3.44 -1.77
CA ARG A 32 -16.55 2.08 -2.08
C ARG A 32 -15.62 1.34 -3.05
N LYS A 33 -14.36 1.75 -3.19
CA LYS A 33 -13.35 1.08 -4.01
C LYS A 33 -12.28 0.47 -3.12
N ILE A 34 -11.99 -0.81 -3.32
CA ILE A 34 -10.79 -1.48 -2.83
C ILE A 34 -10.26 -2.32 -4.01
N HIS A 35 -8.98 -2.66 -4.00
CA HIS A 35 -8.31 -3.35 -5.10
C HIS A 35 -8.35 -4.87 -4.88
N LEU A 36 -8.35 -5.67 -5.96
CA LEU A 36 -8.31 -7.13 -5.84
C LEU A 36 -6.97 -7.66 -5.33
N SER A 37 -5.96 -6.80 -5.30
CA SER A 37 -4.63 -7.06 -4.77
C SER A 37 -4.24 -5.84 -3.91
N GLU A 38 -5.17 -5.37 -3.06
CA GLU A 38 -4.88 -4.39 -2.02
C GLU A 38 -3.66 -4.86 -1.22
N LEU A 39 -2.55 -4.13 -1.25
CA LEU A 39 -1.29 -4.54 -0.62
C LEU A 39 -0.59 -3.33 0.01
N MET A 40 0.38 -3.63 0.88
CA MET A 40 1.29 -2.72 1.56
C MET A 40 2.52 -3.53 2.02
N LEU A 41 3.40 -3.95 1.10
CA LEU A 41 4.76 -4.43 1.36
C LEU A 41 5.52 -4.54 0.04
N GLU A 42 6.82 -4.29 0.10
CA GLU A 42 7.82 -4.45 -0.96
C GLU A 42 9.20 -4.72 -0.32
N LYS A 43 9.29 -5.64 0.64
CA LYS A 43 10.50 -5.87 1.42
C LYS A 43 10.55 -7.33 1.84
N CYS A 44 11.56 -8.07 1.37
CA CYS A 44 11.72 -9.50 1.59
C CYS A 44 13.12 -9.77 2.19
N PRO A 45 13.36 -9.47 3.48
CA PRO A 45 14.70 -9.56 4.06
C PRO A 45 15.14 -10.99 4.44
N PHE A 46 14.26 -12.00 4.41
CA PHE A 46 14.63 -13.38 4.70
C PHE A 46 14.79 -14.15 3.39
N PRO A 47 15.69 -15.15 3.35
CA PRO A 47 15.80 -16.07 2.22
C PRO A 47 14.50 -16.88 2.07
N ALA A 48 14.06 -17.04 0.82
CA ALA A 48 12.96 -17.91 0.45
C ALA A 48 13.42 -19.36 0.56
N GLY A 49 13.44 -19.89 1.78
CA GLY A 49 13.93 -21.21 2.08
C GLY A 49 13.94 -21.50 3.57
N SER A 50 13.04 -20.89 4.35
CA SER A 50 12.96 -21.09 5.78
C SER A 50 11.54 -20.82 6.26
N ASP A 51 11.24 -21.26 7.48
CA ASP A 51 10.07 -20.87 8.27
C ASP A 51 10.06 -19.35 8.51
N LEU A 52 11.22 -18.71 8.40
CA LEU A 52 11.33 -17.25 8.47
C LEU A 52 10.45 -16.62 7.38
N ALA A 53 10.56 -17.12 6.15
CA ALA A 53 9.80 -16.66 5.00
C ALA A 53 8.31 -16.93 5.20
N GLN A 54 7.95 -18.07 5.80
CA GLN A 54 6.56 -18.42 6.07
C GLN A 54 5.90 -17.40 7.01
N LYS A 55 6.61 -16.97 8.07
CA LYS A 55 6.12 -15.87 8.91
C LYS A 55 6.01 -14.58 8.10
N TRP A 56 7.03 -14.22 7.33
CA TRP A 56 7.04 -13.01 6.52
C TRP A 56 5.83 -12.95 5.58
N HIS A 57 5.38 -14.09 5.06
CA HIS A 57 4.21 -14.20 4.20
C HIS A 57 2.94 -13.65 4.85
N LEU A 58 2.90 -13.54 6.18
CA LEU A 58 1.78 -12.96 6.94
C LEU A 58 1.92 -11.45 7.08
N ILE A 59 3.15 -10.94 7.15
CA ILE A 59 3.53 -9.53 7.33
C ILE A 59 3.26 -8.71 6.05
N LYS A 60 2.81 -9.34 4.96
CA LYS A 60 2.32 -8.62 3.80
C LYS A 60 1.18 -7.68 4.22
N GLN A 61 1.03 -6.57 3.50
CA GLN A 61 -0.02 -5.58 3.73
C GLN A 61 -0.06 -5.14 5.19
N HIS A 62 1.00 -4.49 5.66
CA HIS A 62 1.04 -3.99 7.03
C HIS A 62 0.00 -2.89 7.19
N THR A 63 -1.03 -3.18 7.99
CA THR A 63 -2.22 -2.36 8.14
C THR A 63 -1.86 -0.97 8.69
N ALA A 64 -2.25 0.07 7.95
CA ALA A 64 -1.95 1.46 8.23
C ALA A 64 -3.27 2.25 8.19
N PRO A 65 -4.02 2.32 9.30
CA PRO A 65 -5.23 3.15 9.42
C PRO A 65 -4.81 4.62 9.53
N VAL A 66 -5.27 5.48 8.64
CA VAL A 66 -5.09 6.95 8.64
C VAL A 66 -3.64 7.43 8.90
N SER A 67 -2.65 6.57 8.66
CA SER A 67 -1.27 6.73 9.11
C SER A 67 -0.30 6.35 7.98
N PRO A 68 -0.12 7.23 6.97
CA PRO A 68 0.89 7.06 5.94
C PRO A 68 2.31 7.14 6.53
N HIS A 69 3.30 6.95 5.67
CA HIS A 69 4.72 7.06 5.99
C HIS A 69 5.12 6.16 7.16
N SER A 70 4.62 4.93 7.16
CA SER A 70 5.10 3.81 7.94
C SER A 70 4.88 2.62 7.02
N ARG A 1 -60.92 36.31 -66.62
CA ARG A 1 -60.09 35.15 -66.25
C ARG A 1 -58.68 35.70 -66.10
N SER A 2 -57.91 35.22 -65.12
CA SER A 2 -56.57 35.69 -64.83
C SER A 2 -55.89 34.68 -63.91
N LEU A 3 -54.66 34.97 -63.50
CA LEU A 3 -53.88 34.24 -62.49
C LEU A 3 -53.32 35.27 -61.52
N ARG A 4 -52.73 34.83 -60.40
CA ARG A 4 -52.07 35.69 -59.42
C ARG A 4 -50.69 35.14 -59.02
N GLN A 5 -50.09 34.34 -59.92
CA GLN A 5 -49.03 33.39 -59.59
C GLN A 5 -49.50 32.47 -58.45
N ARG A 6 -48.58 31.74 -57.81
CA ARG A 6 -48.79 31.07 -56.53
C ARG A 6 -47.45 31.03 -55.79
N LEU A 7 -47.45 30.51 -54.57
CA LEU A 7 -46.27 30.13 -53.80
C LEU A 7 -46.57 28.77 -53.16
N GLN A 8 -45.68 28.29 -52.30
CA GLN A 8 -45.95 27.35 -51.23
C GLN A 8 -44.92 27.71 -50.16
N ASP A 9 -45.38 28.30 -49.07
CA ASP A 9 -44.63 28.81 -47.92
C ASP A 9 -44.79 27.93 -46.69
N THR A 10 -45.80 27.08 -46.74
CA THR A 10 -46.20 26.18 -45.68
C THR A 10 -45.22 25.01 -45.51
N VAL A 11 -44.19 24.91 -46.35
CA VAL A 11 -43.19 23.85 -46.32
C VAL A 11 -42.09 24.20 -45.31
N GLY A 12 -42.48 24.47 -44.07
CA GLY A 12 -41.56 24.78 -42.99
C GLY A 12 -40.83 23.54 -42.49
N LEU A 13 -39.86 23.74 -41.59
CA LEU A 13 -39.07 22.68 -40.97
C LEU A 13 -39.29 22.73 -39.46
N CYS A 14 -39.12 21.59 -38.80
CA CYS A 14 -39.04 21.50 -37.35
C CYS A 14 -37.56 21.44 -36.95
N PHE A 15 -37.26 21.82 -35.71
CA PHE A 15 -35.91 21.89 -35.15
C PHE A 15 -35.82 20.91 -33.98
N PRO A 16 -35.52 19.62 -34.23
CA PRO A 16 -35.44 18.65 -33.15
C PRO A 16 -34.23 18.91 -32.25
N MET A 17 -34.38 18.57 -30.97
CA MET A 17 -33.27 18.45 -30.02
C MET A 17 -32.96 16.98 -29.71
N ARG A 18 -33.84 16.08 -30.16
CA ARG A 18 -33.82 14.65 -29.92
C ARG A 18 -32.97 13.94 -30.99
N THR A 19 -31.79 14.47 -31.26
CA THR A 19 -30.94 14.12 -32.36
C THR A 19 -29.52 14.19 -31.82
N TYR A 20 -28.82 13.05 -31.76
CA TYR A 20 -27.43 12.91 -31.37
C TYR A 20 -27.22 13.27 -29.89
N SER A 21 -28.31 13.34 -29.15
CA SER A 21 -28.34 13.86 -27.79
C SER A 21 -28.24 12.69 -26.81
N LYS A 22 -27.06 12.52 -26.21
CA LYS A 22 -26.74 11.53 -25.19
C LYS A 22 -25.45 12.02 -24.54
N GLN A 23 -25.46 12.27 -23.23
CA GLN A 23 -24.25 12.61 -22.50
C GLN A 23 -24.46 12.39 -21.00
N SER A 24 -23.47 11.80 -20.33
CA SER A 24 -23.58 11.34 -18.96
C SER A 24 -22.18 11.25 -18.36
N LYS A 25 -21.92 11.97 -17.27
CA LYS A 25 -20.65 12.00 -16.55
C LYS A 25 -20.99 12.02 -15.05
N PRO A 26 -21.24 10.86 -14.43
CA PRO A 26 -21.39 10.77 -13.00
C PRO A 26 -20.03 10.86 -12.30
N LEU A 27 -20.06 10.95 -10.96
CA LEU A 27 -18.94 10.80 -10.05
C LEU A 27 -19.50 10.44 -8.67
N PHE A 28 -18.72 9.82 -7.79
CA PHE A 28 -19.16 9.40 -6.45
C PHE A 28 -17.95 9.19 -5.51
N SER A 29 -16.88 9.96 -5.72
CA SER A 29 -15.57 9.64 -5.16
C SER A 29 -15.17 8.22 -5.59
N ASN A 30 -14.31 7.52 -4.85
CA ASN A 30 -14.02 6.10 -5.09
C ASN A 30 -13.95 5.31 -3.77
N LYS A 31 -14.54 5.88 -2.70
CA LYS A 31 -14.49 5.40 -1.32
C LYS A 31 -13.05 5.18 -0.86
N ARG A 32 -12.36 6.25 -0.43
CA ARG A 32 -10.97 6.30 0.02
C ARG A 32 -10.00 5.71 -1.02
N LYS A 33 -8.71 5.67 -0.72
CA LYS A 33 -7.65 4.94 -1.42
C LYS A 33 -6.53 4.66 -0.42
N ILE A 34 -5.64 3.73 -0.74
CA ILE A 34 -4.45 3.46 0.04
C ILE A 34 -3.31 4.26 -0.59
N HIS A 35 -2.52 4.93 0.26
CA HIS A 35 -1.34 5.66 -0.15
C HIS A 35 -0.32 4.67 -0.70
N LEU A 36 0.40 5.04 -1.77
CA LEU A 36 1.44 4.16 -2.30
C LEU A 36 2.63 4.01 -1.34
N SER A 37 2.69 4.81 -0.29
CA SER A 37 3.69 4.64 0.77
C SER A 37 3.37 3.43 1.66
N GLU A 38 2.16 2.85 1.59
CA GLU A 38 1.78 1.73 2.46
C GLU A 38 1.13 0.60 1.67
N LEU A 39 1.94 -0.16 0.94
CA LEU A 39 1.59 -1.36 0.17
C LEU A 39 2.90 -2.05 -0.24
N MET A 40 3.03 -3.36 0.03
CA MET A 40 4.17 -4.27 -0.16
C MET A 40 5.31 -4.11 0.85
N LEU A 41 6.22 -5.10 0.82
CA LEU A 41 7.50 -5.06 1.52
C LEU A 41 8.47 -4.12 0.77
N GLU A 42 9.67 -3.94 1.31
CA GLU A 42 10.86 -3.59 0.55
C GLU A 42 12.13 -4.30 1.05
N LYS A 43 12.02 -5.12 2.10
CA LYS A 43 13.15 -5.71 2.81
C LYS A 43 12.88 -7.19 3.00
N CYS A 44 13.67 -8.01 2.31
CA CYS A 44 13.55 -9.45 2.27
C CYS A 44 14.92 -10.10 2.56
N PRO A 45 15.51 -9.90 3.76
CA PRO A 45 16.82 -10.44 4.09
C PRO A 45 16.80 -11.95 4.38
N PHE A 46 15.62 -12.56 4.55
CA PHE A 46 15.44 -13.98 4.72
C PHE A 46 15.59 -14.69 3.36
N PRO A 47 16.16 -15.90 3.35
CA PRO A 47 16.16 -16.77 2.19
C PRO A 47 14.74 -17.31 1.99
N ALA A 48 14.39 -17.70 0.77
CA ALA A 48 13.18 -18.47 0.54
C ALA A 48 13.31 -19.84 1.20
N GLY A 49 12.14 -20.44 1.49
CA GLY A 49 12.05 -21.75 2.10
C GLY A 49 12.66 -21.80 3.49
N SER A 50 12.19 -20.96 4.41
CA SER A 50 12.58 -20.99 5.81
C SER A 50 11.41 -20.49 6.66
N ASP A 51 11.48 -20.68 7.99
CA ASP A 51 10.40 -20.33 8.91
C ASP A 51 10.07 -18.84 8.82
N LEU A 52 11.05 -17.97 9.08
CA LEU A 52 10.86 -16.53 9.12
C LEU A 52 10.35 -16.00 7.78
N ALA A 53 10.79 -16.61 6.67
CA ALA A 53 10.36 -16.24 5.33
C ALA A 53 8.87 -16.55 5.10
N GLN A 54 8.34 -17.61 5.70
CA GLN A 54 6.92 -17.94 5.64
C GLN A 54 6.16 -17.04 6.61
N LYS A 55 6.70 -16.79 7.81
CA LYS A 55 6.11 -15.84 8.75
C LYS A 55 6.00 -14.43 8.15
N TRP A 56 6.90 -14.03 7.26
CA TRP A 56 6.79 -12.77 6.53
C TRP A 56 5.46 -12.72 5.78
N HIS A 57 4.97 -13.83 5.22
CA HIS A 57 3.75 -13.82 4.42
C HIS A 57 2.51 -13.48 5.27
N LEU A 58 2.60 -13.61 6.60
CA LEU A 58 1.58 -13.21 7.58
C LEU A 58 1.53 -11.68 7.76
N ILE A 59 2.53 -10.96 7.27
CA ILE A 59 2.75 -9.53 7.49
C ILE A 59 2.67 -8.82 6.13
N LYS A 60 3.31 -9.41 5.11
CA LYS A 60 3.46 -8.97 3.73
C LYS A 60 4.10 -7.58 3.65
N GLN A 61 3.33 -6.52 3.83
CA GLN A 61 3.78 -5.16 3.73
C GLN A 61 4.74 -4.91 4.89
N HIS A 62 5.60 -3.92 4.70
CA HIS A 62 6.70 -3.60 5.61
C HIS A 62 6.25 -2.87 6.89
N THR A 63 5.09 -3.19 7.42
CA THR A 63 4.38 -2.53 8.52
C THR A 63 5.07 -2.63 9.90
N ALA A 64 6.39 -2.84 9.95
CA ALA A 64 7.24 -2.69 11.11
C ALA A 64 8.62 -2.18 10.64
N PRO A 65 9.39 -1.53 11.53
CA PRO A 65 10.79 -1.20 11.25
C PRO A 65 11.64 -2.48 11.23
N VAL A 66 12.95 -2.33 10.99
CA VAL A 66 13.90 -3.41 11.24
C VAL A 66 13.96 -3.65 12.76
N SER A 67 14.25 -4.88 13.16
CA SER A 67 14.40 -5.32 14.54
C SER A 67 15.65 -6.20 14.66
N PRO A 68 16.24 -6.33 15.86
CA PRO A 68 17.22 -7.37 16.12
C PRO A 68 16.55 -8.75 16.06
N HIS A 69 17.36 -9.81 16.11
CA HIS A 69 16.95 -11.18 16.35
C HIS A 69 17.87 -11.71 17.47
N SER A 70 17.62 -12.93 17.92
CA SER A 70 18.48 -13.70 18.81
C SER A 70 18.24 -15.16 18.46
N ARG A 1 -15.10 16.26 -94.36
CA ARG A 1 -14.32 15.82 -93.20
C ARG A 1 -14.92 16.51 -91.97
N SER A 2 -14.50 17.74 -91.67
CA SER A 2 -14.71 18.45 -90.40
C SER A 2 -13.78 17.85 -89.32
N LEU A 3 -13.81 18.44 -88.12
CA LEU A 3 -13.34 17.84 -86.88
C LEU A 3 -14.31 18.31 -85.80
N ARG A 4 -14.31 17.66 -84.63
CA ARG A 4 -14.96 18.12 -83.41
C ARG A 4 -14.11 17.60 -82.26
N GLN A 5 -13.74 18.46 -81.30
CA GLN A 5 -13.21 18.09 -80.00
C GLN A 5 -13.62 19.18 -79.01
N ARG A 6 -14.05 18.76 -77.81
CA ARG A 6 -14.14 19.53 -76.57
C ARG A 6 -14.18 18.46 -75.48
N LEU A 7 -13.08 18.26 -74.78
CA LEU A 7 -12.95 17.28 -73.69
C LEU A 7 -12.04 17.95 -72.68
N GLN A 8 -12.60 18.39 -71.57
CA GLN A 8 -11.96 19.19 -70.53
C GLN A 8 -12.80 19.02 -69.27
N ASP A 9 -12.13 18.81 -68.14
CA ASP A 9 -12.68 18.61 -66.79
C ASP A 9 -11.74 19.26 -65.78
N THR A 10 -10.82 20.09 -66.29
CA THR A 10 -9.74 20.70 -65.55
C THR A 10 -10.24 21.85 -64.65
N VAL A 11 -11.55 21.89 -64.39
CA VAL A 11 -12.27 22.96 -63.72
C VAL A 11 -12.81 22.55 -62.34
N GLY A 12 -12.54 21.31 -61.94
CA GLY A 12 -12.93 20.76 -60.64
C GLY A 12 -11.69 20.50 -59.81
N LEU A 13 -10.99 19.39 -60.10
CA LEU A 13 -9.92 18.84 -59.28
C LEU A 13 -10.42 18.59 -57.84
N CYS A 14 -9.52 18.43 -56.86
CA CYS A 14 -9.85 18.31 -55.46
C CYS A 14 -8.71 18.90 -54.64
N PHE A 15 -9.02 19.41 -53.45
CA PHE A 15 -8.05 20.09 -52.59
C PHE A 15 -8.16 19.53 -51.16
N PRO A 16 -7.65 18.31 -50.89
CA PRO A 16 -7.77 17.67 -49.60
C PRO A 16 -6.80 18.29 -48.58
N MET A 17 -7.15 19.48 -48.06
CA MET A 17 -6.40 20.17 -47.02
C MET A 17 -7.37 20.99 -46.16
N ARG A 18 -8.47 20.36 -45.75
CA ARG A 18 -9.48 20.95 -44.86
C ARG A 18 -9.99 20.01 -43.77
N THR A 19 -9.77 18.71 -43.88
CA THR A 19 -10.20 17.69 -42.93
C THR A 19 -9.45 16.38 -43.25
N TYR A 20 -8.40 16.09 -42.49
CA TYR A 20 -7.68 14.81 -42.55
C TYR A 20 -6.94 14.47 -41.25
N SER A 21 -7.28 15.12 -40.15
CA SER A 21 -6.78 14.81 -38.81
C SER A 21 -7.81 15.29 -37.79
N LYS A 22 -8.22 14.44 -36.86
CA LYS A 22 -9.14 14.80 -35.78
C LYS A 22 -8.87 13.91 -34.57
N GLN A 23 -7.78 14.19 -33.85
CA GLN A 23 -7.22 13.29 -32.84
C GLN A 23 -6.41 14.10 -31.82
N SER A 24 -6.60 13.83 -30.53
CA SER A 24 -5.95 14.60 -29.47
C SER A 24 -5.99 13.88 -28.12
N LYS A 25 -5.47 12.66 -28.09
CA LYS A 25 -5.66 11.75 -26.94
C LYS A 25 -4.58 10.67 -26.91
N PRO A 26 -3.41 10.90 -26.29
CA PRO A 26 -2.39 9.87 -26.10
C PRO A 26 -2.85 8.83 -25.07
N LEU A 27 -1.92 7.97 -24.63
CA LEU A 27 -2.01 7.11 -23.46
C LEU A 27 -0.59 6.98 -22.93
N PHE A 28 -0.39 7.20 -21.63
CA PHE A 28 0.92 7.01 -21.01
C PHE A 28 0.80 6.73 -19.50
N SER A 29 -0.39 6.29 -19.08
CA SER A 29 -0.67 5.73 -17.77
C SER A 29 -1.79 4.70 -17.90
N ASN A 30 -2.01 3.90 -16.86
CA ASN A 30 -3.24 3.10 -16.73
C ASN A 30 -3.75 2.99 -15.30
N LYS A 31 -2.83 2.92 -14.35
CA LYS A 31 -3.09 3.00 -12.91
C LYS A 31 -1.93 3.78 -12.30
N ARG A 32 -2.21 4.71 -11.38
CA ARG A 32 -1.17 5.47 -10.70
C ARG A 32 -1.46 5.75 -9.22
N LYS A 33 -2.69 5.63 -8.72
CA LYS A 33 -3.00 6.08 -7.36
C LYS A 33 -2.64 5.10 -6.26
N ILE A 34 -2.03 3.99 -6.60
CA ILE A 34 -2.06 2.78 -5.80
C ILE A 34 -0.63 2.33 -5.61
N HIS A 35 -0.21 2.28 -4.35
CA HIS A 35 1.12 1.80 -3.99
C HIS A 35 1.23 0.31 -4.31
N LEU A 36 2.46 -0.15 -4.62
CA LEU A 36 2.73 -1.56 -4.91
C LEU A 36 2.27 -2.43 -3.75
N SER A 37 2.56 -1.97 -2.54
CA SER A 37 2.34 -2.67 -1.29
C SER A 37 0.86 -2.87 -0.95
N GLU A 38 -0.09 -2.29 -1.69
CA GLU A 38 -1.49 -2.44 -1.39
C GLU A 38 -1.97 -3.89 -1.55
N LEU A 39 -1.54 -4.59 -2.60
CA LEU A 39 -2.17 -5.84 -3.04
C LEU A 39 -1.11 -6.93 -3.24
N MET A 40 -0.70 -7.49 -2.09
CA MET A 40 0.48 -8.29 -1.78
C MET A 40 1.80 -7.74 -2.33
N LEU A 41 2.91 -8.18 -1.73
CA LEU A 41 4.27 -7.94 -2.18
C LEU A 41 5.08 -9.22 -2.03
N GLU A 42 6.31 -9.24 -2.54
CA GLU A 42 7.19 -10.40 -2.40
C GLU A 42 8.65 -9.98 -2.66
N LYS A 43 9.31 -9.41 -1.65
CA LYS A 43 10.71 -9.00 -1.76
C LYS A 43 11.32 -9.00 -0.37
N CYS A 44 11.79 -10.16 0.09
CA CYS A 44 12.24 -10.37 1.46
C CYS A 44 13.72 -10.79 1.41
N PRO A 45 14.56 -10.38 2.38
CA PRO A 45 15.95 -10.82 2.42
C PRO A 45 16.10 -12.28 2.86
N PHE A 46 15.13 -12.85 3.58
CA PHE A 46 15.18 -14.25 3.97
C PHE A 46 15.02 -15.12 2.72
N PRO A 47 15.69 -16.28 2.65
CA PRO A 47 15.49 -17.24 1.59
C PRO A 47 14.06 -17.78 1.64
N ALA A 48 13.46 -17.94 0.47
CA ALA A 48 12.08 -18.36 0.33
C ALA A 48 11.91 -19.81 0.81
N GLY A 49 11.46 -19.98 2.05
CA GLY A 49 11.10 -21.27 2.61
C GLY A 49 11.27 -21.34 4.12
N SER A 50 12.10 -20.49 4.73
CA SER A 50 12.31 -20.53 6.18
C SER A 50 11.03 -20.15 6.95
N ASP A 51 11.01 -20.44 8.27
CA ASP A 51 10.04 -19.91 9.24
C ASP A 51 9.87 -18.43 9.01
N LEU A 52 10.97 -17.70 9.13
CA LEU A 52 11.01 -16.24 9.06
C LEU A 52 10.36 -15.73 7.77
N ALA A 53 10.62 -16.39 6.64
CA ALA A 53 10.04 -16.04 5.36
C ALA A 53 8.53 -16.29 5.37
N GLN A 54 8.09 -17.54 5.59
CA GLN A 54 6.67 -17.92 5.50
C GLN A 54 5.80 -17.10 6.47
N LYS A 55 6.31 -16.88 7.67
CA LYS A 55 5.69 -16.13 8.74
C LYS A 55 5.57 -14.66 8.37
N TRP A 56 6.61 -14.06 7.78
CA TRP A 56 6.53 -12.72 7.23
C TRP A 56 5.60 -12.67 6.00
N HIS A 57 5.50 -13.75 5.20
CA HIS A 57 4.55 -13.81 4.08
C HIS A 57 3.11 -13.76 4.59
N LEU A 58 2.79 -14.22 5.80
CA LEU A 58 1.43 -14.15 6.33
C LEU A 58 0.94 -12.70 6.42
N ILE A 59 1.86 -11.75 6.61
CA ILE A 59 1.59 -10.31 6.66
C ILE A 59 1.26 -9.77 5.24
N LYS A 60 1.29 -10.59 4.18
CA LYS A 60 0.85 -10.16 2.86
C LYS A 60 -0.58 -9.66 2.95
N GLN A 61 -0.86 -8.55 2.29
CA GLN A 61 -2.13 -7.83 2.28
C GLN A 61 -2.80 -7.60 3.65
N HIS A 62 -2.08 -7.75 4.76
CA HIS A 62 -2.62 -7.75 6.11
C HIS A 62 -1.99 -6.58 6.86
N THR A 63 -2.21 -5.38 6.33
CA THR A 63 -1.57 -4.13 6.75
C THR A 63 -2.61 -3.01 6.80
N ALA A 64 -2.25 -1.86 7.40
CA ALA A 64 -3.04 -0.64 7.35
C ALA A 64 -2.08 0.55 7.49
N PRO A 65 -1.40 0.98 6.41
CA PRO A 65 -0.59 2.19 6.41
C PRO A 65 -1.46 3.45 6.53
N VAL A 66 -0.83 4.63 6.50
CA VAL A 66 -1.51 5.91 6.39
C VAL A 66 -0.88 6.71 5.24
N SER A 67 -1.66 7.64 4.68
CA SER A 67 -1.27 8.47 3.54
C SER A 67 -0.06 9.34 3.90
N PRO A 68 0.84 9.66 2.94
CA PRO A 68 2.01 10.49 3.21
C PRO A 68 1.59 11.89 3.65
N HIS A 69 2.41 12.50 4.51
CA HIS A 69 2.05 13.68 5.28
C HIS A 69 3.23 14.63 5.50
N SER A 70 4.40 14.35 4.92
CA SER A 70 5.55 15.23 4.93
C SER A 70 6.25 14.93 3.62
N ARG A 1 12.02 -54.70 -16.63
CA ARG A 1 13.12 -55.31 -15.87
C ARG A 1 14.18 -54.24 -15.64
N SER A 2 15.05 -54.44 -14.65
CA SER A 2 16.17 -53.59 -14.26
C SER A 2 15.78 -52.11 -14.22
N LEU A 3 15.06 -51.67 -13.17
CA LEU A 3 14.63 -50.27 -13.01
C LEU A 3 13.79 -49.85 -14.23
N ARG A 4 13.59 -48.55 -14.46
CA ARG A 4 13.39 -48.05 -15.83
C ARG A 4 14.70 -47.48 -16.36
N GLN A 5 14.73 -47.26 -17.69
CA GLN A 5 15.73 -46.45 -18.37
C GLN A 5 15.69 -45.00 -17.89
N ARG A 6 16.69 -44.22 -18.29
CA ARG A 6 16.78 -42.80 -18.00
C ARG A 6 17.64 -42.11 -19.06
N LEU A 7 17.85 -40.80 -18.87
CA LEU A 7 18.84 -39.94 -19.52
C LEU A 7 18.90 -40.18 -21.03
N GLN A 8 17.87 -39.71 -21.73
CA GLN A 8 17.70 -39.99 -23.15
C GLN A 8 16.83 -38.94 -23.87
N ASP A 9 16.47 -37.86 -23.19
CA ASP A 9 15.48 -36.86 -23.62
C ASP A 9 16.21 -35.52 -23.80
N THR A 10 17.43 -35.66 -24.31
CA THR A 10 18.42 -34.60 -24.45
C THR A 10 19.15 -34.76 -25.80
N VAL A 11 18.95 -35.89 -26.49
CA VAL A 11 19.45 -36.15 -27.84
C VAL A 11 18.29 -36.71 -28.66
N GLY A 12 17.76 -35.93 -29.60
CA GLY A 12 16.69 -36.32 -30.50
C GLY A 12 15.89 -35.14 -31.04
N LEU A 13 15.89 -33.98 -30.37
CA LEU A 13 15.14 -32.81 -30.81
C LEU A 13 15.90 -32.12 -31.94
N CYS A 14 15.30 -32.03 -33.13
CA CYS A 14 15.77 -31.20 -34.22
C CYS A 14 15.43 -29.71 -34.03
N PHE A 15 15.16 -29.26 -32.79
CA PHE A 15 15.01 -27.86 -32.38
C PHE A 15 14.16 -27.05 -33.38
N PRO A 16 12.87 -27.38 -33.54
CA PRO A 16 12.03 -26.89 -34.61
C PRO A 16 11.69 -25.40 -34.44
N MET A 17 11.29 -24.75 -35.53
CA MET A 17 11.01 -23.32 -35.59
C MET A 17 9.64 -23.04 -36.23
N ARG A 18 8.75 -24.04 -36.23
CA ARG A 18 7.36 -23.93 -36.64
C ARG A 18 6.54 -24.57 -35.52
N THR A 19 5.82 -23.78 -34.74
CA THR A 19 4.91 -24.26 -33.70
C THR A 19 3.86 -23.17 -33.45
N TYR A 20 3.09 -23.30 -32.36
CA TYR A 20 2.18 -22.30 -31.79
C TYR A 20 0.92 -22.15 -32.64
N SER A 21 0.64 -23.14 -33.49
CA SER A 21 -0.35 -23.03 -34.56
C SER A 21 -1.78 -22.81 -34.04
N LYS A 22 -2.42 -23.78 -33.38
CA LYS A 22 -3.66 -23.53 -32.63
C LYS A 22 -3.52 -24.18 -31.26
N GLN A 23 -2.61 -23.67 -30.44
CA GLN A 23 -2.34 -24.16 -29.10
C GLN A 23 -1.82 -22.99 -28.27
N SER A 24 -2.72 -22.20 -27.70
CA SER A 24 -2.41 -21.10 -26.80
C SER A 24 -3.69 -20.66 -26.07
N LYS A 25 -4.27 -21.58 -25.30
CA LYS A 25 -5.47 -21.32 -24.50
C LYS A 25 -5.26 -21.85 -23.08
N PRO A 26 -4.52 -21.12 -22.22
CA PRO A 26 -4.45 -21.40 -20.80
C PRO A 26 -5.77 -20.99 -20.11
N LEU A 27 -5.81 -20.94 -18.78
CA LEU A 27 -6.97 -20.50 -17.99
C LEU A 27 -6.71 -19.13 -17.37
N PHE A 28 -7.76 -18.32 -17.23
CA PHE A 28 -7.67 -16.99 -16.62
C PHE A 28 -8.89 -16.58 -15.79
N SER A 29 -9.73 -17.55 -15.39
CA SER A 29 -11.04 -17.31 -14.78
C SER A 29 -11.16 -17.79 -13.32
N ASN A 30 -10.15 -18.50 -12.79
CA ASN A 30 -10.18 -19.09 -11.46
C ASN A 30 -9.50 -18.23 -10.39
N LYS A 31 -8.47 -17.49 -10.78
CA LYS A 31 -7.59 -16.70 -9.92
C LYS A 31 -7.51 -15.30 -10.48
N ARG A 32 -8.35 -14.38 -9.99
CA ARG A 32 -8.47 -13.04 -10.56
C ARG A 32 -7.12 -12.31 -10.51
N LYS A 33 -6.76 -11.85 -9.32
CA LYS A 33 -5.50 -11.22 -8.96
C LYS A 33 -5.21 -11.42 -7.46
N ILE A 34 -5.93 -12.33 -6.79
CA ILE A 34 -5.99 -12.41 -5.34
C ILE A 34 -5.61 -13.84 -4.95
N HIS A 35 -5.00 -13.99 -3.78
CA HIS A 35 -4.62 -15.28 -3.21
C HIS A 35 -5.73 -15.78 -2.27
N LEU A 36 -5.57 -17.01 -1.78
CA LEU A 36 -6.55 -17.71 -0.96
C LEU A 36 -7.05 -16.88 0.23
N SER A 37 -6.13 -16.21 0.92
CA SER A 37 -6.39 -15.30 2.02
C SER A 37 -5.76 -13.93 1.73
N GLU A 38 -5.84 -13.48 0.48
CA GLU A 38 -5.37 -12.19 0.01
C GLU A 38 -3.85 -11.95 0.12
N LEU A 39 -3.09 -12.93 0.59
CA LEU A 39 -1.65 -12.85 0.84
C LEU A 39 -0.90 -12.17 -0.32
N MET A 40 -0.02 -11.22 -0.01
CA MET A 40 0.61 -10.34 -0.99
C MET A 40 2.13 -10.29 -0.82
N LEU A 41 2.83 -11.23 -1.47
CA LEU A 41 4.27 -11.49 -1.39
C LEU A 41 5.10 -10.43 -2.10
N GLU A 42 5.28 -10.56 -3.41
CA GLU A 42 6.07 -9.73 -4.32
C GLU A 42 7.53 -9.43 -3.95
N LYS A 43 8.07 -10.02 -2.87
CA LYS A 43 9.42 -9.78 -2.35
C LYS A 43 9.77 -10.97 -1.47
N CYS A 44 11.03 -11.38 -1.44
CA CYS A 44 11.52 -12.40 -0.54
C CYS A 44 12.96 -12.06 -0.14
N PRO A 45 13.17 -11.21 0.89
CA PRO A 45 14.51 -10.87 1.38
C PRO A 45 15.11 -11.97 2.26
N PHE A 46 14.28 -12.81 2.89
CA PHE A 46 14.73 -13.97 3.63
C PHE A 46 15.19 -15.04 2.64
N PRO A 47 16.07 -15.97 3.07
CA PRO A 47 16.59 -17.01 2.21
C PRO A 47 15.51 -18.03 1.87
N ALA A 48 15.74 -18.75 0.78
CA ALA A 48 15.00 -19.96 0.46
C ALA A 48 15.25 -20.97 1.58
N GLY A 49 14.21 -21.37 2.29
CA GLY A 49 14.22 -22.46 3.26
C GLY A 49 14.11 -21.97 4.69
N SER A 50 13.35 -20.90 4.92
CA SER A 50 13.23 -20.28 6.24
C SER A 50 11.76 -20.17 6.66
N ASP A 51 11.46 -20.50 7.92
CA ASP A 51 10.18 -20.13 8.55
C ASP A 51 10.01 -18.61 8.51
N LEU A 52 11.12 -17.88 8.71
CA LEU A 52 11.19 -16.43 8.82
C LEU A 52 10.43 -15.77 7.66
N ALA A 53 10.70 -16.25 6.45
CA ALA A 53 10.08 -15.81 5.21
C ALA A 53 8.55 -15.83 5.33
N GLN A 54 7.98 -17.01 5.58
CA GLN A 54 6.53 -17.20 5.65
C GLN A 54 5.90 -16.48 6.83
N LYS A 55 6.52 -16.53 8.01
CA LYS A 55 5.99 -15.87 9.20
C LYS A 55 5.92 -14.37 8.96
N TRP A 56 6.90 -13.79 8.26
CA TRP A 56 6.87 -12.39 7.86
C TRP A 56 5.88 -12.15 6.73
N HIS A 57 5.78 -13.05 5.74
CA HIS A 57 4.89 -12.87 4.60
C HIS A 57 3.45 -12.64 5.05
N LEU A 58 2.99 -13.39 6.05
CA LEU A 58 1.67 -13.21 6.66
C LEU A 58 1.51 -11.79 7.19
N ILE A 59 2.52 -11.32 7.93
CA ILE A 59 2.53 -9.98 8.50
C ILE A 59 2.54 -8.94 7.36
N LYS A 60 3.15 -9.26 6.21
CA LYS A 60 3.34 -8.30 5.12
C LYS A 60 2.05 -8.06 4.35
N GLN A 61 1.66 -8.93 3.40
CA GLN A 61 0.47 -8.78 2.54
C GLN A 61 0.40 -7.33 2.02
N HIS A 62 1.33 -6.98 1.14
CA HIS A 62 1.63 -5.64 0.64
C HIS A 62 2.14 -4.66 1.72
N THR A 63 1.69 -4.70 2.96
CA THR A 63 1.51 -3.50 3.79
C THR A 63 2.66 -3.20 4.77
N ALA A 64 3.80 -3.87 4.58
CA ALA A 64 4.98 -3.82 5.44
C ALA A 64 6.25 -3.73 4.58
N PRO A 65 6.71 -2.54 4.16
CA PRO A 65 7.91 -2.42 3.35
C PRO A 65 9.12 -2.90 4.17
N VAL A 66 10.20 -3.34 3.51
CA VAL A 66 11.46 -3.65 4.16
C VAL A 66 12.54 -3.65 3.08
N SER A 67 13.61 -2.88 3.28
CA SER A 67 14.87 -2.92 2.53
C SER A 67 15.83 -1.95 3.23
N PRO A 68 16.56 -2.39 4.27
CA PRO A 68 17.55 -1.55 4.92
C PRO A 68 18.77 -1.43 4.02
N HIS A 69 19.57 -0.38 4.20
CA HIS A 69 20.83 -0.26 3.49
C HIS A 69 21.88 -1.14 4.20
N SER A 70 22.81 -1.69 3.43
CA SER A 70 23.89 -2.52 3.96
C SER A 70 24.92 -1.61 4.58
N ARG A 1 20.44 -43.72 -1.01
CA ARG A 1 21.38 -42.91 -0.23
C ARG A 1 21.26 -41.51 -0.83
N SER A 2 20.34 -40.70 -0.31
CA SER A 2 19.82 -39.48 -0.96
C SER A 2 19.51 -39.74 -2.45
N LEU A 3 19.53 -38.70 -3.28
CA LEU A 3 19.43 -38.75 -4.73
C LEU A 3 20.50 -37.79 -5.25
N ARG A 4 21.45 -38.31 -6.04
CA ARG A 4 22.66 -37.62 -6.52
C ARG A 4 23.50 -37.03 -5.37
N GLN A 5 24.60 -36.35 -5.69
CA GLN A 5 25.54 -35.76 -4.75
C GLN A 5 25.31 -34.26 -4.77
N ARG A 6 24.48 -33.79 -3.84
CA ARG A 6 24.13 -32.37 -3.69
C ARG A 6 24.65 -31.89 -2.35
N LEU A 7 25.25 -30.71 -2.33
CA LEU A 7 25.68 -30.02 -1.12
C LEU A 7 25.45 -28.51 -1.26
N GLN A 8 25.36 -27.81 -0.14
CA GLN A 8 25.30 -26.35 -0.06
C GLN A 8 25.78 -25.95 1.33
N ASP A 9 27.09 -25.97 1.48
CA ASP A 9 27.82 -25.77 2.72
C ASP A 9 29.02 -24.87 2.49
N THR A 10 29.10 -24.29 1.28
CA THR A 10 30.28 -23.59 0.81
C THR A 10 30.52 -22.30 1.60
N VAL A 11 29.47 -21.82 2.25
CA VAL A 11 29.22 -20.44 2.64
C VAL A 11 29.87 -20.05 3.98
N GLY A 12 30.64 -20.97 4.57
CA GLY A 12 31.33 -20.76 5.82
C GLY A 12 32.23 -19.52 5.76
N LEU A 13 32.22 -18.74 6.84
CA LEU A 13 32.90 -17.46 6.87
C LEU A 13 34.41 -17.63 7.07
N CYS A 14 35.14 -16.56 6.74
CA CYS A 14 36.56 -16.39 7.00
C CYS A 14 36.76 -15.01 7.63
N PHE A 15 37.91 -14.80 8.25
CA PHE A 15 38.36 -13.48 8.68
C PHE A 15 38.75 -12.64 7.44
N PRO A 16 38.78 -11.30 7.57
CA PRO A 16 39.42 -10.42 6.60
C PRO A 16 40.95 -10.65 6.56
N MET A 17 41.65 -9.93 5.68
CA MET A 17 43.08 -10.10 5.41
C MET A 17 43.76 -8.73 5.26
N ARG A 18 43.32 -7.75 6.04
CA ARG A 18 43.89 -6.40 6.14
C ARG A 18 43.74 -5.96 7.59
N THR A 19 44.70 -6.38 8.42
CA THR A 19 44.73 -6.07 9.83
C THR A 19 45.22 -4.64 10.01
N TYR A 20 44.27 -3.70 10.14
CA TYR A 20 44.53 -2.27 10.28
C TYR A 20 43.64 -1.69 11.37
N SER A 21 43.37 -2.47 12.42
CA SER A 21 42.48 -2.11 13.51
C SER A 21 41.06 -1.81 13.02
N LYS A 22 40.17 -1.24 13.84
CA LYS A 22 38.83 -0.83 13.39
C LYS A 22 38.08 0.04 14.41
N GLN A 23 38.79 0.62 15.38
CA GLN A 23 38.19 1.35 16.50
C GLN A 23 37.47 2.63 16.04
N SER A 24 36.89 3.36 17.01
CA SER A 24 36.05 4.52 16.79
C SER A 24 34.86 4.20 15.88
N LYS A 25 33.85 3.49 16.43
CA LYS A 25 32.55 3.30 15.79
C LYS A 25 31.47 3.46 16.86
N PRO A 26 31.07 4.70 17.18
CA PRO A 26 29.95 4.96 18.07
C PRO A 26 28.63 4.65 17.36
N LEU A 27 27.53 4.69 18.12
CA LEU A 27 26.17 4.64 17.59
C LEU A 27 25.17 5.15 18.64
N PHE A 28 23.97 5.52 18.18
CA PHE A 28 22.83 5.86 19.04
C PHE A 28 21.54 5.25 18.43
N SER A 29 21.70 4.06 17.84
CA SER A 29 20.67 3.13 17.37
C SER A 29 19.55 3.76 16.53
N ASN A 30 19.87 4.49 15.45
CA ASN A 30 18.84 5.11 14.59
C ASN A 30 18.64 4.40 13.23
N LYS A 31 18.58 3.07 13.22
CA LYS A 31 18.28 2.27 12.03
C LYS A 31 16.92 1.57 12.10
N ARG A 32 16.17 1.68 13.20
CA ARG A 32 14.93 0.91 13.43
C ARG A 32 13.68 1.77 13.53
N LYS A 33 13.61 2.96 12.91
CA LYS A 33 12.36 3.69 12.69
C LYS A 33 11.52 2.89 11.71
N ILE A 34 10.88 1.84 12.20
CA ILE A 34 9.76 1.16 11.58
C ILE A 34 8.60 2.14 11.48
N HIS A 35 7.65 1.81 10.63
CA HIS A 35 6.38 2.48 10.51
C HIS A 35 5.31 1.66 11.22
N LEU A 36 4.60 2.29 12.17
CA LEU A 36 3.45 1.75 12.89
C LEU A 36 2.34 1.34 11.91
N SER A 37 2.31 2.00 10.76
CA SER A 37 1.51 1.69 9.60
C SER A 37 2.49 1.74 8.44
N GLU A 38 3.24 0.65 8.25
CA GLU A 38 4.02 0.45 7.03
C GLU A 38 3.13 -0.12 5.93
N LEU A 39 3.57 -0.06 4.69
CA LEU A 39 3.03 -0.84 3.57
C LEU A 39 4.11 -0.92 2.51
N MET A 40 4.01 -1.91 1.61
CA MET A 40 4.82 -2.02 0.39
C MET A 40 6.32 -1.75 0.60
N LEU A 41 6.89 -2.36 1.65
CA LEU A 41 8.32 -2.52 1.78
C LEU A 41 8.90 -3.28 0.59
N GLU A 42 10.23 -3.38 0.55
CA GLU A 42 10.94 -4.27 -0.35
C GLU A 42 12.20 -4.71 0.42
N LYS A 43 12.10 -5.79 1.20
CA LYS A 43 13.20 -6.39 1.94
C LYS A 43 12.94 -7.89 2.06
N CYS A 44 13.87 -8.71 1.56
CA CYS A 44 13.85 -10.15 1.75
C CYS A 44 15.25 -10.60 2.19
N PRO A 45 15.67 -10.28 3.43
CA PRO A 45 16.95 -10.73 3.96
C PRO A 45 16.94 -12.23 4.24
N PHE A 46 15.78 -12.81 4.55
CA PHE A 46 15.53 -14.24 4.55
C PHE A 46 15.59 -14.77 3.12
N PRO A 47 15.88 -16.06 2.93
CA PRO A 47 15.59 -16.77 1.69
C PRO A 47 14.08 -17.07 1.62
N ALA A 48 13.51 -17.14 0.42
CA ALA A 48 12.16 -17.64 0.23
C ALA A 48 12.08 -19.09 0.70
N GLY A 49 11.10 -19.40 1.54
CA GLY A 49 10.79 -20.76 1.92
C GLY A 49 11.67 -21.25 3.06
N SER A 50 11.77 -20.44 4.11
CA SER A 50 12.18 -20.85 5.44
C SER A 50 11.16 -20.34 6.47
N ASP A 51 11.35 -20.66 7.74
CA ASP A 51 10.48 -20.32 8.86
C ASP A 51 10.23 -18.81 8.94
N LEU A 52 11.31 -18.02 9.09
CA LEU A 52 11.17 -16.57 9.22
C LEU A 52 10.62 -15.91 7.96
N ALA A 53 10.78 -16.56 6.81
CA ALA A 53 10.25 -16.12 5.52
C ALA A 53 8.73 -16.27 5.53
N GLN A 54 8.24 -17.46 5.90
CA GLN A 54 6.85 -17.78 6.08
C GLN A 54 6.21 -16.85 7.11
N LYS A 55 6.88 -16.60 8.25
CA LYS A 55 6.44 -15.63 9.26
C LYS A 55 6.25 -14.22 8.70
N TRP A 56 7.06 -13.80 7.72
CA TRP A 56 6.91 -12.51 7.08
C TRP A 56 5.77 -12.56 6.06
N HIS A 57 5.75 -13.56 5.18
CA HIS A 57 4.78 -13.68 4.10
C HIS A 57 3.34 -13.80 4.61
N LEU A 58 3.17 -14.28 5.84
CA LEU A 58 1.89 -14.30 6.56
C LEU A 58 1.25 -12.91 6.60
N ILE A 59 2.09 -11.88 6.78
CA ILE A 59 1.68 -10.49 6.94
C ILE A 59 1.29 -9.89 5.58
N LYS A 60 2.08 -10.12 4.53
CA LYS A 60 1.90 -9.62 3.16
C LYS A 60 1.55 -8.13 3.09
N GLN A 61 2.58 -7.31 2.82
CA GLN A 61 2.68 -5.87 2.90
C GLN A 61 2.52 -5.31 4.31
N HIS A 62 1.42 -5.62 4.97
CA HIS A 62 1.03 -4.98 6.23
C HIS A 62 0.01 -5.78 7.03
N THR A 63 -0.87 -6.51 6.35
CA THR A 63 -2.09 -7.08 6.90
C THR A 63 -1.81 -8.02 8.08
N ALA A 64 -2.13 -7.59 9.30
CA ALA A 64 -1.92 -8.38 10.51
C ALA A 64 -2.81 -7.87 11.65
N PRO A 65 -4.11 -8.22 11.68
CA PRO A 65 -5.00 -7.93 12.80
C PRO A 65 -4.69 -8.89 13.96
N VAL A 66 -3.51 -8.75 14.58
CA VAL A 66 -2.96 -9.54 15.68
C VAL A 66 -3.13 -11.07 15.50
N SER A 67 -3.13 -11.56 14.25
CA SER A 67 -3.52 -12.91 13.87
C SER A 67 -2.34 -13.63 13.20
N PRO A 68 -1.39 -14.20 13.96
CA PRO A 68 -0.36 -15.07 13.41
C PRO A 68 -0.91 -16.49 13.18
N HIS A 69 -0.23 -17.25 12.32
CA HIS A 69 -0.56 -18.58 11.80
C HIS A 69 -1.84 -18.61 10.95
N SER A 70 -1.79 -19.50 9.96
CA SER A 70 -2.86 -20.08 9.16
C SER A 70 -2.42 -21.53 9.04
N ARG A 1 26.48 -8.33 -58.93
CA ARG A 1 27.06 -8.60 -57.62
C ARG A 1 26.73 -7.40 -56.75
N SER A 2 26.22 -7.63 -55.54
CA SER A 2 25.69 -6.58 -54.68
C SER A 2 24.59 -5.75 -55.39
N LEU A 3 24.14 -4.66 -54.77
CA LEU A 3 23.16 -3.73 -55.31
C LEU A 3 23.47 -2.33 -54.79
N ARG A 4 23.01 -1.30 -55.49
CA ARG A 4 23.07 0.11 -55.10
C ARG A 4 22.07 0.86 -55.98
N GLN A 5 21.41 1.90 -55.47
CA GLN A 5 20.48 2.72 -56.26
C GLN A 5 20.40 4.12 -55.63
N ARG A 6 19.71 4.27 -54.48
CA ARG A 6 19.66 5.48 -53.64
C ARG A 6 18.78 6.59 -54.27
N LEU A 7 17.51 6.26 -54.53
CA LEU A 7 16.42 7.22 -54.71
C LEU A 7 16.17 8.05 -53.45
N GLN A 8 15.25 9.01 -53.53
CA GLN A 8 14.55 9.63 -52.41
C GLN A 8 13.24 10.16 -52.98
N ASP A 9 12.11 9.70 -52.41
CA ASP A 9 10.75 10.03 -52.86
C ASP A 9 9.81 9.99 -51.64
N THR A 10 10.39 9.93 -50.45
CA THR A 10 9.68 9.52 -49.24
C THR A 10 8.85 10.67 -48.63
N VAL A 11 8.97 11.88 -49.20
CA VAL A 11 8.14 13.05 -48.96
C VAL A 11 8.48 14.07 -50.04
N GLY A 12 7.51 14.43 -50.88
CA GLY A 12 7.64 15.47 -51.90
C GLY A 12 7.51 16.87 -51.30
N LEU A 13 8.20 17.12 -50.18
CA LEU A 13 7.93 18.21 -49.24
C LEU A 13 6.49 18.15 -48.71
N CYS A 14 6.10 19.15 -47.90
CA CYS A 14 4.77 19.35 -47.37
C CYS A 14 4.49 20.87 -47.36
N PHE A 15 3.24 21.27 -47.14
CA PHE A 15 2.83 22.67 -47.00
C PHE A 15 2.04 22.85 -45.69
N PRO A 16 2.70 22.80 -44.52
CA PRO A 16 2.04 23.01 -43.24
C PRO A 16 1.73 24.51 -43.03
N MET A 17 0.82 24.80 -42.09
CA MET A 17 0.53 26.16 -41.62
C MET A 17 1.23 26.43 -40.29
N ARG A 18 2.36 25.75 -40.06
CA ARG A 18 3.19 25.76 -38.85
C ARG A 18 2.55 24.95 -37.73
N THR A 19 1.23 24.99 -37.57
CA THR A 19 0.51 24.38 -36.48
C THR A 19 -0.07 23.05 -36.96
N TYR A 20 0.51 21.93 -36.52
CA TYR A 20 0.05 20.58 -36.88
C TYR A 20 -0.30 19.72 -35.67
N SER A 21 -0.41 20.35 -34.51
CA SER A 21 -0.60 19.76 -33.19
C SER A 21 -1.00 20.86 -32.21
N LYS A 22 -1.28 20.46 -30.95
CA LYS A 22 -1.77 21.36 -29.91
C LYS A 22 -1.03 21.14 -28.59
N GLN A 23 0.11 20.46 -28.62
CA GLN A 23 0.95 20.18 -27.45
C GLN A 23 2.39 19.92 -27.90
N SER A 24 3.32 19.95 -26.94
CA SER A 24 4.73 19.67 -27.13
C SER A 24 5.34 19.32 -25.77
N LYS A 25 5.14 18.10 -25.25
CA LYS A 25 5.81 17.58 -24.06
C LYS A 25 5.60 16.07 -23.94
N PRO A 26 6.51 15.34 -23.28
CA PRO A 26 6.32 13.93 -22.94
C PRO A 26 5.28 13.79 -21.81
N LEU A 27 4.82 12.56 -21.59
CA LEU A 27 3.84 12.17 -20.58
C LEU A 27 3.99 10.69 -20.27
N PHE A 28 3.50 10.27 -19.10
CA PHE A 28 3.88 9.02 -18.47
C PHE A 28 2.79 8.60 -17.47
N SER A 29 2.15 7.44 -17.66
CA SER A 29 1.06 6.99 -16.79
C SER A 29 1.11 5.52 -16.41
N ASN A 30 2.01 4.72 -16.98
CA ASN A 30 2.05 3.25 -16.77
C ASN A 30 2.56 2.83 -15.38
N LYS A 31 2.48 3.67 -14.35
CA LYS A 31 2.85 3.29 -12.98
C LYS A 31 2.01 4.05 -11.97
N ARG A 32 1.87 5.37 -12.17
CA ARG A 32 1.56 6.38 -11.16
C ARG A 32 2.38 6.14 -9.89
N LYS A 33 1.95 5.32 -8.93
CA LYS A 33 2.67 4.96 -7.71
C LYS A 33 2.02 3.70 -7.14
N ILE A 34 2.59 2.53 -7.40
CA ILE A 34 2.13 1.21 -6.99
C ILE A 34 3.40 0.44 -6.57
N HIS A 35 3.26 -0.57 -5.71
CA HIS A 35 4.36 -1.36 -5.19
C HIS A 35 4.51 -2.65 -6.03
N LEU A 36 5.45 -3.54 -5.66
CA LEU A 36 5.74 -4.80 -6.36
C LEU A 36 4.53 -5.75 -6.50
N SER A 37 3.52 -5.63 -5.62
CA SER A 37 2.25 -6.36 -5.67
C SER A 37 1.24 -5.69 -4.75
N GLU A 38 1.73 -5.08 -3.67
CA GLU A 38 1.05 -4.82 -2.42
C GLU A 38 0.53 -6.11 -1.79
N LEU A 39 -0.52 -6.73 -2.34
CA LEU A 39 -1.10 -7.92 -1.74
C LEU A 39 -0.11 -9.09 -1.78
N MET A 40 -0.14 -9.86 -0.69
CA MET A 40 0.42 -11.19 -0.42
C MET A 40 1.85 -11.47 -0.92
N LEU A 41 2.65 -10.41 -1.08
CA LEU A 41 3.97 -10.47 -1.69
C LEU A 41 4.86 -11.51 -1.03
N GLU A 42 5.53 -12.28 -1.87
CA GLU A 42 6.46 -13.33 -1.54
C GLU A 42 7.72 -13.02 -2.34
N LYS A 43 8.43 -12.01 -1.85
CA LYS A 43 9.65 -11.47 -2.46
C LYS A 43 10.44 -10.78 -1.35
N CYS A 44 11.10 -11.57 -0.51
CA CYS A 44 11.76 -11.15 0.72
C CYS A 44 13.18 -11.73 0.71
N PRO A 45 14.16 -11.11 1.40
CA PRO A 45 15.57 -11.53 1.32
C PRO A 45 15.94 -12.64 2.30
N PHE A 46 15.00 -13.05 3.17
CA PHE A 46 15.12 -14.25 3.96
C PHE A 46 15.27 -15.43 2.98
N PRO A 47 16.05 -16.45 3.31
CA PRO A 47 16.25 -17.60 2.43
C PRO A 47 14.91 -18.26 2.12
N ALA A 48 14.77 -18.74 0.89
CA ALA A 48 13.69 -19.64 0.54
C ALA A 48 13.79 -20.88 1.42
N GLY A 49 12.63 -21.41 1.79
CA GLY A 49 12.53 -22.48 2.76
C GLY A 49 13.01 -22.02 4.12
N SER A 50 12.52 -20.86 4.58
CA SER A 50 12.59 -20.55 5.99
C SER A 50 11.25 -20.11 6.55
N ASP A 51 11.06 -20.44 7.81
CA ASP A 51 10.02 -19.97 8.74
C ASP A 51 9.85 -18.46 8.65
N LEU A 52 10.96 -17.74 8.79
CA LEU A 52 10.93 -16.29 8.93
C LEU A 52 10.28 -15.64 7.72
N ALA A 53 10.61 -16.12 6.51
CA ALA A 53 10.01 -15.64 5.28
C ALA A 53 8.49 -15.86 5.30
N GLN A 54 8.05 -17.08 5.60
CA GLN A 54 6.64 -17.44 5.52
C GLN A 54 5.80 -16.69 6.56
N LYS A 55 6.31 -16.49 7.78
CA LYS A 55 5.62 -15.66 8.77
C LYS A 55 5.71 -14.17 8.43
N TRP A 56 6.67 -13.76 7.61
CA TRP A 56 6.70 -12.40 7.12
C TRP A 56 5.60 -12.23 6.07
N HIS A 57 5.43 -13.20 5.14
CA HIS A 57 4.33 -13.19 4.17
C HIS A 57 2.99 -13.06 4.88
N LEU A 58 2.79 -13.75 6.00
CA LEU A 58 1.56 -13.67 6.80
C LEU A 58 1.21 -12.21 7.16
N ILE A 59 2.21 -11.44 7.60
CA ILE A 59 2.03 -10.03 7.96
C ILE A 59 2.08 -9.15 6.71
N LYS A 60 2.63 -9.62 5.59
CA LYS A 60 2.74 -8.84 4.37
C LYS A 60 1.34 -8.44 3.90
N GLN A 61 0.41 -9.39 3.72
CA GLN A 61 -0.95 -8.99 3.36
C GLN A 61 -1.77 -8.40 4.52
N HIS A 62 -1.19 -8.18 5.72
CA HIS A 62 -1.85 -7.54 6.84
C HIS A 62 -1.19 -6.19 7.08
N THR A 63 -1.60 -5.19 6.30
CA THR A 63 -1.19 -3.82 6.44
C THR A 63 -1.87 -3.22 7.68
N ALA A 64 -1.18 -3.28 8.81
CA ALA A 64 -1.58 -2.78 10.11
C ALA A 64 -0.36 -2.12 10.80
N PRO A 65 0.27 -1.10 10.21
CA PRO A 65 1.55 -0.55 10.67
C PRO A 65 1.36 0.14 12.02
N VAL A 66 1.74 -0.52 13.11
CA VAL A 66 1.41 -0.18 14.50
C VAL A 66 -0.08 0.19 14.71
N SER A 67 -0.96 -0.25 13.81
CA SER A 67 -2.38 0.08 13.79
C SER A 67 -3.17 -1.26 13.76
N PRO A 68 -3.05 -2.08 14.83
CA PRO A 68 -3.76 -3.36 14.91
C PRO A 68 -5.25 -3.11 15.04
N HIS A 69 -6.05 -4.08 14.62
CA HIS A 69 -7.50 -4.04 14.58
C HIS A 69 -8.00 -5.49 14.55
N SER A 70 -9.30 -5.68 14.42
CA SER A 70 -9.94 -6.96 14.13
C SER A 70 -11.15 -6.64 13.27
N ARG A 1 56.72 8.80 69.23
CA ARG A 1 56.35 8.45 67.84
C ARG A 1 56.04 9.66 66.96
N SER A 2 55.37 10.69 67.50
CA SER A 2 54.79 11.75 66.67
C SER A 2 53.80 11.13 65.66
N LEU A 3 53.59 11.84 64.55
CA LEU A 3 53.18 11.36 63.23
C LEU A 3 52.06 10.32 63.20
N ARG A 4 50.87 10.82 62.88
CA ARG A 4 49.67 10.03 62.60
C ARG A 4 48.88 10.75 61.50
N GLN A 5 48.18 10.00 60.65
CA GLN A 5 47.06 10.52 59.88
C GLN A 5 45.87 10.71 60.83
N ARG A 6 44.92 11.57 60.48
CA ARG A 6 43.56 11.58 61.01
C ARG A 6 42.69 12.36 60.03
N LEU A 7 41.37 12.26 60.19
CA LEU A 7 40.37 12.65 59.20
C LEU A 7 40.62 11.91 57.88
N GLN A 8 39.91 12.29 56.82
CA GLN A 8 39.88 11.60 55.53
C GLN A 8 39.37 12.60 54.49
N ASP A 9 40.09 13.70 54.27
CA ASP A 9 39.60 14.87 53.53
C ASP A 9 39.67 14.66 52.02
N THR A 10 40.45 13.66 51.65
CA THR A 10 40.62 13.23 50.29
C THR A 10 39.37 12.51 49.75
N VAL A 11 38.35 12.24 50.57
CA VAL A 11 37.17 11.46 50.14
C VAL A 11 36.20 12.23 49.21
N GLY A 12 36.58 13.39 48.66
CA GLY A 12 35.77 14.22 47.80
C GLY A 12 35.50 13.57 46.43
N LEU A 13 34.63 12.57 46.38
CA LEU A 13 34.15 11.90 45.17
C LEU A 13 32.95 12.68 44.63
N CYS A 14 33.02 13.13 43.38
CA CYS A 14 31.93 13.85 42.71
C CYS A 14 30.83 12.89 42.26
N PHE A 15 29.98 12.50 43.21
CA PHE A 15 28.66 11.87 43.04
C PHE A 15 28.67 10.77 41.97
N PRO A 16 29.47 9.69 42.12
CA PRO A 16 29.72 8.76 41.03
C PRO A 16 28.51 7.85 40.76
N MET A 17 27.64 8.27 39.85
CA MET A 17 26.36 7.63 39.53
C MET A 17 26.39 6.89 38.20
N ARG A 18 27.59 6.70 37.62
CA ARG A 18 27.88 6.17 36.28
C ARG A 18 27.56 7.23 35.24
N THR A 19 28.40 7.37 34.22
CA THR A 19 28.13 8.24 33.09
C THR A 19 28.63 7.52 31.83
N TYR A 20 27.80 7.47 30.78
CA TYR A 20 28.21 6.94 29.49
C TYR A 20 27.35 7.51 28.34
N SER A 21 26.72 8.66 28.57
CA SER A 21 25.98 9.38 27.54
C SER A 21 25.91 10.85 27.93
N LYS A 22 26.08 11.75 26.97
CA LYS A 22 25.63 13.13 27.09
C LYS A 22 25.15 13.54 25.71
N GLN A 23 23.85 13.42 25.48
CA GLN A 23 23.21 13.61 24.20
C GLN A 23 21.73 13.87 24.44
N SER A 24 20.92 13.80 23.38
CA SER A 24 19.69 14.57 23.30
C SER A 24 18.66 13.75 22.51
N LYS A 25 17.70 13.17 23.23
CA LYS A 25 16.76 12.14 22.79
C LYS A 25 17.45 11.05 21.97
N PRO A 26 18.16 10.10 22.62
CA PRO A 26 18.91 9.03 21.96
C PRO A 26 17.97 7.96 21.38
N LEU A 27 17.42 8.23 20.20
CA LEU A 27 16.73 7.24 19.38
C LEU A 27 17.79 6.49 18.61
N PHE A 28 18.39 5.52 19.28
CA PHE A 28 19.11 4.41 18.69
C PHE A 28 20.18 4.91 17.70
N SER A 29 20.71 4.06 16.81
CA SER A 29 21.53 4.56 15.70
C SER A 29 21.19 3.99 14.33
N ASN A 30 20.18 3.11 14.23
CA ASN A 30 19.87 2.37 13.03
C ASN A 30 18.37 2.26 12.88
N LYS A 31 17.93 2.35 11.63
CA LYS A 31 16.63 1.90 11.15
C LYS A 31 16.85 0.95 9.96
N ARG A 32 16.00 -0.07 9.80
CA ARG A 32 16.01 -0.98 8.64
C ARG A 32 14.60 -1.35 8.18
N LYS A 33 13.58 -0.62 8.61
CA LYS A 33 12.17 -0.95 8.50
C LYS A 33 11.41 0.37 8.60
N ILE A 34 11.04 0.99 7.48
CA ILE A 34 10.30 2.24 7.43
C ILE A 34 9.17 2.12 6.41
N HIS A 35 7.96 2.38 6.89
CA HIS A 35 6.74 2.27 6.12
C HIS A 35 5.80 3.41 6.43
N LEU A 36 6.35 4.62 6.53
CA LEU A 36 5.54 5.84 6.50
C LEU A 36 4.60 5.85 5.30
N SER A 37 5.04 5.24 4.18
CA SER A 37 4.32 5.23 2.92
C SER A 37 4.89 4.24 1.90
N GLU A 38 5.91 3.43 2.22
CA GLU A 38 6.33 2.33 1.35
C GLU A 38 5.14 1.43 1.04
N LEU A 39 4.55 0.78 2.07
CA LEU A 39 3.53 -0.27 1.93
C LEU A 39 4.14 -1.49 1.23
N MET A 40 3.54 -2.66 1.44
CA MET A 40 3.82 -3.91 0.72
C MET A 40 5.34 -4.15 0.59
N LEU A 41 6.03 -4.28 1.73
CA LEU A 41 7.48 -4.33 1.80
C LEU A 41 8.10 -5.26 0.77
N GLU A 42 9.28 -4.90 0.28
CA GLU A 42 9.91 -5.52 -0.87
C GLU A 42 11.37 -5.94 -0.63
N LYS A 43 11.73 -6.27 0.62
CA LYS A 43 13.10 -6.56 1.03
C LYS A 43 13.11 -7.84 1.86
N CYS A 44 13.18 -9.00 1.20
CA CYS A 44 13.14 -10.31 1.86
C CYS A 44 14.40 -11.10 1.48
N PRO A 45 15.57 -10.73 2.01
CA PRO A 45 16.82 -11.48 1.83
C PRO A 45 16.88 -12.77 2.66
N PHE A 46 15.88 -13.07 3.50
CA PHE A 46 15.75 -14.41 4.06
C PHE A 46 15.38 -15.37 2.92
N PRO A 47 15.88 -16.61 2.95
CA PRO A 47 15.79 -17.56 1.87
C PRO A 47 14.40 -18.20 1.76
N ALA A 48 14.21 -18.96 0.69
CA ALA A 48 13.08 -19.85 0.43
C ALA A 48 13.14 -21.12 1.28
N GLY A 49 13.60 -21.04 2.53
CA GLY A 49 13.60 -22.13 3.50
C GLY A 49 13.71 -21.66 4.94
N SER A 50 13.17 -20.48 5.27
CA SER A 50 13.17 -19.92 6.62
C SER A 50 11.73 -19.64 7.04
N ASP A 51 11.34 -20.13 8.21
CA ASP A 51 10.08 -19.79 8.90
C ASP A 51 9.85 -18.28 8.88
N LEU A 52 10.93 -17.53 9.14
CA LEU A 52 11.02 -16.07 9.09
C LEU A 52 10.35 -15.51 7.84
N ALA A 53 10.77 -16.01 6.68
CA ALA A 53 10.39 -15.48 5.38
C ALA A 53 8.92 -15.79 5.09
N GLN A 54 8.39 -16.91 5.60
CA GLN A 54 7.00 -17.28 5.38
C GLN A 54 6.08 -16.56 6.36
N LYS A 55 6.45 -16.50 7.65
CA LYS A 55 5.71 -15.72 8.64
C LYS A 55 5.63 -14.24 8.27
N TRP A 56 6.61 -13.70 7.52
CA TRP A 56 6.50 -12.34 7.02
C TRP A 56 5.26 -12.18 6.13
N HIS A 57 5.03 -13.08 5.17
CA HIS A 57 3.91 -12.95 4.25
C HIS A 57 2.58 -13.10 5.02
N LEU A 58 2.58 -13.86 6.11
CA LEU A 58 1.46 -13.98 7.03
C LEU A 58 0.96 -12.61 7.50
N ILE A 59 1.89 -11.70 7.79
CA ILE A 59 1.58 -10.37 8.31
C ILE A 59 1.40 -9.39 7.16
N LYS A 60 2.22 -9.49 6.11
CA LYS A 60 2.10 -8.67 4.92
C LYS A 60 2.15 -7.18 5.29
N GLN A 61 1.56 -6.32 4.46
CA GLN A 61 1.33 -4.91 4.66
C GLN A 61 0.30 -4.69 5.78
N HIS A 62 0.66 -4.87 7.05
CA HIS A 62 -0.26 -4.65 8.18
C HIS A 62 0.52 -4.10 9.38
N THR A 63 1.14 -2.93 9.15
CA THR A 63 1.65 -2.02 10.17
C THR A 63 2.40 -2.74 11.28
N ALA A 64 3.51 -3.34 10.88
CA ALA A 64 4.35 -4.21 11.67
C ALA A 64 5.80 -4.03 11.19
N PRO A 65 6.55 -3.05 11.70
CA PRO A 65 7.97 -2.94 11.43
C PRO A 65 8.70 -4.11 12.12
N VAL A 66 8.65 -5.30 11.51
CA VAL A 66 9.18 -6.58 11.96
C VAL A 66 8.86 -6.88 13.43
N SER A 67 7.77 -7.61 13.65
CA SER A 67 7.26 -7.95 14.98
C SER A 67 8.37 -8.57 15.86
N PRO A 68 8.40 -8.29 17.17
CA PRO A 68 9.50 -8.72 18.02
C PRO A 68 9.46 -10.24 18.19
N HIS A 69 10.47 -10.93 17.65
CA HIS A 69 10.63 -12.39 17.67
C HIS A 69 9.47 -13.11 16.97
N SER A 70 9.43 -14.44 17.06
CA SER A 70 8.36 -15.29 16.56
C SER A 70 7.89 -16.17 17.71
N ARG A 1 -29.35 19.06 61.42
CA ARG A 1 -28.20 19.63 62.13
C ARG A 1 -27.51 20.74 61.33
N SER A 2 -26.56 20.42 60.44
CA SER A 2 -25.71 21.38 59.74
C SER A 2 -24.86 22.21 60.71
N LEU A 3 -24.05 23.11 60.13
CA LEU A 3 -23.32 24.17 60.82
C LEU A 3 -24.26 25.38 60.98
N ARG A 4 -23.74 26.51 61.47
CA ARG A 4 -24.44 27.79 61.52
C ARG A 4 -23.51 28.83 60.91
N GLN A 5 -24.07 29.77 60.15
CA GLN A 5 -23.36 30.96 59.65
C GLN A 5 -24.34 32.13 59.72
N ARG A 6 -25.18 32.32 58.70
CA ARG A 6 -25.89 33.56 58.32
C ARG A 6 -24.90 34.53 57.65
N LEU A 7 -25.42 35.68 57.22
CA LEU A 7 -24.74 36.81 56.61
C LEU A 7 -25.40 38.08 57.17
N GLN A 8 -24.81 39.25 56.90
CA GLN A 8 -25.38 40.53 57.30
C GLN A 8 -25.04 41.54 56.19
N ASP A 9 -25.90 41.58 55.18
CA ASP A 9 -25.96 42.58 54.11
C ASP A 9 -27.30 43.28 54.18
N THR A 10 -28.00 43.11 55.30
CA THR A 10 -29.27 43.74 55.62
C THR A 10 -29.15 45.25 55.85
N VAL A 11 -27.96 45.80 55.65
CA VAL A 11 -27.64 47.23 55.73
C VAL A 11 -26.67 47.61 54.59
N GLY A 12 -26.56 46.75 53.57
CA GLY A 12 -25.69 46.89 52.43
C GLY A 12 -26.44 46.50 51.16
N LEU A 13 -25.69 46.22 50.08
CA LEU A 13 -26.19 45.68 48.84
C LEU A 13 -24.99 45.03 48.13
N CYS A 14 -24.91 43.71 48.13
CA CYS A 14 -23.82 42.96 47.50
C CYS A 14 -24.38 41.88 46.57
N PHE A 15 -23.59 41.45 45.58
CA PHE A 15 -23.93 40.33 44.70
C PHE A 15 -22.66 39.74 44.09
N PRO A 16 -22.61 38.42 43.81
CA PRO A 16 -21.44 37.75 43.26
C PRO A 16 -21.30 38.02 41.76
N MET A 17 -20.25 38.73 41.32
CA MET A 17 -20.06 39.06 39.91
C MET A 17 -18.62 38.85 39.39
N ARG A 18 -17.71 38.31 40.21
CA ARG A 18 -16.29 38.17 39.84
C ARG A 18 -16.05 36.74 39.42
N THR A 19 -16.01 36.50 38.12
CA THR A 19 -15.41 35.33 37.50
C THR A 19 -14.85 35.73 36.13
N TYR A 20 -14.38 34.76 35.33
CA TYR A 20 -13.63 34.97 34.09
C TYR A 20 -13.91 33.92 33.00
N SER A 21 -14.98 33.15 33.19
CA SER A 21 -15.31 31.97 32.42
C SER A 21 -15.87 32.37 31.06
N LYS A 22 -15.14 32.17 29.95
CA LYS A 22 -15.67 32.43 28.61
C LYS A 22 -15.03 31.63 27.48
N GLN A 23 -14.18 30.66 27.81
CA GLN A 23 -13.39 29.91 26.86
C GLN A 23 -14.33 29.16 25.91
N SER A 24 -14.36 29.58 24.65
CA SER A 24 -15.26 29.09 23.62
C SER A 24 -14.53 29.31 22.30
N LYS A 25 -13.78 28.31 21.85
CA LYS A 25 -12.85 28.35 20.75
C LYS A 25 -13.02 27.09 19.89
N PRO A 26 -12.50 27.11 18.65
CA PRO A 26 -12.38 25.96 17.77
C PRO A 26 -11.40 24.91 18.32
N LEU A 27 -11.13 23.88 17.51
CA LEU A 27 -10.21 22.78 17.75
C LEU A 27 -9.50 22.54 16.43
N PHE A 28 -8.51 21.66 16.40
CA PHE A 28 -7.76 21.36 15.18
C PHE A 28 -7.50 19.86 15.14
N SER A 29 -7.85 19.20 14.04
CA SER A 29 -7.34 17.87 13.74
C SER A 29 -7.43 17.58 12.23
N ASN A 30 -6.62 16.65 11.73
CA ASN A 30 -6.50 16.30 10.31
C ASN A 30 -6.08 14.82 10.14
N LYS A 31 -6.48 13.93 11.06
CA LYS A 31 -6.13 12.50 11.09
C LYS A 31 -4.62 12.23 11.23
N ARG A 32 -4.22 10.95 11.28
CA ARG A 32 -2.88 10.52 10.91
C ARG A 32 -2.79 10.67 9.40
N LYS A 33 -1.76 11.34 8.88
CA LYS A 33 -1.42 11.29 7.47
C LYS A 33 -0.87 9.90 7.19
N ILE A 34 -1.71 8.97 6.76
CA ILE A 34 -1.30 7.65 6.29
C ILE A 34 -0.43 7.82 5.06
N HIS A 35 0.28 6.75 4.78
CA HIS A 35 1.08 6.51 3.61
C HIS A 35 0.25 6.54 2.34
N LEU A 36 0.89 6.98 1.25
CA LEU A 36 0.17 7.36 0.04
C LEU A 36 -0.14 6.15 -0.82
N SER A 37 0.69 5.10 -0.75
CA SER A 37 0.58 3.85 -1.49
C SER A 37 1.69 2.92 -0.97
N GLU A 38 1.75 2.69 0.35
CA GLU A 38 2.73 1.77 0.94
C GLU A 38 2.66 0.36 0.34
N LEU A 39 3.80 -0.16 -0.13
CA LEU A 39 3.96 -1.42 -0.85
C LEU A 39 5.10 -2.19 -0.19
N MET A 40 4.76 -3.33 0.40
CA MET A 40 5.62 -4.15 1.24
C MET A 40 5.34 -5.65 1.05
N LEU A 41 4.95 -6.09 -0.16
CA LEU A 41 4.52 -7.47 -0.44
C LEU A 41 5.69 -8.33 -0.89
N GLU A 42 6.67 -7.77 -1.60
CA GLU A 42 7.83 -8.53 -2.10
C GLU A 42 9.06 -8.42 -1.18
N LYS A 43 8.93 -7.71 -0.06
CA LYS A 43 10.04 -7.24 0.79
C LYS A 43 10.49 -8.32 1.78
N CYS A 44 10.78 -9.53 1.26
CA CYS A 44 11.10 -10.70 2.06
C CYS A 44 12.53 -11.16 1.76
N PRO A 45 13.56 -10.60 2.41
CA PRO A 45 14.96 -10.96 2.14
C PRO A 45 15.40 -12.29 2.77
N PHE A 46 14.55 -12.97 3.56
CA PHE A 46 14.98 -14.18 4.25
C PHE A 46 15.32 -15.28 3.24
N PRO A 47 16.33 -16.11 3.52
CA PRO A 47 16.72 -17.22 2.67
C PRO A 47 15.62 -18.27 2.63
N ALA A 48 15.19 -18.63 1.42
CA ALA A 48 14.19 -19.64 1.15
C ALA A 48 14.52 -20.94 1.89
N GLY A 49 13.51 -21.52 2.52
CA GLY A 49 13.63 -22.69 3.36
C GLY A 49 13.66 -22.31 4.86
N SER A 50 13.93 -21.05 5.18
CA SER A 50 13.65 -20.54 6.53
C SER A 50 12.13 -20.41 6.69
N ASP A 51 11.61 -20.82 7.85
CA ASP A 51 10.25 -20.50 8.30
C ASP A 51 9.95 -19.03 8.06
N LEU A 52 10.89 -18.16 8.45
CA LEU A 52 10.70 -16.72 8.44
C LEU A 52 10.31 -16.22 7.05
N ALA A 53 10.82 -16.81 5.97
CA ALA A 53 10.50 -16.39 4.61
C ALA A 53 9.00 -16.60 4.33
N GLN A 54 8.47 -17.76 4.70
CA GLN A 54 7.07 -18.10 4.53
C GLN A 54 6.22 -17.32 5.53
N LYS A 55 6.57 -17.40 6.81
CA LYS A 55 5.84 -16.79 7.92
C LYS A 55 5.76 -15.27 7.77
N TRP A 56 6.70 -14.61 7.11
CA TRP A 56 6.63 -13.18 6.87
C TRP A 56 5.40 -12.80 6.01
N HIS A 57 4.89 -13.69 5.15
CA HIS A 57 3.69 -13.42 4.35
C HIS A 57 2.42 -13.35 5.23
N LEU A 58 2.49 -13.72 6.51
CA LEU A 58 1.48 -13.40 7.53
C LEU A 58 1.27 -11.89 7.61
N ILE A 59 2.37 -11.13 7.50
CA ILE A 59 2.39 -9.68 7.66
C ILE A 59 2.14 -9.03 6.29
N LYS A 60 2.78 -9.54 5.23
CA LYS A 60 2.62 -9.09 3.85
C LYS A 60 2.95 -7.59 3.73
N GLN A 61 2.43 -6.91 2.71
CA GLN A 61 2.39 -5.45 2.64
C GLN A 61 1.49 -5.00 3.79
N HIS A 62 2.03 -4.57 4.93
CA HIS A 62 1.24 -3.96 6.01
C HIS A 62 2.14 -3.12 6.94
N THR A 63 3.10 -2.41 6.34
CA THR A 63 4.12 -1.60 6.99
C THR A 63 4.84 -2.34 8.12
N ALA A 64 5.78 -3.20 7.73
CA ALA A 64 6.72 -3.88 8.61
C ALA A 64 8.01 -4.14 7.82
N PRO A 65 8.91 -3.14 7.72
CA PRO A 65 10.28 -3.40 7.30
C PRO A 65 10.92 -4.28 8.39
N VAL A 66 11.47 -5.41 7.97
CA VAL A 66 12.14 -6.37 8.85
C VAL A 66 13.65 -6.26 8.60
N SER A 67 14.44 -7.06 9.33
CA SER A 67 15.85 -7.33 9.08
C SER A 67 16.64 -6.06 8.73
N PRO A 68 16.88 -5.15 9.68
CA PRO A 68 17.66 -3.95 9.41
C PRO A 68 19.09 -4.33 9.03
N HIS A 69 19.73 -3.48 8.23
CA HIS A 69 20.96 -3.74 7.51
C HIS A 69 20.73 -4.77 6.36
N SER A 70 19.47 -5.03 6.01
CA SER A 70 18.97 -5.70 4.83
C SER A 70 17.63 -5.05 4.46
N ARG A 1 -3.40 90.12 -34.76
CA ARG A 1 -3.58 89.37 -36.00
C ARG A 1 -3.74 87.91 -35.55
N SER A 2 -4.98 87.45 -35.41
CA SER A 2 -5.34 86.27 -34.63
C SER A 2 -6.82 85.98 -34.89
N LEU A 3 -7.26 84.73 -34.70
CA LEU A 3 -8.65 84.31 -34.85
C LEU A 3 -8.92 83.09 -33.98
N ARG A 4 -10.18 82.64 -33.92
CA ARG A 4 -10.67 81.65 -32.95
C ARG A 4 -10.35 82.12 -31.52
N GLN A 5 -10.42 81.21 -30.55
CA GLN A 5 -9.95 81.29 -29.17
C GLN A 5 -10.33 79.97 -28.51
N ARG A 6 -11.64 79.67 -28.43
CA ARG A 6 -12.13 78.47 -27.73
C ARG A 6 -11.62 77.19 -28.39
N LEU A 7 -10.79 76.44 -27.67
CA LEU A 7 -10.48 75.03 -27.81
C LEU A 7 -10.00 74.63 -26.42
N GLN A 8 -10.81 73.87 -25.67
CA GLN A 8 -10.49 73.44 -24.31
C GLN A 8 -11.36 72.22 -23.98
N ASP A 9 -11.23 71.67 -22.77
CA ASP A 9 -11.96 70.54 -22.20
C ASP A 9 -11.81 69.25 -23.01
N THR A 10 -10.79 69.23 -23.86
CA THR A 10 -10.33 68.07 -24.61
C THR A 10 -9.66 67.01 -23.72
N VAL A 11 -9.76 67.15 -22.38
CA VAL A 11 -8.94 66.42 -21.42
C VAL A 11 -9.73 65.40 -20.59
N GLY A 12 -11.01 65.21 -20.89
CA GLY A 12 -11.87 64.24 -20.22
C GLY A 12 -11.96 62.95 -21.04
N LEU A 13 -13.13 62.69 -21.63
CA LEU A 13 -13.49 61.41 -22.25
C LEU A 13 -13.45 60.28 -21.20
N CYS A 14 -13.48 59.01 -21.66
CA CYS A 14 -13.21 57.78 -20.92
C CYS A 14 -13.87 57.69 -19.54
N PHE A 15 -15.09 57.17 -19.50
CA PHE A 15 -15.88 56.95 -18.27
C PHE A 15 -16.08 55.44 -18.01
N PRO A 16 -15.06 54.71 -17.53
CA PRO A 16 -15.21 53.31 -17.15
C PRO A 16 -15.93 53.17 -15.81
N MET A 17 -17.11 52.53 -15.78
CA MET A 17 -17.89 52.37 -14.55
C MET A 17 -18.46 50.95 -14.37
N ARG A 18 -18.00 49.95 -15.14
CA ARG A 18 -18.58 48.62 -15.17
C ARG A 18 -17.56 47.59 -14.73
N THR A 19 -17.62 47.25 -13.45
CA THR A 19 -17.04 46.06 -12.84
C THR A 19 -17.83 45.77 -11.55
N TYR A 20 -17.65 44.59 -10.94
CA TYR A 20 -18.28 44.17 -9.67
C TYR A 20 -17.87 42.73 -9.24
N SER A 21 -16.65 42.27 -9.52
CA SER A 21 -16.22 40.86 -9.36
C SER A 21 -17.17 39.86 -10.05
N LYS A 22 -16.91 39.55 -11.31
CA LYS A 22 -17.52 38.41 -11.99
C LYS A 22 -16.46 37.79 -12.90
N GLN A 23 -15.48 37.14 -12.29
CA GLN A 23 -14.38 36.49 -12.98
C GLN A 23 -13.79 35.45 -12.01
N SER A 24 -13.41 34.29 -12.56
CA SER A 24 -12.78 33.17 -11.89
C SER A 24 -13.63 32.50 -10.78
N LYS A 25 -13.29 31.25 -10.44
CA LYS A 25 -13.90 30.46 -9.36
C LYS A 25 -12.97 29.29 -9.01
N PRO A 26 -11.81 29.55 -8.37
CA PRO A 26 -10.86 28.52 -7.97
C PRO A 26 -11.38 27.75 -6.75
N LEU A 27 -12.16 26.70 -6.98
CA LEU A 27 -12.86 25.95 -5.94
C LEU A 27 -12.54 24.48 -6.11
N PHE A 28 -11.93 23.85 -5.09
CA PHE A 28 -11.57 22.45 -5.16
C PHE A 28 -11.94 21.77 -3.85
N SER A 29 -12.64 20.64 -3.94
CA SER A 29 -13.23 19.92 -2.82
C SER A 29 -13.32 18.43 -3.20
N ASN A 30 -12.39 17.62 -2.69
CA ASN A 30 -12.25 16.19 -3.04
C ASN A 30 -11.86 15.32 -1.83
N LYS A 31 -11.38 15.91 -0.73
CA LYS A 31 -10.85 15.23 0.46
C LYS A 31 -9.71 14.24 0.14
N ARG A 32 -9.20 13.57 1.18
CA ARG A 32 -8.41 12.33 1.22
C ARG A 32 -8.44 11.84 2.67
N LYS A 33 -8.06 10.59 2.90
CA LYS A 33 -7.64 10.00 4.17
C LYS A 33 -6.69 8.84 3.88
N ILE A 34 -6.24 8.19 4.94
CA ILE A 34 -5.51 6.92 4.99
C ILE A 34 -6.41 5.81 4.42
N HIS A 35 -5.82 4.65 4.10
CA HIS A 35 -6.54 3.49 3.62
C HIS A 35 -6.55 2.40 4.69
N LEU A 36 -7.52 1.48 4.60
CA LEU A 36 -7.60 0.28 5.45
C LEU A 36 -6.67 -0.84 4.95
N SER A 37 -6.15 -0.67 3.73
CA SER A 37 -5.15 -1.51 3.12
C SER A 37 -4.09 -0.58 2.54
N GLU A 38 -3.45 0.23 3.39
CA GLU A 38 -2.16 0.82 3.10
C GLU A 38 -1.10 -0.28 3.11
N LEU A 39 -1.19 -1.23 4.05
CA LEU A 39 -0.21 -2.27 4.38
C LEU A 39 1.18 -1.65 4.66
N MET A 40 2.22 -2.48 4.80
CA MET A 40 3.57 -2.07 5.19
C MET A 40 4.58 -3.13 4.69
N LEU A 41 5.86 -3.01 5.06
CA LEU A 41 6.99 -3.87 4.69
C LEU A 41 7.38 -3.69 3.23
N GLU A 42 8.68 -3.74 2.95
CA GLU A 42 9.21 -3.69 1.59
C GLU A 42 10.46 -4.54 1.36
N LYS A 43 10.94 -5.26 2.37
CA LYS A 43 12.24 -5.93 2.34
C LYS A 43 12.17 -7.17 3.21
N CYS A 44 12.79 -8.25 2.74
CA CYS A 44 12.79 -9.55 3.39
C CYS A 44 14.02 -10.33 2.91
N PRO A 45 15.20 -10.19 3.53
CA PRO A 45 16.41 -10.86 3.07
C PRO A 45 16.44 -12.38 3.33
N PHE A 46 15.43 -12.93 4.03
CA PHE A 46 15.42 -14.33 4.43
C PHE A 46 15.26 -15.25 3.22
N PRO A 47 15.91 -16.42 3.24
CA PRO A 47 15.82 -17.38 2.15
C PRO A 47 14.39 -17.92 2.03
N ALA A 48 13.97 -18.20 0.79
CA ALA A 48 12.69 -18.83 0.47
C ALA A 48 12.73 -20.31 0.88
N GLY A 49 12.64 -20.55 2.19
CA GLY A 49 12.80 -21.83 2.83
C GLY A 49 13.15 -21.61 4.30
N SER A 50 12.45 -20.70 4.96
CA SER A 50 12.64 -20.37 6.37
C SER A 50 11.31 -19.81 6.87
N ASP A 51 10.98 -20.07 8.13
CA ASP A 51 9.76 -19.55 8.76
C ASP A 51 9.79 -18.04 8.90
N LEU A 52 10.97 -17.42 8.82
CA LEU A 52 11.06 -15.97 8.77
C LEU A 52 10.48 -15.49 7.44
N ALA A 53 10.84 -16.14 6.34
CA ALA A 53 10.26 -15.86 5.04
C ALA A 53 8.76 -16.17 5.07
N GLN A 54 8.34 -17.31 5.65
CA GLN A 54 6.90 -17.62 5.77
C GLN A 54 6.16 -16.52 6.54
N LYS A 55 6.80 -15.83 7.50
CA LYS A 55 6.13 -14.86 8.35
C LYS A 55 6.04 -13.53 7.62
N TRP A 56 6.94 -13.27 6.66
CA TRP A 56 6.88 -12.03 5.93
C TRP A 56 5.52 -11.99 5.21
N HIS A 57 5.27 -12.96 4.35
CA HIS A 57 4.07 -13.04 3.51
C HIS A 57 2.81 -13.14 4.37
N LEU A 58 2.88 -13.89 5.47
CA LEU A 58 1.80 -14.05 6.43
C LEU A 58 1.25 -12.69 6.86
N ILE A 59 2.13 -11.80 7.32
CA ILE A 59 1.73 -10.54 7.95
C ILE A 59 1.69 -9.41 6.92
N LYS A 60 2.54 -9.47 5.88
CA LYS A 60 2.70 -8.55 4.73
C LYS A 60 2.68 -7.05 5.04
N GLN A 61 3.01 -6.72 6.28
CA GLN A 61 2.90 -5.38 6.86
C GLN A 61 4.00 -5.22 7.90
N HIS A 62 4.00 -6.13 8.87
CA HIS A 62 4.98 -6.18 9.93
C HIS A 62 6.23 -6.89 9.42
N THR A 63 7.27 -6.12 9.08
CA THR A 63 8.61 -6.65 8.88
C THR A 63 9.16 -7.23 10.20
N ALA A 64 10.22 -8.03 10.08
CA ALA A 64 11.04 -8.53 11.18
C ALA A 64 12.50 -8.39 10.73
N PRO A 65 13.13 -7.21 10.81
CA PRO A 65 14.46 -6.96 10.25
C PRO A 65 15.55 -7.49 11.19
N VAL A 66 15.59 -8.81 11.41
CA VAL A 66 16.51 -9.46 12.33
C VAL A 66 17.69 -10.05 11.53
N SER A 67 18.49 -9.14 10.95
CA SER A 67 19.71 -9.47 10.20
C SER A 67 19.44 -10.31 8.94
N PRO A 68 20.41 -10.46 8.02
CA PRO A 68 20.40 -11.58 7.09
C PRO A 68 20.78 -12.86 7.87
N HIS A 69 19.93 -13.28 8.84
CA HIS A 69 20.18 -14.26 9.90
C HIS A 69 21.11 -13.65 10.97
N SER A 70 20.77 -13.88 12.24
CA SER A 70 21.66 -13.91 13.38
C SER A 70 21.03 -14.90 14.37
N ARG A 1 -29.03 -6.42 60.42
CA ARG A 1 -28.25 -5.65 59.45
C ARG A 1 -28.12 -6.50 58.18
N SER A 2 -27.64 -5.93 57.09
CA SER A 2 -27.52 -6.56 55.78
C SER A 2 -26.18 -6.16 55.16
N LEU A 3 -25.84 -6.74 54.00
CA LEU A 3 -24.62 -6.46 53.24
C LEU A 3 -24.81 -6.98 51.81
N ARG A 4 -23.81 -6.74 50.96
CA ARG A 4 -23.62 -7.32 49.62
C ARG A 4 -24.89 -7.33 48.76
N GLN A 5 -25.36 -6.15 48.39
CA GLN A 5 -26.34 -5.99 47.32
C GLN A 5 -25.70 -6.50 46.01
N ARG A 6 -26.47 -7.16 45.14
CA ARG A 6 -26.21 -7.24 43.71
C ARG A 6 -27.53 -7.43 42.98
N LEU A 7 -27.57 -7.18 41.67
CA LEU A 7 -28.69 -7.50 40.80
C LEU A 7 -28.15 -7.79 39.39
N GLN A 8 -28.83 -8.60 38.60
CA GLN A 8 -28.52 -8.91 37.21
C GLN A 8 -29.83 -9.30 36.51
N ASP A 9 -29.75 -9.80 35.27
CA ASP A 9 -30.85 -10.33 34.45
C ASP A 9 -31.97 -9.31 34.17
N THR A 10 -31.60 -8.04 34.24
CA THR A 10 -32.45 -6.86 34.14
C THR A 10 -32.16 -6.09 32.84
N VAL A 11 -31.14 -6.48 32.08
CA VAL A 11 -30.58 -5.66 30.99
C VAL A 11 -31.22 -6.11 29.68
N GLY A 12 -32.55 -6.07 29.67
CA GLY A 12 -33.43 -6.59 28.65
C GLY A 12 -34.74 -6.92 29.36
N LEU A 13 -34.64 -7.75 30.40
CA LEU A 13 -35.74 -8.17 31.28
C LEU A 13 -36.75 -9.02 30.51
N CYS A 14 -37.51 -9.85 31.23
CA CYS A 14 -38.29 -10.95 30.70
C CYS A 14 -37.50 -11.78 29.66
N PHE A 15 -36.25 -12.04 29.99
CA PHE A 15 -35.29 -12.95 29.39
C PHE A 15 -34.68 -12.45 28.06
N PRO A 16 -33.50 -12.99 27.69
CA PRO A 16 -32.70 -12.52 26.56
C PRO A 16 -33.23 -13.03 25.22
N MET A 17 -32.45 -12.86 24.15
CA MET A 17 -32.76 -13.34 22.80
C MET A 17 -34.00 -12.62 22.28
N ARG A 18 -33.96 -11.28 22.42
CA ARG A 18 -35.09 -10.36 22.26
C ARG A 18 -34.74 -9.10 21.46
N THR A 19 -33.55 -9.00 20.88
CA THR A 19 -33.11 -7.76 20.24
C THR A 19 -32.14 -8.11 19.12
N TYR A 20 -32.57 -7.83 17.89
CA TYR A 20 -31.84 -8.15 16.66
C TYR A 20 -32.02 -7.08 15.57
N SER A 21 -32.36 -5.84 15.95
CA SER A 21 -32.44 -4.68 15.06
C SER A 21 -31.03 -4.21 14.62
N LYS A 22 -30.24 -5.13 14.03
CA LYS A 22 -28.82 -4.96 13.76
C LYS A 22 -28.41 -5.75 12.50
N GLN A 23 -29.34 -5.94 11.55
CA GLN A 23 -29.10 -6.76 10.36
C GLN A 23 -28.65 -5.93 9.15
N SER A 24 -28.28 -4.66 9.34
CA SER A 24 -28.14 -3.67 8.27
C SER A 24 -26.80 -2.94 8.44
N LYS A 25 -25.76 -3.32 7.68
CA LYS A 25 -24.40 -2.77 7.77
C LYS A 25 -23.81 -2.57 6.37
N PRO A 26 -24.13 -1.49 5.66
CA PRO A 26 -23.48 -1.13 4.40
C PRO A 26 -22.07 -0.61 4.67
N LEU A 27 -21.10 -1.51 4.77
CA LEU A 27 -19.72 -1.19 5.11
C LEU A 27 -18.83 -1.30 3.86
N PHE A 28 -17.78 -0.49 3.75
CA PHE A 28 -16.89 -0.47 2.59
C PHE A 28 -15.43 -0.32 2.99
N SER A 29 -15.09 -0.85 4.17
CA SER A 29 -13.71 -0.98 4.61
C SER A 29 -13.65 -2.10 5.63
N ASN A 30 -12.58 -2.89 5.61
CA ASN A 30 -12.29 -3.84 6.69
C ASN A 30 -12.24 -3.12 8.03
N LYS A 31 -11.53 -1.99 8.04
CA LYS A 31 -11.31 -1.19 9.23
C LYS A 31 -11.44 0.29 8.92
N ARG A 32 -10.41 0.93 8.35
CA ARG A 32 -10.40 2.36 8.09
C ARG A 32 -9.89 2.63 6.69
N LYS A 33 -8.57 2.65 6.50
CA LYS A 33 -7.87 2.91 5.26
C LYS A 33 -7.15 1.61 4.94
N ILE A 34 -7.54 0.95 3.85
CA ILE A 34 -6.90 -0.23 3.30
C ILE A 34 -6.79 -0.01 1.82
N HIS A 35 -5.74 -0.62 1.27
CA HIS A 35 -5.46 -0.74 -0.12
C HIS A 35 -4.63 -2.02 -0.27
N LEU A 36 -4.46 -2.51 -1.49
CA LEU A 36 -3.70 -3.73 -1.79
C LEU A 36 -2.28 -3.65 -1.27
N SER A 37 -1.76 -2.45 -1.06
CA SER A 37 -0.47 -2.13 -0.46
C SER A 37 -0.13 -2.93 0.80
N GLU A 38 -1.11 -3.14 1.66
CA GLU A 38 -1.02 -3.84 2.92
C GLU A 38 -0.96 -5.37 2.72
N LEU A 39 -1.39 -5.85 1.54
CA LEU A 39 -1.53 -7.24 1.16
C LEU A 39 -0.91 -7.51 -0.20
N MET A 40 0.42 -7.37 -0.25
CA MET A 40 1.23 -7.82 -1.37
C MET A 40 2.67 -8.04 -0.93
N LEU A 41 3.33 -9.09 -1.45
CA LEU A 41 4.76 -9.31 -1.28
C LEU A 41 5.49 -8.06 -1.72
N GLU A 42 6.50 -7.68 -0.96
CA GLU A 42 7.18 -6.41 -1.13
C GLU A 42 8.70 -6.53 -1.08
N LYS A 43 9.21 -7.71 -0.77
CA LYS A 43 10.61 -8.11 -0.66
C LYS A 43 10.60 -9.55 -0.15
N CYS A 44 11.75 -10.19 -0.05
CA CYS A 44 11.91 -11.49 0.54
C CYS A 44 13.38 -11.58 0.99
N PRO A 45 13.72 -11.01 2.16
CA PRO A 45 15.10 -10.91 2.67
C PRO A 45 15.65 -12.24 3.22
N PHE A 46 14.82 -13.28 3.27
CA PHE A 46 15.18 -14.62 3.70
C PHE A 46 14.94 -15.59 2.54
N PRO A 47 15.52 -16.78 2.57
CA PRO A 47 15.20 -17.83 1.63
C PRO A 47 13.75 -18.27 1.83
N ALA A 48 13.09 -18.60 0.72
CA ALA A 48 11.85 -19.34 0.75
C ALA A 48 12.13 -20.67 1.45
N GLY A 49 11.29 -21.02 2.41
CA GLY A 49 11.52 -22.10 3.34
C GLY A 49 12.42 -21.64 4.47
N SER A 50 11.92 -20.67 5.24
CA SER A 50 12.44 -20.35 6.56
C SER A 50 11.31 -19.72 7.41
N ASP A 51 11.59 -19.48 8.69
CA ASP A 51 10.62 -19.25 9.76
C ASP A 51 10.12 -17.81 9.73
N LEU A 52 11.07 -16.87 9.83
CA LEU A 52 10.86 -15.47 9.59
C LEU A 52 10.23 -15.31 8.24
N ALA A 53 10.72 -16.07 7.26
CA ALA A 53 10.43 -15.84 5.86
C ALA A 53 8.92 -15.94 5.64
N GLN A 54 8.37 -17.06 6.11
CA GLN A 54 6.96 -17.38 6.12
C GLN A 54 6.19 -16.35 6.97
N LYS A 55 6.55 -16.19 8.26
CA LYS A 55 5.83 -15.31 9.17
C LYS A 55 5.74 -13.88 8.65
N TRP A 56 6.82 -13.34 8.07
CA TRP A 56 6.82 -11.99 7.52
C TRP A 56 5.95 -11.93 6.27
N HIS A 57 6.18 -12.83 5.32
CA HIS A 57 5.46 -12.85 4.05
C HIS A 57 3.94 -12.95 4.27
N LEU A 58 3.51 -13.71 5.28
CA LEU A 58 2.12 -13.85 5.67
C LEU A 58 1.53 -12.50 6.08
N ILE A 59 2.17 -11.77 7.01
CA ILE A 59 1.65 -10.46 7.42
C ILE A 59 1.74 -9.47 6.25
N LYS A 60 2.58 -9.73 5.24
CA LYS A 60 2.77 -8.86 4.10
C LYS A 60 1.75 -9.12 2.98
N GLN A 61 1.12 -10.29 2.89
CA GLN A 61 0.07 -10.59 1.92
C GLN A 61 -0.74 -11.78 2.43
N HIS A 62 -2.06 -11.79 2.23
CA HIS A 62 -2.97 -12.85 2.70
C HIS A 62 -3.03 -12.90 4.22
N THR A 63 -3.14 -11.73 4.84
CA THR A 63 -3.60 -11.54 6.22
C THR A 63 -4.68 -10.46 6.24
N ALA A 64 -5.20 -10.12 7.42
CA ALA A 64 -5.95 -8.91 7.68
C ALA A 64 -5.40 -8.26 8.97
N PRO A 65 -4.23 -7.60 8.92
CA PRO A 65 -3.64 -6.94 10.08
C PRO A 65 -4.44 -5.68 10.46
N VAL A 66 -4.19 -5.14 11.65
CA VAL A 66 -5.12 -4.24 12.33
C VAL A 66 -4.46 -2.90 12.70
N SER A 67 -3.31 -2.59 12.09
CA SER A 67 -2.50 -1.45 12.46
C SER A 67 -1.89 -0.83 11.21
N PRO A 68 -2.68 -0.12 10.37
CA PRO A 68 -2.25 0.46 9.10
C PRO A 68 -1.38 1.70 9.35
N HIS A 69 -0.18 1.45 9.88
CA HIS A 69 0.87 2.42 10.16
C HIS A 69 1.47 2.97 8.87
N SER A 70 1.50 2.14 7.81
CA SER A 70 2.01 2.49 6.50
C SER A 70 0.82 2.98 5.70
N ARG A 1 -42.63 76.78 20.23
CA ARG A 1 -41.44 77.62 20.35
C ARG A 1 -40.74 77.06 21.59
N SER A 2 -39.72 76.22 21.40
CA SER A 2 -39.29 75.28 22.44
C SER A 2 -37.77 75.06 22.50
N LEU A 3 -37.02 75.83 21.71
CA LEU A 3 -35.56 75.71 21.52
C LEU A 3 -35.16 74.31 21.01
N ARG A 4 -33.86 74.10 20.78
CA ARG A 4 -33.30 73.00 19.97
C ARG A 4 -33.97 72.98 18.59
N GLN A 5 -33.79 71.90 17.82
CA GLN A 5 -34.44 71.69 16.53
C GLN A 5 -34.33 70.20 16.24
N ARG A 6 -33.22 69.75 15.65
CA ARG A 6 -32.82 68.35 15.70
C ARG A 6 -32.51 67.96 17.16
N LEU A 7 -32.38 66.66 17.36
CA LEU A 7 -31.79 65.99 18.51
C LEU A 7 -30.89 64.96 17.86
N GLN A 8 -29.59 65.21 17.85
CA GLN A 8 -28.56 64.41 17.22
C GLN A 8 -27.25 64.79 17.94
N ASP A 9 -27.12 64.33 19.18
CA ASP A 9 -26.25 64.86 20.22
C ASP A 9 -25.33 63.75 20.73
N THR A 10 -25.48 62.55 20.15
CA THR A 10 -25.01 61.28 20.69
C THR A 10 -23.99 60.61 19.76
N VAL A 11 -23.72 61.23 18.60
CA VAL A 11 -22.65 60.84 17.67
C VAL A 11 -22.71 59.36 17.24
N GLY A 12 -23.88 58.72 17.27
CA GLY A 12 -24.05 57.31 16.96
C GLY A 12 -23.91 57.07 15.46
N LEU A 13 -22.75 56.60 15.01
CA LEU A 13 -22.48 56.24 13.63
C LEU A 13 -21.61 54.98 13.64
N CYS A 14 -21.78 54.07 12.68
CA CYS A 14 -20.91 52.92 12.49
C CYS A 14 -20.94 52.51 11.01
N PHE A 15 -20.01 51.63 10.60
CA PHE A 15 -19.96 50.97 9.31
C PHE A 15 -19.67 49.48 9.55
N PRO A 16 -20.70 48.66 9.81
CA PRO A 16 -20.57 47.21 9.89
C PRO A 16 -20.39 46.61 8.47
N MET A 17 -20.27 45.28 8.39
CA MET A 17 -20.29 44.51 7.15
C MET A 17 -19.07 44.83 6.30
N ARG A 18 -17.91 44.92 6.94
CA ARG A 18 -16.65 45.28 6.30
C ARG A 18 -15.52 44.28 6.61
N THR A 19 -15.81 43.13 7.20
CA THR A 19 -14.86 42.37 7.99
C THR A 19 -14.96 40.86 7.69
N TYR A 20 -14.10 40.13 8.39
CA TYR A 20 -13.98 38.69 8.58
C TYR A 20 -13.37 37.96 7.38
N SER A 21 -12.71 38.72 6.51
CA SER A 21 -12.00 38.29 5.30
C SER A 21 -10.77 37.39 5.55
N LYS A 22 -10.61 36.83 6.76
CA LYS A 22 -9.42 36.09 7.18
C LYS A 22 -9.79 35.12 8.31
N GLN A 23 -10.66 34.15 8.06
CA GLN A 23 -11.14 33.17 9.03
C GLN A 23 -11.47 31.85 8.33
N SER A 24 -11.76 30.81 9.14
CA SER A 24 -12.37 29.56 8.71
C SER A 24 -11.56 28.86 7.61
N LYS A 25 -10.50 28.19 8.04
CA LYS A 25 -9.50 27.51 7.23
C LYS A 25 -8.88 26.39 8.06
N PRO A 26 -9.55 25.24 8.20
CA PRO A 26 -9.02 24.11 8.95
C PRO A 26 -7.81 23.56 8.19
N LEU A 27 -6.62 23.59 8.81
CA LEU A 27 -5.38 23.09 8.23
C LEU A 27 -4.35 22.87 9.33
N PHE A 28 -3.33 22.02 9.08
CA PHE A 28 -2.27 21.78 10.05
C PHE A 28 -0.96 21.29 9.42
N SER A 29 -0.69 21.59 8.15
CA SER A 29 0.55 21.22 7.44
C SER A 29 0.83 19.71 7.57
N ASN A 30 -0.02 18.92 6.91
CA ASN A 30 -0.38 17.58 7.34
C ASN A 30 -0.62 16.64 6.15
N LYS A 31 0.29 16.59 5.16
CA LYS A 31 0.25 15.60 4.06
C LYS A 31 1.55 14.78 4.04
N ARG A 32 1.44 13.44 4.00
CA ARG A 32 2.59 12.58 3.69
C ARG A 32 2.29 11.46 2.70
N LYS A 33 1.05 10.94 2.64
CA LYS A 33 0.58 10.02 1.61
C LYS A 33 1.32 8.69 1.61
N ILE A 34 2.12 8.41 2.63
CA ILE A 34 2.96 7.24 2.80
C ILE A 34 2.67 6.71 4.20
N HIS A 35 2.80 5.40 4.42
CA HIS A 35 2.45 4.78 5.69
C HIS A 35 3.69 4.42 6.50
N LEU A 36 3.53 4.18 7.80
CA LEU A 36 4.65 4.07 8.75
C LEU A 36 5.57 2.90 8.41
N SER A 37 5.00 1.79 7.97
CA SER A 37 5.80 0.64 7.55
C SER A 37 6.33 0.81 6.13
N GLU A 38 5.66 1.65 5.32
CA GLU A 38 5.36 1.43 3.90
C GLU A 38 4.70 0.07 3.65
N LEU A 39 3.84 -0.05 2.63
CA LEU A 39 3.39 -1.35 2.13
C LEU A 39 4.18 -1.65 0.87
N MET A 40 4.16 -2.91 0.42
CA MET A 40 4.97 -3.42 -0.70
C MET A 40 6.43 -2.98 -0.62
N LEU A 41 6.99 -2.96 0.59
CA LEU A 41 8.42 -2.76 0.84
C LEU A 41 9.22 -3.87 0.13
N GLU A 42 10.53 -3.72 0.05
CA GLU A 42 11.39 -4.71 -0.57
C GLU A 42 12.53 -4.99 0.41
N LYS A 43 12.21 -5.61 1.54
CA LYS A 43 13.14 -5.85 2.64
C LYS A 43 12.75 -7.14 3.35
N CYS A 44 13.10 -8.28 2.76
CA CYS A 44 12.91 -9.60 3.33
C CYS A 44 14.11 -10.45 2.88
N PRO A 45 15.25 -10.40 3.60
CA PRO A 45 16.50 -11.01 3.14
C PRO A 45 16.56 -12.53 3.35
N PHE A 46 15.55 -13.14 3.99
CA PHE A 46 15.63 -14.52 4.41
C PHE A 46 15.56 -15.44 3.18
N PRO A 47 16.29 -16.56 3.18
CA PRO A 47 16.24 -17.54 2.12
C PRO A 47 14.89 -18.27 2.14
N ALA A 48 14.41 -18.65 0.96
CA ALA A 48 13.19 -19.43 0.81
C ALA A 48 13.32 -20.73 1.60
N GLY A 49 12.21 -21.12 2.22
CA GLY A 49 12.16 -22.26 3.10
C GLY A 49 12.50 -21.93 4.55
N SER A 50 12.95 -20.70 4.85
CA SER A 50 13.01 -20.26 6.23
C SER A 50 11.57 -20.11 6.77
N ASP A 51 11.41 -20.39 8.08
CA ASP A 51 10.29 -19.93 8.89
C ASP A 51 10.05 -18.45 8.59
N LEU A 52 11.10 -17.63 8.72
CA LEU A 52 10.99 -16.19 8.71
C LEU A 52 10.49 -15.68 7.35
N ALA A 53 10.95 -16.31 6.26
CA ALA A 53 10.54 -15.99 4.90
C ALA A 53 9.05 -16.29 4.71
N GLN A 54 8.59 -17.45 5.20
CA GLN A 54 7.20 -17.85 5.08
C GLN A 54 6.31 -17.00 5.99
N LYS A 55 6.73 -16.73 7.23
CA LYS A 55 5.97 -15.95 8.20
C LYS A 55 5.69 -14.54 7.69
N TRP A 56 6.56 -13.95 6.86
CA TRP A 56 6.31 -12.65 6.22
C TRP A 56 4.94 -12.63 5.53
N HIS A 57 4.51 -13.73 4.90
CA HIS A 57 3.23 -13.79 4.19
C HIS A 57 2.01 -13.80 5.14
N LEU A 58 2.21 -13.95 6.46
CA LEU A 58 1.14 -13.77 7.45
C LEU A 58 0.77 -12.28 7.53
N ILE A 59 1.78 -11.43 7.62
CA ILE A 59 1.63 -9.97 7.69
C ILE A 59 1.28 -9.43 6.30
N LYS A 60 1.85 -10.03 5.24
CA LYS A 60 1.68 -9.79 3.80
C LYS A 60 1.68 -8.30 3.43
N GLN A 61 2.88 -7.80 3.05
CA GLN A 61 3.26 -6.40 3.00
C GLN A 61 3.23 -5.78 4.41
N HIS A 62 3.66 -4.53 4.51
CA HIS A 62 3.50 -3.66 5.69
C HIS A 62 4.27 -4.09 6.95
N THR A 63 5.28 -4.95 6.81
CA THR A 63 6.14 -5.45 7.88
C THR A 63 7.02 -4.34 8.50
N ALA A 64 6.44 -3.61 9.46
CA ALA A 64 7.10 -2.71 10.39
C ALA A 64 7.89 -3.50 11.45
N PRO A 65 8.79 -2.87 12.22
CA PRO A 65 9.62 -3.58 13.18
C PRO A 65 8.77 -4.05 14.37
N VAL A 66 9.08 -5.22 14.89
CA VAL A 66 8.33 -5.89 15.97
C VAL A 66 9.28 -6.88 16.67
N SER A 67 8.91 -7.34 17.86
CA SER A 67 9.59 -8.41 18.61
C SER A 67 11.12 -8.23 18.59
N PRO A 68 11.65 -7.14 19.18
CA PRO A 68 13.01 -6.67 18.92
C PRO A 68 14.03 -7.52 19.70
N HIS A 69 14.31 -8.71 19.18
CA HIS A 69 14.83 -9.85 19.95
C HIS A 69 13.92 -10.13 21.14
N SER A 70 12.69 -10.54 20.83
CA SER A 70 11.84 -11.34 21.68
C SER A 70 11.15 -12.32 20.72
N ARG A 1 49.82 -29.89 -69.07
CA ARG A 1 48.98 -30.27 -70.22
C ARG A 1 47.95 -29.19 -70.60
N SER A 2 48.17 -27.95 -70.17
CA SER A 2 47.45 -26.77 -70.61
C SER A 2 48.38 -25.57 -70.32
N LEU A 3 48.11 -24.41 -70.91
CA LEU A 3 48.92 -23.20 -70.84
C LEU A 3 48.06 -22.03 -70.36
N ARG A 4 47.11 -22.30 -69.45
CA ARG A 4 45.92 -21.46 -69.25
C ARG A 4 45.13 -21.37 -70.56
N GLN A 5 44.11 -20.51 -70.61
CA GLN A 5 43.27 -20.22 -71.77
C GLN A 5 42.31 -19.07 -71.45
N ARG A 6 41.77 -18.99 -70.23
CA ARG A 6 40.85 -17.91 -69.86
C ARG A 6 41.57 -16.56 -69.94
N LEU A 7 40.85 -15.54 -70.35
CA LEU A 7 41.31 -14.14 -70.41
C LEU A 7 40.39 -13.19 -69.62
N GLN A 8 39.39 -13.73 -68.93
CA GLN A 8 38.59 -12.98 -67.98
C GLN A 8 39.50 -12.72 -66.77
N ASP A 9 39.94 -11.48 -66.62
CA ASP A 9 40.86 -10.99 -65.59
C ASP A 9 40.46 -9.55 -65.27
N THR A 10 39.25 -9.16 -65.68
CA THR A 10 38.75 -7.80 -65.71
C THR A 10 38.32 -7.30 -64.32
N VAL A 11 38.63 -8.07 -63.27
CA VAL A 11 38.49 -7.72 -61.86
C VAL A 11 37.04 -7.35 -61.45
N GLY A 12 36.02 -7.73 -62.23
CA GLY A 12 34.63 -7.41 -61.96
C GLY A 12 33.74 -8.56 -62.40
N LEU A 13 32.88 -9.04 -61.50
CA LEU A 13 31.88 -10.08 -61.75
C LEU A 13 30.71 -9.88 -60.79
N CYS A 14 29.72 -9.09 -61.22
CA CYS A 14 28.50 -8.73 -60.49
C CYS A 14 28.76 -7.96 -59.18
N PHE A 15 27.68 -7.52 -58.53
CA PHE A 15 27.72 -6.70 -57.32
C PHE A 15 26.35 -6.77 -56.61
N PRO A 16 26.09 -7.77 -55.75
CA PRO A 16 24.95 -7.74 -54.85
C PRO A 16 25.20 -6.68 -53.77
N MET A 17 24.19 -5.88 -53.44
CA MET A 17 24.29 -4.86 -52.39
C MET A 17 22.94 -4.60 -51.67
N ARG A 18 21.94 -5.45 -51.88
CA ARG A 18 20.71 -5.45 -51.07
C ARG A 18 20.41 -6.90 -50.77
N THR A 19 20.25 -7.23 -49.49
CA THR A 19 19.69 -8.48 -49.01
C THR A 19 19.22 -8.24 -47.56
N TYR A 20 18.85 -9.30 -46.85
CA TYR A 20 18.58 -9.33 -45.40
C TYR A 20 17.27 -8.63 -45.04
N SER A 21 16.36 -8.58 -46.00
CA SER A 21 15.18 -7.73 -46.06
C SER A 21 13.92 -8.60 -45.89
N LYS A 22 13.77 -9.30 -44.76
CA LYS A 22 12.70 -10.28 -44.57
C LYS A 22 12.28 -10.37 -43.11
N GLN A 23 12.11 -9.21 -42.48
CA GLN A 23 11.76 -9.11 -41.07
C GLN A 23 10.25 -9.17 -40.92
N SER A 24 9.76 -9.97 -39.97
CA SER A 24 8.34 -10.05 -39.66
C SER A 24 8.23 -10.65 -38.26
N LYS A 25 7.99 -9.81 -37.26
CA LYS A 25 7.77 -10.21 -35.87
C LYS A 25 6.68 -9.30 -35.30
N PRO A 26 5.40 -9.55 -35.62
CA PRO A 26 4.29 -8.83 -35.00
C PRO A 26 4.08 -9.26 -33.54
N LEU A 27 3.09 -8.65 -32.89
CA LEU A 27 2.45 -9.09 -31.66
C LEU A 27 1.07 -8.47 -31.62
N PHE A 28 0.29 -8.80 -30.59
CA PHE A 28 -0.85 -8.03 -30.16
C PHE A 28 -0.93 -8.09 -28.63
N SER A 29 -1.26 -6.99 -27.95
CA SER A 29 -1.56 -7.01 -26.51
C SER A 29 -2.24 -5.70 -26.10
N ASN A 30 -2.78 -5.66 -24.87
CA ASN A 30 -3.16 -4.42 -24.17
C ASN A 30 -2.21 -4.17 -22.99
N LYS A 31 -0.93 -4.52 -23.11
CA LYS A 31 0.11 -4.16 -22.14
C LYS A 31 -0.23 -4.64 -20.71
N ARG A 32 0.47 -4.08 -19.71
CA ARG A 32 0.39 -4.24 -18.25
C ARG A 32 0.67 -5.65 -17.75
N LYS A 33 1.05 -5.78 -16.48
CA LYS A 33 1.44 -7.05 -15.85
C LYS A 33 1.17 -7.13 -14.34
N ILE A 34 0.40 -6.20 -13.77
CA ILE A 34 0.05 -6.18 -12.35
C ILE A 34 -1.46 -6.03 -12.25
N HIS A 35 -2.09 -6.94 -11.49
CA HIS A 35 -3.50 -6.95 -11.18
C HIS A 35 -3.79 -5.84 -10.16
N LEU A 36 -4.98 -5.23 -10.15
CA LEU A 36 -5.25 -4.14 -9.20
C LEU A 36 -5.46 -4.63 -7.76
N SER A 37 -5.61 -5.94 -7.56
CA SER A 37 -5.91 -6.58 -6.29
C SER A 37 -4.73 -7.44 -5.80
N GLU A 38 -3.56 -7.34 -6.43
CA GLU A 38 -2.41 -8.23 -6.27
C GLU A 38 -1.97 -8.43 -4.81
N LEU A 39 -2.27 -9.61 -4.26
CA LEU A 39 -2.06 -10.01 -2.87
C LEU A 39 -1.33 -11.35 -2.79
N MET A 40 -0.72 -11.62 -1.63
CA MET A 40 -0.06 -12.88 -1.26
C MET A 40 0.98 -13.30 -2.30
N LEU A 41 2.07 -12.53 -2.32
CA LEU A 41 3.28 -12.79 -3.09
C LEU A 41 4.13 -13.87 -2.44
N GLU A 42 5.04 -14.46 -3.23
CA GLU A 42 5.94 -15.51 -2.78
C GLU A 42 7.38 -15.23 -3.22
N LYS A 43 7.98 -14.14 -2.73
CA LYS A 43 9.25 -13.63 -3.24
C LYS A 43 10.03 -12.86 -2.17
N CYS A 44 10.04 -13.36 -0.93
CA CYS A 44 10.71 -12.74 0.18
C CYS A 44 12.25 -12.74 0.03
N PRO A 45 12.97 -11.90 0.80
CA PRO A 45 14.42 -11.81 0.78
C PRO A 45 15.07 -12.76 1.81
N PHE A 46 14.37 -13.11 2.89
CA PHE A 46 14.84 -14.15 3.78
C PHE A 46 14.86 -15.48 2.99
N PRO A 47 15.83 -16.35 3.27
CA PRO A 47 16.22 -17.44 2.39
C PRO A 47 15.16 -18.53 2.22
N ALA A 48 15.34 -19.39 1.22
CA ALA A 48 14.51 -20.54 0.95
C ALA A 48 14.67 -21.53 2.09
N GLY A 49 13.59 -21.75 2.85
CA GLY A 49 13.53 -22.64 3.99
C GLY A 49 13.45 -21.90 5.32
N SER A 50 13.67 -20.59 5.34
CA SER A 50 13.51 -19.80 6.55
C SER A 50 12.03 -19.64 6.85
N ASP A 51 11.57 -19.96 8.06
CA ASP A 51 10.16 -19.75 8.40
C ASP A 51 9.89 -18.26 8.56
N LEU A 52 10.93 -17.45 8.73
CA LEU A 52 10.86 -16.02 8.84
C LEU A 52 10.34 -15.41 7.54
N ALA A 53 10.67 -15.97 6.37
CA ALA A 53 10.13 -15.55 5.09
C ALA A 53 8.59 -15.68 5.12
N GLN A 54 8.11 -16.89 5.38
CA GLN A 54 6.69 -17.23 5.44
C GLN A 54 5.98 -16.28 6.42
N LYS A 55 6.49 -16.19 7.64
CA LYS A 55 5.87 -15.44 8.71
C LYS A 55 5.88 -13.93 8.44
N TRP A 56 6.86 -13.40 7.70
CA TRP A 56 6.84 -11.98 7.36
C TRP A 56 5.78 -11.73 6.31
N HIS A 57 5.77 -12.50 5.21
CA HIS A 57 4.86 -12.23 4.09
C HIS A 57 3.41 -12.32 4.55
N LEU A 58 3.10 -13.24 5.47
CA LEU A 58 1.79 -13.48 6.07
C LEU A 58 1.21 -12.23 6.73
N ILE A 59 2.06 -11.33 7.27
CA ILE A 59 1.62 -10.13 7.98
C ILE A 59 1.25 -9.01 6.98
N LYS A 60 1.41 -9.23 5.68
CA LYS A 60 1.08 -8.27 4.63
C LYS A 60 0.27 -8.99 3.54
N GLN A 61 -0.20 -8.23 2.54
CA GLN A 61 -0.86 -8.77 1.36
C GLN A 61 -0.58 -7.84 0.19
N HIS A 62 -0.98 -6.60 0.39
CA HIS A 62 -0.80 -5.51 -0.55
C HIS A 62 0.53 -4.88 -0.17
N THR A 63 1.60 -5.18 -0.90
CA THR A 63 2.95 -4.82 -0.48
C THR A 63 3.57 -3.90 -1.53
N ALA A 64 3.88 -2.68 -1.09
CA ALA A 64 4.15 -1.55 -1.95
C ALA A 64 5.42 -1.77 -2.80
N PRO A 65 5.46 -1.23 -4.03
CA PRO A 65 6.51 -1.49 -4.99
C PRO A 65 7.78 -0.69 -4.64
N VAL A 66 8.83 -1.38 -4.20
CA VAL A 66 10.14 -0.81 -3.94
C VAL A 66 11.18 -1.89 -4.31
N SER A 67 12.44 -1.53 -4.56
CA SER A 67 13.49 -2.46 -4.93
C SER A 67 14.25 -2.95 -3.67
N PRO A 68 14.83 -4.15 -3.69
CA PRO A 68 15.73 -4.63 -2.64
C PRO A 68 17.05 -3.86 -2.72
N HIS A 69 17.20 -2.85 -1.85
CA HIS A 69 18.30 -1.89 -1.86
C HIS A 69 19.44 -2.41 -0.97
N SER A 70 20.47 -2.99 -1.59
CA SER A 70 21.71 -3.38 -0.92
C SER A 70 22.65 -2.18 -0.86
N ARG A 1 -34.02 5.35 -41.11
CA ARG A 1 -33.49 5.45 -42.45
C ARG A 1 -32.59 4.23 -42.59
N SER A 2 -32.86 3.36 -43.57
CA SER A 2 -32.31 2.01 -43.63
C SER A 2 -32.81 1.17 -42.44
N LEU A 3 -32.42 -0.11 -42.43
CA LEU A 3 -32.56 -1.04 -41.31
C LEU A 3 -31.20 -1.66 -41.07
N ARG A 4 -30.97 -2.20 -39.86
CA ARG A 4 -29.67 -2.70 -39.45
C ARG A 4 -29.87 -4.10 -38.89
N GLN A 5 -29.96 -5.08 -39.78
CA GLN A 5 -29.96 -6.51 -39.46
C GLN A 5 -28.86 -7.18 -40.30
N ARG A 6 -28.59 -8.44 -39.98
CA ARG A 6 -27.43 -9.19 -40.44
C ARG A 6 -27.88 -10.58 -40.86
N LEU A 7 -27.48 -11.02 -42.04
CA LEU A 7 -27.95 -12.24 -42.66
C LEU A 7 -26.80 -13.05 -43.27
N GLN A 8 -25.55 -12.83 -42.83
CA GLN A 8 -24.45 -13.69 -43.25
C GLN A 8 -24.66 -15.13 -42.81
N ASP A 9 -25.40 -15.33 -41.74
CA ASP A 9 -25.72 -16.61 -41.11
C ASP A 9 -24.52 -17.50 -40.81
N THR A 10 -23.32 -17.04 -41.15
CA THR A 10 -22.06 -17.72 -40.93
C THR A 10 -21.71 -17.88 -39.44
N VAL A 11 -22.54 -17.31 -38.57
CA VAL A 11 -22.50 -17.41 -37.12
C VAL A 11 -22.83 -18.84 -36.61
N GLY A 12 -22.80 -19.84 -37.48
CA GLY A 12 -22.83 -21.26 -37.22
C GLY A 12 -22.80 -21.97 -38.58
N LEU A 13 -22.75 -23.30 -38.59
CA LEU A 13 -22.82 -24.11 -39.81
C LEU A 13 -23.53 -25.46 -39.62
N CYS A 14 -24.06 -25.73 -38.43
CA CYS A 14 -24.67 -27.00 -38.05
C CYS A 14 -26.14 -26.72 -37.77
N PHE A 15 -27.04 -27.19 -38.64
CA PHE A 15 -28.45 -26.84 -38.64
C PHE A 15 -29.33 -28.10 -38.61
N PRO A 16 -30.51 -28.04 -37.96
CA PRO A 16 -31.50 -29.09 -38.06
C PRO A 16 -32.25 -28.95 -39.39
N MET A 17 -32.42 -30.06 -40.11
CA MET A 17 -33.03 -30.06 -41.45
C MET A 17 -34.56 -30.03 -41.39
N ARG A 18 -35.11 -30.10 -40.17
CA ARG A 18 -36.53 -30.39 -39.94
C ARG A 18 -37.24 -29.42 -38.97
N THR A 19 -36.63 -28.30 -38.61
CA THR A 19 -37.27 -27.24 -37.85
C THR A 19 -36.90 -25.91 -38.51
N TYR A 20 -37.71 -24.87 -38.30
CA TYR A 20 -37.65 -23.61 -39.05
C TYR A 20 -37.48 -22.39 -38.12
N SER A 21 -37.00 -22.64 -36.91
CA SER A 21 -36.86 -21.70 -35.81
C SER A 21 -35.93 -20.51 -36.15
N LYS A 22 -36.04 -19.40 -35.42
CA LYS A 22 -35.12 -18.25 -35.47
C LYS A 22 -35.02 -17.69 -34.06
N GLN A 23 -34.01 -18.10 -33.30
CA GLN A 23 -33.77 -17.57 -31.96
C GLN A 23 -32.26 -17.48 -31.77
N SER A 24 -31.79 -16.51 -30.97
CA SER A 24 -30.44 -16.31 -30.44
C SER A 24 -30.43 -14.95 -29.71
N LYS A 25 -29.48 -14.73 -28.79
CA LYS A 25 -29.08 -13.44 -28.22
C LYS A 25 -27.93 -13.70 -27.20
N PRO A 26 -27.11 -12.68 -26.88
CA PRO A 26 -25.85 -12.83 -26.15
C PRO A 26 -26.04 -12.96 -24.64
N LEU A 27 -24.93 -13.09 -23.91
CA LEU A 27 -24.88 -13.27 -22.47
C LEU A 27 -23.86 -12.33 -21.84
N PHE A 28 -24.31 -11.68 -20.77
CA PHE A 28 -23.73 -10.50 -20.15
C PHE A 28 -23.67 -10.78 -18.66
N SER A 29 -22.45 -10.89 -18.14
CA SER A 29 -22.15 -11.51 -16.86
C SER A 29 -21.40 -10.52 -15.97
N ASN A 30 -21.52 -10.65 -14.66
CA ASN A 30 -20.69 -9.94 -13.70
C ASN A 30 -20.53 -10.81 -12.47
N LYS A 31 -19.41 -11.53 -12.37
CA LYS A 31 -19.11 -12.39 -11.22
C LYS A 31 -17.59 -12.52 -11.00
N ARG A 32 -16.78 -11.54 -11.42
CA ARG A 32 -15.42 -11.41 -10.89
C ARG A 32 -15.46 -10.53 -9.65
N LYS A 33 -14.49 -10.73 -8.75
CA LYS A 33 -14.04 -9.79 -7.74
C LYS A 33 -12.59 -10.18 -7.44
N ILE A 34 -11.62 -9.39 -7.89
CA ILE A 34 -10.19 -9.59 -7.68
C ILE A 34 -9.60 -8.29 -7.14
N HIS A 35 -8.44 -8.38 -6.48
CA HIS A 35 -7.74 -7.23 -5.94
C HIS A 35 -6.41 -7.01 -6.65
N LEU A 36 -5.87 -5.80 -6.52
CA LEU A 36 -4.75 -5.27 -7.32
C LEU A 36 -3.40 -5.94 -7.05
N SER A 37 -3.32 -6.86 -6.09
CA SER A 37 -2.20 -7.79 -6.01
C SER A 37 -2.63 -9.22 -5.65
N GLU A 38 -3.93 -9.49 -5.55
CA GLU A 38 -4.51 -10.78 -5.20
C GLU A 38 -4.12 -11.36 -3.82
N LEU A 39 -3.32 -10.66 -2.99
CA LEU A 39 -2.66 -11.16 -1.78
C LEU A 39 -1.54 -12.14 -2.15
N MET A 40 -0.73 -12.45 -1.13
CA MET A 40 0.40 -13.37 -1.07
C MET A 40 1.65 -12.81 -1.77
N LEU A 41 2.84 -13.07 -1.20
CA LEU A 41 4.12 -12.62 -1.74
C LEU A 41 5.29 -13.39 -1.12
N GLU A 42 6.41 -13.47 -1.84
CA GLU A 42 7.73 -13.87 -1.34
C GLU A 42 8.77 -13.06 -2.09
N LYS A 43 9.12 -11.89 -1.55
CA LYS A 43 10.20 -11.04 -2.01
C LYS A 43 10.69 -10.25 -0.81
N CYS A 44 11.60 -10.82 -0.01
CA CYS A 44 12.27 -10.20 1.10
C CYS A 44 13.64 -10.89 1.26
N PRO A 45 14.59 -10.32 2.04
CA PRO A 45 15.96 -10.82 2.23
C PRO A 45 16.07 -12.16 2.99
N PHE A 46 14.96 -12.74 3.47
CA PHE A 46 14.94 -14.00 4.19
C PHE A 46 15.82 -15.08 3.50
N PRO A 47 16.46 -15.97 4.29
CA PRO A 47 17.03 -17.21 3.79
C PRO A 47 15.89 -18.13 3.33
N ALA A 48 15.78 -18.36 2.03
CA ALA A 48 14.82 -19.30 1.45
C ALA A 48 15.12 -20.70 1.98
N GLY A 49 14.05 -21.44 2.28
CA GLY A 49 14.14 -22.71 2.97
C GLY A 49 14.20 -22.52 4.48
N SER A 50 13.60 -21.44 4.99
CA SER A 50 13.48 -21.16 6.40
C SER A 50 12.16 -20.43 6.61
N ASP A 51 11.51 -20.64 7.76
CA ASP A 51 10.11 -20.23 7.94
C ASP A 51 9.95 -18.73 8.09
N LEU A 52 11.06 -18.00 8.18
CA LEU A 52 11.06 -16.55 8.30
C LEU A 52 10.23 -15.94 7.17
N ALA A 53 10.29 -16.56 5.99
CA ALA A 53 9.51 -16.20 4.83
C ALA A 53 8.02 -16.22 5.16
N GLN A 54 7.47 -17.36 5.57
CA GLN A 54 6.08 -17.53 5.97
C GLN A 54 5.73 -16.64 7.16
N LYS A 55 6.58 -16.60 8.20
CA LYS A 55 6.39 -15.80 9.40
C LYS A 55 6.12 -14.34 9.00
N TRP A 56 6.99 -13.77 8.17
CA TRP A 56 6.91 -12.39 7.71
C TRP A 56 5.75 -12.22 6.73
N HIS A 57 5.55 -13.19 5.82
CA HIS A 57 4.51 -13.20 4.80
C HIS A 57 3.15 -12.98 5.45
N LEU A 58 2.88 -13.72 6.54
CA LEU A 58 1.65 -13.68 7.30
C LEU A 58 1.33 -12.27 7.82
N ILE A 59 2.33 -11.42 8.01
CA ILE A 59 2.14 -10.03 8.40
C ILE A 59 1.70 -9.26 7.15
N LYS A 60 2.50 -9.28 6.10
CA LYS A 60 2.38 -8.32 5.00
C LYS A 60 1.28 -8.72 4.00
N GLN A 61 1.33 -9.96 3.51
CA GLN A 61 0.64 -10.57 2.36
C GLN A 61 0.63 -9.81 1.04
N HIS A 62 0.15 -8.58 1.02
CA HIS A 62 -0.13 -7.80 -0.18
C HIS A 62 1.19 -7.50 -0.91
N THR A 63 1.51 -8.14 -2.04
CA THR A 63 2.70 -7.76 -2.78
C THR A 63 2.56 -6.34 -3.33
N ALA A 64 3.71 -5.74 -3.56
CA ALA A 64 3.92 -4.45 -4.18
C ALA A 64 5.35 -4.46 -4.75
N PRO A 65 5.69 -3.51 -5.63
CA PRO A 65 7.07 -3.24 -6.00
C PRO A 65 7.81 -2.60 -4.82
N VAL A 66 8.49 -3.40 -3.99
CA VAL A 66 9.28 -2.93 -2.85
C VAL A 66 10.69 -3.44 -3.02
N SER A 67 11.67 -2.57 -2.78
CA SER A 67 13.08 -2.90 -2.76
C SER A 67 13.39 -3.83 -1.57
N PRO A 68 14.55 -4.50 -1.55
CA PRO A 68 14.98 -5.23 -0.36
C PRO A 68 15.21 -4.29 0.82
N HIS A 69 15.48 -4.88 1.99
CA HIS A 69 15.87 -4.21 3.23
C HIS A 69 14.72 -3.43 3.90
N SER A 70 13.48 -3.61 3.44
CA SER A 70 12.31 -2.97 4.02
C SER A 70 11.13 -3.93 4.06
N ARG A 1 28.22 21.51 72.34
CA ARG A 1 27.02 22.36 72.30
C ARG A 1 27.05 23.13 70.98
N SER A 2 25.93 23.67 70.57
CA SER A 2 25.76 24.45 69.35
C SER A 2 24.45 25.24 69.49
N LEU A 3 24.20 26.22 68.61
CA LEU A 3 22.95 26.94 68.52
C LEU A 3 22.82 27.47 67.08
N ARG A 4 21.60 27.68 66.59
CA ARG A 4 21.26 28.35 65.33
C ARG A 4 19.85 28.92 65.47
N GLN A 5 19.39 29.70 64.49
CA GLN A 5 18.03 30.23 64.40
C GLN A 5 17.57 30.24 62.93
N ARG A 6 16.32 30.63 62.67
CA ARG A 6 15.82 30.92 61.33
C ARG A 6 14.99 32.19 61.40
N LEU A 7 13.73 32.10 61.85
CA LEU A 7 12.72 33.15 61.79
C LEU A 7 12.65 33.76 60.39
N GLN A 8 12.31 32.92 59.41
CA GLN A 8 12.16 33.27 58.01
C GLN A 8 11.12 32.30 57.47
N ASP A 9 9.84 32.67 57.60
CA ASP A 9 8.70 31.78 57.34
C ASP A 9 7.72 32.39 56.33
N THR A 10 7.88 33.69 56.14
CA THR A 10 7.01 34.54 55.35
C THR A 10 7.31 34.49 53.84
N VAL A 11 8.28 33.66 53.40
CA VAL A 11 8.96 33.82 52.12
C VAL A 11 8.31 33.01 50.98
N GLY A 12 7.09 32.51 51.16
CA GLY A 12 6.46 31.48 50.32
C GLY A 12 6.61 31.69 48.81
N LEU A 13 6.25 32.88 48.30
CA LEU A 13 6.29 33.22 46.87
C LEU A 13 5.58 32.16 46.01
N CYS A 14 5.84 32.11 44.71
CA CYS A 14 5.64 30.95 43.82
C CYS A 14 4.32 30.20 44.03
N PHE A 15 3.20 30.78 43.58
CA PHE A 15 1.86 30.26 43.80
C PHE A 15 1.23 29.82 42.45
N PRO A 16 1.65 28.66 41.89
CA PRO A 16 0.93 28.05 40.78
C PRO A 16 -0.42 27.49 41.26
N MET A 17 -1.24 27.03 40.30
CA MET A 17 -2.46 26.28 40.54
C MET A 17 -2.52 25.18 39.49
N ARG A 18 -1.40 24.45 39.39
CA ARG A 18 -1.08 23.34 38.54
C ARG A 18 -1.21 23.76 37.08
N THR A 19 -2.40 23.70 36.50
CA THR A 19 -2.73 24.29 35.23
C THR A 19 -4.22 24.64 35.24
N TYR A 20 -4.66 25.40 34.25
CA TYR A 20 -6.03 25.88 34.12
C TYR A 20 -6.55 25.79 32.68
N SER A 21 -5.82 25.04 31.86
CA SER A 21 -6.13 24.43 30.58
C SER A 21 -5.05 23.34 30.43
N LYS A 22 -5.38 22.18 29.88
CA LYS A 22 -4.46 21.16 29.37
C LYS A 22 -5.33 20.19 28.57
N GLN A 23 -4.90 18.93 28.42
CA GLN A 23 -5.75 17.81 28.01
C GLN A 23 -6.35 18.02 26.63
N SER A 24 -5.69 17.53 25.57
CA SER A 24 -6.36 17.37 24.28
C SER A 24 -5.65 16.30 23.45
N LYS A 25 -6.27 15.83 22.36
CA LYS A 25 -5.66 14.96 21.36
C LYS A 25 -6.47 15.01 20.05
N PRO A 26 -6.23 15.97 19.14
CA PRO A 26 -6.89 15.96 17.84
C PRO A 26 -6.26 14.88 16.96
N LEU A 27 -6.81 14.73 15.76
CA LEU A 27 -6.40 13.81 14.72
C LEU A 27 -6.52 12.37 15.19
N PHE A 28 -6.44 11.44 14.24
CA PHE A 28 -6.77 10.06 14.49
C PHE A 28 -5.97 9.19 13.55
N SER A 29 -5.44 8.06 14.04
CA SER A 29 -4.95 6.99 13.18
C SER A 29 -4.75 5.69 13.95
N ASN A 30 -4.79 4.56 13.24
CA ASN A 30 -4.48 3.23 13.78
C ASN A 30 -3.59 2.39 12.88
N LYS A 31 -3.83 2.47 11.57
CA LYS A 31 -3.05 1.79 10.53
C LYS A 31 -3.28 2.48 9.18
N ARG A 32 -2.27 3.20 8.69
CA ARG A 32 -2.29 3.87 7.39
C ARG A 32 -0.89 3.79 6.76
N LYS A 33 -0.51 2.68 6.15
CA LYS A 33 0.75 2.55 5.47
C LYS A 33 0.53 1.62 4.28
N ILE A 34 0.60 2.15 3.06
CA ILE A 34 0.38 1.41 1.83
C ILE A 34 1.51 1.75 0.84
N HIS A 35 2.01 0.71 0.16
CA HIS A 35 3.00 0.76 -0.90
C HIS A 35 2.42 1.44 -2.14
N LEU A 36 3.25 1.62 -3.17
CA LEU A 36 2.83 2.08 -4.48
C LEU A 36 1.91 1.06 -5.15
N SER A 37 2.33 -0.21 -5.14
CA SER A 37 1.70 -1.29 -5.91
C SER A 37 1.05 -2.35 -5.02
N GLU A 38 1.43 -2.43 -3.75
CA GLU A 38 1.01 -3.35 -2.67
C GLU A 38 0.90 -4.86 -3.00
N LEU A 39 1.24 -5.27 -4.22
CA LEU A 39 1.25 -6.63 -4.75
C LEU A 39 2.66 -7.20 -4.74
N MET A 40 2.93 -8.13 -3.82
CA MET A 40 4.14 -8.90 -3.60
C MET A 40 5.41 -8.05 -3.62
N LEU A 41 6.53 -8.72 -3.63
CA LEU A 41 7.90 -8.24 -3.86
C LEU A 41 8.84 -9.44 -3.94
N GLU A 42 10.08 -9.22 -4.37
CA GLU A 42 11.06 -10.28 -4.60
C GLU A 42 12.50 -9.91 -4.19
N LYS A 43 12.66 -9.02 -3.21
CA LYS A 43 13.96 -8.62 -2.67
C LYS A 43 13.83 -8.70 -1.15
N CYS A 44 14.23 -9.82 -0.56
CA CYS A 44 13.95 -10.16 0.82
C CYS A 44 15.26 -10.58 1.52
N PRO A 45 15.44 -10.26 2.81
CA PRO A 45 16.54 -10.76 3.63
C PRO A 45 16.37 -12.22 4.09
N PHE A 46 15.24 -12.83 3.76
CA PHE A 46 14.97 -14.25 3.91
C PHE A 46 14.78 -14.88 2.53
N PRO A 47 15.03 -16.19 2.39
CA PRO A 47 14.67 -16.99 1.23
C PRO A 47 13.15 -17.26 1.24
N ALA A 48 12.70 -18.23 0.44
CA ALA A 48 11.33 -18.72 0.42
C ALA A 48 11.24 -20.17 0.89
N GLY A 49 11.96 -20.51 1.98
CA GLY A 49 11.95 -21.87 2.53
C GLY A 49 12.47 -21.93 3.97
N SER A 50 12.17 -20.92 4.77
CA SER A 50 12.64 -20.79 6.15
C SER A 50 11.46 -20.41 7.05
N ASP A 51 11.51 -20.77 8.34
CA ASP A 51 10.51 -20.39 9.34
C ASP A 51 10.33 -18.88 9.33
N LEU A 52 11.45 -18.16 9.48
CA LEU A 52 11.47 -16.70 9.50
C LEU A 52 10.89 -16.10 8.22
N ALA A 53 11.06 -16.78 7.09
CA ALA A 53 10.49 -16.33 5.83
C ALA A 53 8.97 -16.44 5.91
N GLN A 54 8.46 -17.62 6.22
CA GLN A 54 7.03 -17.94 6.25
C GLN A 54 6.30 -16.97 7.20
N LYS A 55 6.85 -16.72 8.38
CA LYS A 55 6.28 -15.77 9.34
C LYS A 55 6.05 -14.41 8.69
N TRP A 56 7.05 -13.87 7.99
CA TRP A 56 6.90 -12.56 7.37
C TRP A 56 6.01 -12.62 6.13
N HIS A 57 6.14 -13.68 5.32
CA HIS A 57 5.33 -13.99 4.14
C HIS A 57 3.84 -13.88 4.46
N LEU A 58 3.42 -14.33 5.64
CA LEU A 58 2.05 -14.23 6.14
C LEU A 58 1.50 -12.80 6.00
N ILE A 59 2.29 -11.82 6.45
CA ILE A 59 1.96 -10.41 6.50
C ILE A 59 2.24 -9.72 5.15
N LYS A 60 2.86 -10.43 4.19
CA LYS A 60 3.28 -9.86 2.90
C LYS A 60 2.05 -9.72 1.98
N GLN A 61 2.24 -9.11 0.81
CA GLN A 61 1.21 -8.47 0.03
C GLN A 61 0.38 -7.52 0.91
N HIS A 62 -0.71 -7.05 0.34
CA HIS A 62 -1.79 -6.36 1.00
C HIS A 62 -2.51 -7.33 1.93
N THR A 63 -2.28 -7.23 3.23
CA THR A 63 -3.16 -7.82 4.22
C THR A 63 -3.13 -6.95 5.48
N ALA A 64 -4.01 -7.28 6.42
CA ALA A 64 -4.10 -6.70 7.75
C ALA A 64 -3.08 -7.37 8.69
N PRO A 65 -2.81 -6.77 9.87
CA PRO A 65 -2.16 -7.51 10.94
C PRO A 65 -2.95 -8.77 11.26
N VAL A 66 -2.24 -9.89 11.27
CA VAL A 66 -2.67 -11.21 11.71
C VAL A 66 -1.52 -11.80 12.53
N SER A 67 -1.76 -12.90 13.24
CA SER A 67 -0.75 -13.62 14.00
C SER A 67 -1.05 -15.13 13.94
N PRO A 68 -0.12 -16.01 14.31
CA PRO A 68 -0.45 -17.24 15.00
C PRO A 68 -0.89 -16.90 16.43
N HIS A 69 -1.79 -17.69 17.01
CA HIS A 69 -2.34 -17.65 18.37
C HIS A 69 -2.78 -16.29 18.94
N SER A 70 -1.91 -15.28 19.10
CA SER A 70 -2.22 -13.97 19.64
C SER A 70 -1.27 -12.99 18.98
N ARG A 1 8.17 -54.41 2.02
CA ARG A 1 9.43 -55.10 2.25
C ARG A 1 10.42 -54.01 2.69
N SER A 2 11.06 -53.32 1.74
CA SER A 2 11.75 -52.08 2.03
C SER A 2 10.70 -50.95 2.08
N LEU A 3 11.04 -49.81 2.68
CA LEU A 3 10.24 -48.59 2.62
C LEU A 3 11.20 -47.40 2.74
N ARG A 4 10.73 -46.16 2.56
CA ARG A 4 11.51 -44.92 2.70
C ARG A 4 12.73 -44.89 1.78
N GLN A 5 12.52 -45.24 0.51
CA GLN A 5 13.54 -45.26 -0.55
C GLN A 5 14.77 -46.07 -0.09
N ARG A 6 15.91 -45.95 -0.77
CA ARG A 6 17.16 -46.54 -0.31
C ARG A 6 18.23 -45.46 -0.31
N LEU A 7 17.84 -44.28 0.15
CA LEU A 7 18.61 -43.05 0.07
C LEU A 7 18.94 -42.69 -1.38
N GLN A 8 19.84 -41.72 -1.59
CA GLN A 8 20.30 -41.25 -2.89
C GLN A 8 21.72 -40.70 -2.73
N ASP A 9 22.61 -41.49 -2.13
CA ASP A 9 23.97 -41.10 -1.78
C ASP A 9 24.90 -41.08 -3.00
N THR A 10 24.33 -41.40 -4.17
CA THR A 10 24.94 -41.36 -5.48
C THR A 10 24.67 -40.01 -6.17
N VAL A 11 23.70 -39.24 -5.70
CA VAL A 11 23.18 -38.05 -6.40
C VAL A 11 23.99 -36.78 -6.01
N GLY A 12 25.30 -36.95 -5.80
CA GLY A 12 26.25 -35.92 -5.41
C GLY A 12 27.38 -35.80 -6.43
N LEU A 13 28.60 -35.76 -5.93
CA LEU A 13 29.93 -35.53 -6.53
C LEU A 13 30.17 -34.05 -6.87
N CYS A 14 31.43 -33.64 -7.03
CA CYS A 14 31.86 -32.53 -7.89
C CYS A 14 33.38 -32.56 -8.15
N PHE A 15 33.84 -31.84 -9.17
CA PHE A 15 35.25 -31.61 -9.49
C PHE A 15 35.56 -30.10 -9.42
N PRO A 16 35.75 -29.51 -8.21
CA PRO A 16 35.97 -28.08 -8.03
C PRO A 16 37.42 -27.68 -8.36
N MET A 17 37.65 -26.89 -9.42
CA MET A 17 39.01 -26.44 -9.82
C MET A 17 39.16 -24.92 -9.96
N ARG A 18 38.10 -24.16 -9.75
CA ARG A 18 38.12 -22.70 -9.80
C ARG A 18 37.43 -22.02 -8.63
N THR A 19 36.59 -22.73 -7.87
CA THR A 19 35.76 -22.18 -6.82
C THR A 19 35.42 -23.32 -5.86
N TYR A 20 34.84 -22.99 -4.70
CA TYR A 20 34.35 -23.95 -3.71
C TYR A 20 32.84 -23.79 -3.50
N SER A 21 32.14 -23.22 -4.47
CA SER A 21 30.69 -23.03 -4.46
C SER A 21 30.21 -22.92 -5.90
N LYS A 22 30.58 -21.81 -6.56
CA LYS A 22 30.25 -21.41 -7.93
C LYS A 22 28.81 -20.91 -7.98
N GLN A 23 28.59 -19.67 -7.52
CA GLN A 23 27.25 -19.17 -7.28
C GLN A 23 27.15 -17.67 -7.63
N SER A 24 27.82 -17.28 -8.72
CA SER A 24 27.86 -15.91 -9.25
C SER A 24 28.32 -14.88 -8.22
N LYS A 25 28.30 -13.61 -8.63
CA LYS A 25 28.51 -12.42 -7.81
C LYS A 25 27.99 -11.19 -8.56
N PRO A 26 26.67 -11.07 -8.82
CA PRO A 26 26.08 -10.01 -9.62
C PRO A 26 25.98 -8.71 -8.80
N LEU A 27 27.13 -8.11 -8.51
CA LEU A 27 27.27 -6.83 -7.86
C LEU A 27 26.79 -5.78 -8.84
N PHE A 28 25.95 -4.87 -8.38
CA PHE A 28 25.76 -3.58 -9.02
C PHE A 28 25.28 -2.50 -8.06
N SER A 29 25.26 -2.80 -6.76
CA SER A 29 24.64 -2.07 -5.65
C SER A 29 23.12 -2.25 -5.65
N ASN A 30 22.52 -2.44 -4.47
CA ASN A 30 21.07 -2.61 -4.33
C ASN A 30 20.46 -1.89 -3.12
N LYS A 31 21.25 -1.67 -2.07
CA LYS A 31 20.91 -1.07 -0.76
C LYS A 31 19.94 -1.90 0.07
N ARG A 32 18.83 -2.31 -0.54
CA ARG A 32 17.75 -3.19 -0.07
C ARG A 32 17.32 -2.85 1.36
N LYS A 33 16.37 -1.93 1.54
CA LYS A 33 15.72 -1.67 2.82
C LYS A 33 14.22 -1.63 2.59
N ILE A 34 13.48 -2.57 3.19
CA ILE A 34 12.02 -2.57 3.16
C ILE A 34 11.56 -1.35 3.94
N HIS A 35 10.84 -0.45 3.28
CA HIS A 35 10.29 0.74 3.93
C HIS A 35 9.43 0.31 5.10
N LEU A 36 9.29 1.18 6.11
CA LEU A 36 8.43 0.92 7.28
C LEU A 36 6.97 0.63 6.89
N SER A 37 6.55 1.13 5.72
CA SER A 37 5.16 1.36 5.36
C SER A 37 4.93 0.98 3.88
N GLU A 38 5.53 -0.12 3.41
CA GLU A 38 5.39 -0.58 2.01
C GLU A 38 3.96 -0.88 1.53
N LEU A 39 2.95 -0.95 2.41
CA LEU A 39 1.50 -0.91 2.08
C LEU A 39 1.15 -1.78 0.89
N MET A 40 0.98 -3.07 1.22
CA MET A 40 0.75 -4.21 0.37
C MET A 40 2.06 -4.62 -0.32
N LEU A 41 2.81 -5.58 0.23
CA LEU A 41 3.98 -6.13 -0.45
C LEU A 41 4.27 -7.55 0.02
N GLU A 42 4.58 -8.44 -0.92
CA GLU A 42 4.96 -9.84 -0.71
C GLU A 42 5.96 -10.27 -1.81
N LYS A 43 7.21 -9.79 -1.81
CA LYS A 43 8.13 -10.12 -2.90
C LYS A 43 9.62 -10.25 -2.53
N CYS A 44 9.91 -10.55 -1.28
CA CYS A 44 11.25 -10.76 -0.74
C CYS A 44 11.21 -11.15 0.77
N PRO A 45 10.52 -12.21 1.21
CA PRO A 45 10.23 -12.41 2.63
C PRO A 45 11.50 -12.59 3.50
N PHE A 46 12.38 -13.51 3.12
CA PHE A 46 13.67 -13.86 3.72
C PHE A 46 14.40 -14.72 2.68
N PRO A 47 15.73 -14.94 2.80
CA PRO A 47 16.46 -15.80 1.88
C PRO A 47 15.96 -17.24 1.97
N ALA A 48 16.26 -18.05 0.95
CA ALA A 48 15.75 -19.42 0.85
C ALA A 48 16.32 -20.26 1.99
N GLY A 49 15.44 -20.98 2.68
CA GLY A 49 15.84 -21.97 3.67
C GLY A 49 15.72 -21.42 5.08
N SER A 50 14.74 -20.54 5.27
CA SER A 50 14.48 -19.81 6.49
C SER A 50 12.95 -19.89 6.62
N ASP A 51 12.42 -20.69 7.55
CA ASP A 51 10.97 -20.94 7.69
C ASP A 51 10.24 -19.66 8.10
N LEU A 52 10.99 -18.72 8.67
CA LEU A 52 10.58 -17.38 8.99
C LEU A 52 10.03 -16.68 7.76
N ALA A 53 10.48 -17.05 6.55
CA ALA A 53 9.99 -16.55 5.27
C ALA A 53 8.47 -16.76 5.17
N GLN A 54 8.01 -17.96 5.54
CA GLN A 54 6.61 -18.34 5.55
C GLN A 54 5.85 -17.43 6.53
N LYS A 55 6.33 -17.33 7.78
CA LYS A 55 5.79 -16.45 8.82
C LYS A 55 5.73 -15.00 8.34
N TRP A 56 6.72 -14.53 7.58
CA TRP A 56 6.91 -13.16 7.16
C TRP A 56 5.75 -12.69 6.28
N HIS A 57 5.12 -13.56 5.50
CA HIS A 57 3.98 -13.14 4.67
C HIS A 57 2.81 -12.60 5.51
N LEU A 58 2.76 -12.92 6.81
CA LEU A 58 1.77 -12.37 7.73
C LEU A 58 1.91 -10.85 7.82
N ILE A 59 3.11 -10.32 7.61
CA ILE A 59 3.50 -8.91 7.66
C ILE A 59 2.91 -8.15 6.45
N LYS A 60 2.12 -8.80 5.58
CA LYS A 60 1.41 -8.12 4.49
C LYS A 60 0.46 -7.05 5.02
N GLN A 61 -0.14 -6.30 4.08
CA GLN A 61 -1.19 -5.31 4.31
C GLN A 61 -2.23 -5.88 5.30
N HIS A 62 -2.24 -5.45 6.56
CA HIS A 62 -3.12 -6.04 7.58
C HIS A 62 -4.56 -5.54 7.39
N THR A 63 -5.39 -6.35 6.72
CA THR A 63 -6.67 -5.90 6.16
C THR A 63 -7.77 -6.91 6.50
N ALA A 64 -8.49 -6.67 7.59
CA ALA A 64 -9.62 -7.49 8.06
C ALA A 64 -10.50 -6.67 9.03
N PRO A 65 -11.72 -7.12 9.34
CA PRO A 65 -12.55 -6.52 10.39
C PRO A 65 -11.95 -6.80 11.78
N VAL A 66 -11.19 -5.85 12.32
CA VAL A 66 -10.77 -5.86 13.73
C VAL A 66 -12.04 -5.85 14.56
N SER A 67 -12.37 -7.00 15.15
CA SER A 67 -13.52 -7.13 16.03
C SER A 67 -13.13 -6.62 17.43
N PRO A 68 -14.08 -6.13 18.24
CA PRO A 68 -13.81 -5.68 19.60
C PRO A 68 -13.49 -6.87 20.49
N HIS A 69 -12.36 -6.84 21.18
CA HIS A 69 -11.89 -7.95 21.99
C HIS A 69 -12.65 -7.99 23.31
N SER A 70 -13.45 -9.03 23.53
CA SER A 70 -14.00 -9.38 24.83
C SER A 70 -13.61 -10.83 25.10
N ARG A 1 -65.17 31.14 -7.67
CA ARG A 1 -64.00 31.64 -6.93
C ARG A 1 -64.13 31.15 -5.48
N SER A 2 -63.04 30.63 -4.92
CA SER A 2 -63.06 29.88 -3.67
C SER A 2 -61.60 29.60 -3.28
N LEU A 3 -60.80 30.66 -3.15
CA LEU A 3 -59.33 30.59 -3.13
C LEU A 3 -58.83 29.82 -4.36
N ARG A 4 -57.56 29.39 -4.34
CA ARG A 4 -57.06 28.23 -5.08
C ARG A 4 -55.86 27.66 -4.31
N GLN A 5 -56.15 27.02 -3.17
CA GLN A 5 -55.22 26.37 -2.24
C GLN A 5 -53.98 27.23 -1.90
N ARG A 6 -52.93 27.19 -2.71
CA ARG A 6 -51.59 27.73 -2.43
C ARG A 6 -50.99 27.23 -1.12
N LEU A 7 -50.83 25.91 -1.00
CA LEU A 7 -49.56 25.42 -0.46
C LEU A 7 -48.45 25.81 -1.45
N GLN A 8 -47.21 25.92 -0.97
CA GLN A 8 -45.96 25.92 -1.71
C GLN A 8 -44.84 25.81 -0.67
N ASP A 9 -43.57 25.78 -1.09
CA ASP A 9 -42.35 25.87 -0.28
C ASP A 9 -42.22 24.75 0.74
N THR A 10 -42.97 23.68 0.50
CA THR A 10 -42.93 22.43 1.23
C THR A 10 -41.60 21.68 1.06
N VAL A 11 -40.62 22.27 0.36
CA VAL A 11 -39.37 21.61 -0.05
C VAL A 11 -38.14 22.42 0.39
N GLY A 12 -38.31 23.44 1.25
CA GLY A 12 -37.22 24.27 1.77
C GLY A 12 -36.20 23.45 2.56
N LEU A 13 -36.48 23.16 3.83
CA LEU A 13 -35.56 22.43 4.71
C LEU A 13 -34.18 23.12 4.74
N CYS A 14 -33.08 22.41 5.01
CA CYS A 14 -31.73 22.95 5.06
C CYS A 14 -30.97 22.63 3.78
N PHE A 15 -29.88 23.37 3.53
CA PHE A 15 -29.08 23.27 2.31
C PHE A 15 -27.62 23.00 2.66
N PRO A 16 -27.28 21.79 3.15
CA PRO A 16 -25.89 21.39 3.32
C PRO A 16 -25.22 21.17 1.96
N MET A 17 -23.89 21.06 1.94
CA MET A 17 -23.11 20.76 0.74
C MET A 17 -22.00 19.74 1.04
N ARG A 18 -22.21 18.85 2.01
CA ARG A 18 -21.28 17.83 2.50
C ARG A 18 -20.11 18.46 3.22
N THR A 19 -20.11 18.33 4.54
CA THR A 19 -18.99 18.64 5.41
C THR A 19 -18.84 17.45 6.36
N TYR A 20 -17.74 17.38 7.08
CA TYR A 20 -17.56 16.52 8.25
C TYR A 20 -16.50 17.03 9.23
N SER A 21 -16.12 18.30 9.08
CA SER A 21 -14.85 18.86 9.55
C SER A 21 -13.66 18.01 9.08
N LYS A 22 -13.13 18.32 7.89
CA LYS A 22 -11.86 17.81 7.38
C LYS A 22 -11.20 18.96 6.60
N GLN A 23 -10.78 20.01 7.31
CA GLN A 23 -10.40 21.28 6.70
C GLN A 23 -9.31 22.00 7.49
N SER A 24 -8.34 21.26 8.03
CA SER A 24 -7.10 21.77 8.60
C SER A 24 -5.94 20.87 8.17
N LYS A 25 -4.72 21.27 8.53
CA LYS A 25 -3.44 20.61 8.26
C LYS A 25 -3.31 20.09 6.83
N PRO A 26 -3.32 21.00 5.82
CA PRO A 26 -3.05 20.63 4.45
C PRO A 26 -1.57 20.27 4.27
N LEU A 27 -1.28 19.63 3.15
CA LEU A 27 -0.02 19.01 2.79
C LEU A 27 0.17 19.09 1.29
N PHE A 28 1.37 18.69 0.91
CA PHE A 28 1.93 18.79 -0.41
C PHE A 28 2.96 17.68 -0.63
N SER A 29 2.67 16.55 0.01
CA SER A 29 3.48 15.36 0.09
C SER A 29 3.21 14.47 -1.14
N ASN A 30 3.31 15.04 -2.35
CA ASN A 30 3.04 14.35 -3.60
C ASN A 30 4.24 14.42 -4.54
N LYS A 31 5.13 13.43 -4.44
CA LYS A 31 6.29 13.31 -5.30
C LYS A 31 6.53 11.84 -5.65
N ARG A 32 6.89 11.01 -4.66
CA ARG A 32 7.05 9.56 -4.89
C ARG A 32 5.70 8.94 -5.26
N LYS A 33 5.71 7.94 -6.13
CA LYS A 33 4.52 7.19 -6.53
C LYS A 33 4.40 5.81 -5.87
N ILE A 34 5.28 5.49 -4.96
CA ILE A 34 5.40 4.15 -4.39
C ILE A 34 4.48 4.08 -3.16
N HIS A 35 3.92 2.91 -2.85
CA HIS A 35 2.99 2.74 -1.73
C HIS A 35 3.78 2.32 -0.50
N LEU A 36 3.25 2.57 0.71
CA LEU A 36 3.98 2.29 1.95
C LEU A 36 4.35 0.81 2.09
N SER A 37 3.48 -0.07 1.63
CA SER A 37 3.68 -1.52 1.64
C SER A 37 4.50 -2.03 0.47
N GLU A 38 4.85 -1.15 -0.49
CA GLU A 38 5.66 -1.42 -1.68
C GLU A 38 5.19 -2.61 -2.54
N LEU A 39 3.94 -3.05 -2.34
CA LEU A 39 3.34 -4.27 -2.90
C LEU A 39 4.19 -5.48 -2.47
N MET A 40 4.36 -5.65 -1.16
CA MET A 40 5.12 -6.74 -0.52
C MET A 40 6.46 -6.99 -1.21
N LEU A 41 7.17 -5.92 -1.57
CA LEU A 41 8.45 -5.99 -2.26
C LEU A 41 9.51 -5.32 -1.40
N GLU A 42 10.78 -5.55 -1.73
CA GLU A 42 11.95 -4.82 -1.23
C GLU A 42 12.26 -5.04 0.25
N LYS A 43 11.54 -5.94 0.94
CA LYS A 43 11.65 -6.08 2.39
C LYS A 43 11.58 -7.53 2.85
N CYS A 44 12.23 -8.39 2.08
CA CYS A 44 12.19 -9.83 2.25
C CYS A 44 13.64 -10.37 2.21
N PRO A 45 14.39 -10.28 3.32
CA PRO A 45 15.80 -10.65 3.35
C PRO A 45 16.08 -12.15 3.58
N PHE A 46 15.12 -12.94 4.08
CA PHE A 46 15.40 -14.33 4.43
C PHE A 46 15.35 -15.20 3.17
N PRO A 47 16.18 -16.25 3.10
CA PRO A 47 16.19 -17.19 1.98
C PRO A 47 14.85 -17.93 1.88
N ALA A 48 14.54 -18.37 0.65
CA ALA A 48 13.23 -18.91 0.27
C ALA A 48 12.78 -20.05 1.19
N GLY A 49 11.51 -20.03 1.58
CA GLY A 49 10.84 -21.07 2.33
C GLY A 49 11.18 -21.09 3.81
N SER A 50 12.18 -20.34 4.27
CA SER A 50 12.56 -20.31 5.67
C SER A 50 11.38 -19.89 6.54
N ASP A 51 11.32 -20.38 7.77
CA ASP A 51 10.19 -20.10 8.67
C ASP A 51 9.98 -18.59 8.83
N LEU A 52 11.08 -17.84 9.02
CA LEU A 52 11.05 -16.38 9.15
C LEU A 52 10.55 -15.70 7.88
N ALA A 53 10.85 -16.26 6.70
CA ALA A 53 10.38 -15.75 5.43
C ALA A 53 8.87 -15.96 5.33
N GLN A 54 8.38 -17.14 5.69
CA GLN A 54 6.94 -17.44 5.73
C GLN A 54 6.24 -16.56 6.78
N LYS A 55 6.90 -16.19 7.87
CA LYS A 55 6.33 -15.30 8.88
C LYS A 55 6.15 -13.87 8.38
N TRP A 56 6.92 -13.41 7.40
CA TRP A 56 6.65 -12.16 6.69
C TRP A 56 5.42 -12.32 5.79
N HIS A 57 5.37 -13.39 4.99
CA HIS A 57 4.28 -13.63 4.04
C HIS A 57 2.92 -13.74 4.75
N LEU A 58 2.91 -14.18 6.00
CA LEU A 58 1.74 -14.15 6.89
C LEU A 58 1.07 -12.77 6.82
N ILE A 59 1.86 -11.71 7.00
CA ILE A 59 1.43 -10.32 7.06
C ILE A 59 1.13 -9.82 5.64
N LYS A 60 2.01 -10.10 4.66
CA LYS A 60 1.96 -9.58 3.30
C LYS A 60 1.86 -8.05 3.25
N GLN A 61 1.55 -7.49 2.08
CA GLN A 61 1.20 -6.09 1.85
C GLN A 61 -0.09 -5.83 2.64
N HIS A 62 -0.04 -5.17 3.79
CA HIS A 62 -1.23 -4.85 4.58
C HIS A 62 -0.97 -3.68 5.55
N THR A 63 -0.35 -2.62 5.05
CA THR A 63 0.05 -1.38 5.74
C THR A 63 0.71 -1.60 7.13
N ALA A 64 2.03 -1.84 7.13
CA ALA A 64 2.86 -2.08 8.31
C ALA A 64 3.98 -1.03 8.41
N PRO A 65 3.76 0.15 8.98
CA PRO A 65 4.84 1.10 9.28
C PRO A 65 5.78 0.52 10.34
N VAL A 66 7.03 0.22 9.98
CA VAL A 66 8.07 -0.10 10.95
C VAL A 66 9.42 0.32 10.35
N SER A 67 9.78 1.59 10.55
CA SER A 67 11.14 2.07 10.39
C SER A 67 12.03 1.36 11.45
N PRO A 68 13.30 1.03 11.15
CA PRO A 68 14.21 0.46 12.13
C PRO A 68 14.76 1.53 13.08
N HIS A 69 15.53 1.10 14.08
CA HIS A 69 16.14 2.00 15.03
C HIS A 69 17.11 2.97 14.33
N SER A 70 17.29 4.14 14.93
CA SER A 70 18.32 5.11 14.64
C SER A 70 18.37 6.01 15.87
N ARG A 1 -24.92 8.99 -31.04
CA ARG A 1 -25.98 9.37 -31.98
C ARG A 1 -26.05 10.90 -32.14
N SER A 2 -24.92 11.59 -31.94
CA SER A 2 -24.75 13.02 -32.16
C SER A 2 -24.45 13.29 -33.65
N LEU A 3 -24.23 14.57 -33.98
CA LEU A 3 -23.69 15.02 -35.26
C LEU A 3 -22.48 15.92 -34.94
N ARG A 4 -21.76 16.39 -35.96
CA ARG A 4 -20.71 17.40 -35.82
C ARG A 4 -20.74 18.28 -37.07
N GLN A 5 -20.91 19.57 -36.87
CA GLN A 5 -20.98 20.58 -37.92
C GLN A 5 -19.56 20.91 -38.44
N ARG A 6 -19.47 21.82 -39.41
CA ARG A 6 -18.21 22.49 -39.78
C ARG A 6 -18.45 23.98 -39.64
N LEU A 7 -18.31 24.48 -38.40
CA LEU A 7 -18.31 25.88 -38.04
C LEU A 7 -17.71 25.90 -36.64
N GLN A 8 -16.54 26.51 -36.48
CA GLN A 8 -15.89 26.76 -35.18
C GLN A 8 -15.16 28.11 -35.19
N ASP A 9 -15.36 28.89 -36.24
CA ASP A 9 -14.54 29.98 -36.74
C ASP A 9 -14.68 31.23 -35.87
N THR A 10 -15.69 31.21 -35.02
CA THR A 10 -15.91 32.16 -33.96
C THR A 10 -14.91 31.99 -32.80
N VAL A 11 -14.17 30.88 -32.76
CA VAL A 11 -13.19 30.61 -31.70
C VAL A 11 -11.83 31.08 -32.23
N GLY A 12 -11.73 32.39 -32.50
CA GLY A 12 -10.57 33.04 -33.08
C GLY A 12 -10.50 34.44 -32.50
N LEU A 13 -9.31 34.82 -32.06
CA LEU A 13 -8.91 36.11 -31.45
C LEU A 13 -9.76 36.65 -30.29
N CYS A 14 -10.78 35.93 -29.86
CA CYS A 14 -11.75 36.35 -28.86
C CYS A 14 -11.99 35.19 -27.88
N PHE A 15 -12.65 35.50 -26.76
CA PHE A 15 -13.00 34.59 -25.67
C PHE A 15 -11.83 33.66 -25.27
N PRO A 16 -10.79 34.21 -24.61
CA PRO A 16 -9.62 33.43 -24.19
C PRO A 16 -10.00 32.44 -23.08
N MET A 17 -10.49 31.27 -23.47
CA MET A 17 -11.07 30.24 -22.61
C MET A 17 -10.55 28.84 -23.02
N ARG A 18 -9.41 28.77 -23.71
CA ARG A 18 -8.70 27.55 -24.14
C ARG A 18 -7.21 27.84 -24.10
N THR A 19 -6.45 27.07 -23.34
CA THR A 19 -5.00 27.16 -23.29
C THR A 19 -4.45 25.74 -23.25
N TYR A 20 -3.17 25.57 -23.56
CA TYR A 20 -2.49 24.28 -23.51
C TYR A 20 -0.98 24.50 -23.28
N SER A 21 -0.66 25.29 -22.26
CA SER A 21 0.68 25.27 -21.68
C SER A 21 1.00 23.87 -21.14
N LYS A 22 2.29 23.53 -21.11
CA LYS A 22 2.79 22.18 -20.90
C LYS A 22 4.28 22.34 -20.60
N GLN A 23 5.11 21.33 -20.86
CA GLN A 23 6.57 21.45 -20.88
C GLN A 23 7.09 21.75 -19.48
N SER A 24 7.34 20.70 -18.70
CA SER A 24 7.65 20.71 -17.28
C SER A 24 6.37 20.97 -16.47
N LYS A 25 5.37 20.14 -16.72
CA LYS A 25 4.05 20.19 -16.10
C LYS A 25 3.65 18.76 -15.71
N PRO A 26 4.05 18.29 -14.52
CA PRO A 26 3.58 17.04 -13.96
C PRO A 26 2.12 17.21 -13.53
N LEU A 27 1.16 16.82 -14.37
CA LEU A 27 -0.27 16.93 -14.11
C LEU A 27 -0.90 15.60 -14.48
N PHE A 28 -1.02 14.73 -13.48
CA PHE A 28 -1.45 13.34 -13.53
C PHE A 28 -1.38 12.79 -12.11
N SER A 29 -2.45 12.18 -11.60
CA SER A 29 -2.54 11.57 -10.27
C SER A 29 -2.21 12.49 -9.08
N ASN A 30 -2.41 11.96 -7.87
CA ASN A 30 -2.02 12.58 -6.60
C ASN A 30 -1.80 11.52 -5.51
N LYS A 31 -1.32 10.33 -5.91
CA LYS A 31 -0.85 9.27 -5.00
C LYS A 31 0.53 9.70 -4.51
N ARG A 32 0.63 10.20 -3.27
CA ARG A 32 1.90 10.70 -2.72
C ARG A 32 2.01 10.30 -1.25
N LYS A 33 2.32 9.04 -0.95
CA LYS A 33 2.57 8.56 0.40
C LYS A 33 3.91 7.83 0.46
N ILE A 34 4.74 8.16 1.45
CA ILE A 34 6.06 7.60 1.63
C ILE A 34 6.01 6.16 2.09
N HIS A 35 7.03 5.45 1.65
CA HIS A 35 7.40 4.13 2.08
C HIS A 35 8.91 4.22 2.29
N LEU A 36 9.34 4.61 3.49
CA LEU A 36 10.68 4.28 3.98
C LEU A 36 10.68 2.84 4.48
N SER A 37 9.52 2.32 4.89
CA SER A 37 9.38 0.95 5.39
C SER A 37 7.94 0.46 5.30
N GLU A 38 6.98 1.30 4.89
CA GLU A 38 5.61 0.86 4.77
C GLU A 38 5.47 0.04 3.51
N LEU A 39 4.40 -0.74 3.46
CA LEU A 39 3.91 -1.55 2.34
C LEU A 39 4.74 -2.80 2.12
N MET A 40 4.08 -3.78 1.51
CA MET A 40 4.64 -5.04 1.14
C MET A 40 5.70 -4.85 0.07
N LEU A 41 6.62 -5.80 0.11
CA LEU A 41 7.75 -5.95 -0.77
C LEU A 41 7.82 -7.42 -1.19
N GLU A 42 8.76 -7.79 -2.06
CA GLU A 42 9.15 -9.18 -2.28
C GLU A 42 10.67 -9.34 -2.41
N LYS A 43 11.46 -8.39 -1.90
CA LYS A 43 12.90 -8.58 -1.70
C LYS A 43 13.18 -8.38 -0.22
N CYS A 44 12.52 -9.20 0.59
CA CYS A 44 12.75 -9.30 2.02
C CYS A 44 14.18 -9.85 2.23
N PRO A 45 14.88 -9.53 3.33
CA PRO A 45 16.24 -10.01 3.58
C PRO A 45 16.35 -11.53 3.85
N PHE A 46 15.24 -12.26 3.93
CA PHE A 46 15.22 -13.67 4.36
C PHE A 46 16.21 -14.59 3.63
N PRO A 47 16.66 -15.68 4.28
CA PRO A 47 17.29 -16.79 3.59
C PRO A 47 16.25 -17.56 2.74
N ALA A 48 16.72 -18.49 1.91
CA ALA A 48 15.89 -19.41 1.15
C ALA A 48 15.23 -20.45 2.06
N GLY A 49 14.07 -20.94 1.64
CA GLY A 49 13.46 -22.19 2.08
C GLY A 49 13.12 -22.22 3.57
N SER A 50 13.03 -21.07 4.21
CA SER A 50 13.04 -20.94 5.66
C SER A 50 11.71 -20.42 6.16
N ASP A 51 11.29 -20.82 7.36
CA ASP A 51 10.03 -20.39 7.99
C ASP A 51 9.96 -18.87 8.17
N LEU A 52 11.11 -18.20 8.21
CA LEU A 52 11.15 -16.74 8.24
C LEU A 52 10.37 -16.13 7.07
N ALA A 53 10.40 -16.78 5.91
CA ALA A 53 9.67 -16.37 4.73
C ALA A 53 8.15 -16.46 4.96
N GLN A 54 7.68 -17.51 5.63
CA GLN A 54 6.28 -17.64 6.01
C GLN A 54 5.92 -16.60 7.09
N LYS A 55 6.77 -16.38 8.10
CA LYS A 55 6.51 -15.38 9.13
C LYS A 55 6.49 -13.96 8.56
N TRP A 56 7.30 -13.67 7.53
CA TRP A 56 7.14 -12.42 6.80
C TRP A 56 5.76 -12.39 6.15
N HIS A 57 5.42 -13.45 5.41
CA HIS A 57 4.21 -13.53 4.60
C HIS A 57 2.92 -13.38 5.42
N LEU A 58 2.95 -13.75 6.70
CA LEU A 58 1.91 -13.47 7.69
C LEU A 58 1.58 -11.97 7.69
N ILE A 59 2.61 -11.14 7.88
CA ILE A 59 2.47 -9.70 8.01
C ILE A 59 2.23 -9.08 6.62
N LYS A 60 2.95 -9.51 5.59
CA LYS A 60 2.92 -8.98 4.21
C LYS A 60 3.39 -7.52 4.15
N GLN A 61 2.63 -6.59 4.70
CA GLN A 61 2.91 -5.16 4.76
C GLN A 61 3.09 -4.79 6.22
N HIS A 62 4.33 -4.52 6.65
CA HIS A 62 4.52 -3.84 7.92
C HIS A 62 4.08 -2.38 7.73
N THR A 63 3.44 -1.83 8.75
CA THR A 63 3.02 -0.45 8.89
C THR A 63 2.90 -0.22 10.41
N ALA A 64 2.81 1.05 10.83
CA ALA A 64 2.77 1.49 12.22
C ALA A 64 3.83 0.75 13.06
N PRO A 65 5.12 1.04 12.85
CA PRO A 65 6.20 0.41 13.57
C PRO A 65 6.20 0.88 15.03
N VAL A 66 5.97 -0.02 15.98
CA VAL A 66 5.89 0.25 17.41
C VAL A 66 7.23 -0.14 18.05
N SER A 67 7.98 0.83 18.56
CA SER A 67 9.15 0.62 19.42
C SER A 67 9.37 1.92 20.21
N PRO A 68 8.44 2.30 21.11
CA PRO A 68 8.55 3.56 21.83
C PRO A 68 9.78 3.54 22.73
N HIS A 69 10.47 4.68 22.75
CA HIS A 69 11.83 4.83 23.26
C HIS A 69 11.97 6.14 24.06
N SER A 70 10.84 6.62 24.58
CA SER A 70 10.65 7.84 25.33
C SER A 70 11.31 7.70 26.69
N ARG A 1 -63.41 41.91 22.22
CA ARG A 1 -63.70 41.45 23.59
C ARG A 1 -62.46 41.53 24.51
N SER A 2 -61.99 42.74 24.79
CA SER A 2 -61.09 43.04 25.91
C SER A 2 -61.37 44.49 26.31
N LEU A 3 -60.99 44.87 27.53
CA LEU A 3 -61.18 46.18 28.13
C LEU A 3 -60.29 46.26 29.38
N ARG A 4 -60.31 47.40 30.08
CA ARG A 4 -59.64 47.62 31.38
C ARG A 4 -58.19 47.10 31.37
N GLN A 5 -57.39 47.63 30.46
CA GLN A 5 -55.97 47.37 30.29
C GLN A 5 -55.70 45.90 29.97
N ARG A 6 -55.68 45.02 30.99
CA ARG A 6 -55.31 43.60 30.96
C ARG A 6 -53.98 43.26 30.25
N LEU A 7 -53.17 44.26 29.90
CA LEU A 7 -51.82 44.17 29.37
C LEU A 7 -51.13 45.51 29.66
N GLN A 8 -49.88 45.71 29.21
CA GLN A 8 -48.97 46.73 29.73
C GLN A 8 -48.01 47.26 28.63
N ASP A 9 -48.37 47.13 27.36
CA ASP A 9 -47.45 47.23 26.22
C ASP A 9 -46.94 48.64 26.00
N THR A 10 -47.62 49.59 26.62
CA THR A 10 -47.21 50.97 26.67
C THR A 10 -45.93 51.15 27.50
N VAL A 11 -45.56 50.15 28.32
CA VAL A 11 -44.41 50.28 29.22
C VAL A 11 -43.79 48.92 29.56
N GLY A 12 -42.67 48.58 28.89
CA GLY A 12 -41.79 47.49 29.36
C GLY A 12 -40.93 46.83 28.28
N LEU A 13 -40.93 47.31 27.04
CA LEU A 13 -40.45 46.53 25.90
C LEU A 13 -38.97 46.80 25.60
N CYS A 14 -38.05 46.10 26.30
CA CYS A 14 -36.63 46.01 25.95
C CYS A 14 -36.11 44.64 26.41
N PHE A 15 -35.12 44.07 25.72
CA PHE A 15 -34.47 42.80 26.07
C PHE A 15 -33.14 42.67 25.31
N PRO A 16 -32.17 41.87 25.79
CA PRO A 16 -30.94 41.58 25.06
C PRO A 16 -31.22 40.58 23.92
N MET A 17 -30.40 40.60 22.86
CA MET A 17 -30.67 39.88 21.63
C MET A 17 -29.62 38.82 21.27
N ARG A 18 -28.58 38.65 22.08
CA ARG A 18 -27.38 37.83 21.88
C ARG A 18 -26.53 38.34 20.72
N THR A 19 -25.23 38.53 20.97
CA THR A 19 -24.23 38.96 20.00
C THR A 19 -22.89 38.34 20.41
N TYR A 20 -22.44 37.27 19.76
CA TYR A 20 -21.10 36.70 19.98
C TYR A 20 -20.47 36.19 18.67
N SER A 21 -21.03 36.58 17.53
CA SER A 21 -20.37 36.42 16.25
C SER A 21 -19.16 37.36 16.19
N LYS A 22 -18.34 37.20 15.15
CA LYS A 22 -16.91 37.46 15.02
C LYS A 22 -16.16 36.33 15.68
N GLN A 23 -15.27 35.73 14.90
CA GLN A 23 -14.37 34.68 15.27
C GLN A 23 -13.28 34.74 14.19
N SER A 24 -12.04 34.32 14.48
CA SER A 24 -11.00 34.27 13.45
C SER A 24 -9.98 33.18 13.80
N LYS A 25 -10.39 31.91 13.74
CA LYS A 25 -9.56 30.75 14.01
C LYS A 25 -9.98 29.65 13.01
N PRO A 26 -9.41 29.65 11.79
CA PRO A 26 -9.72 28.64 10.79
C PRO A 26 -9.02 27.33 11.12
N LEU A 27 -9.58 26.23 10.63
CA LEU A 27 -8.95 24.93 10.57
C LEU A 27 -8.09 24.93 9.31
N PHE A 28 -6.88 24.39 9.37
CA PHE A 28 -5.99 24.30 8.23
C PHE A 28 -5.13 23.04 8.34
N SER A 29 -5.21 22.17 7.34
CA SER A 29 -4.55 20.88 7.33
C SER A 29 -4.42 20.34 5.90
N ASN A 30 -3.30 20.60 5.22
CA ASN A 30 -2.96 20.03 3.92
C ASN A 30 -1.54 19.44 3.90
N LYS A 31 -1.42 18.14 4.17
CA LYS A 31 -0.28 17.31 3.79
C LYS A 31 -0.81 16.18 2.91
N ARG A 32 0.01 15.62 2.03
CA ARG A 32 -0.29 14.36 1.32
C ARG A 32 0.95 13.46 1.24
N LYS A 33 2.02 13.75 1.99
CA LYS A 33 3.29 13.09 1.85
C LYS A 33 3.12 11.65 2.31
N ILE A 34 3.81 10.72 1.65
CA ILE A 34 3.91 9.32 2.07
C ILE A 34 5.41 9.04 2.26
N HIS A 35 5.76 7.95 2.96
CA HIS A 35 7.14 7.57 3.25
C HIS A 35 7.57 6.41 2.34
N LEU A 36 8.70 5.79 2.69
CA LEU A 36 9.28 4.67 1.95
C LEU A 36 8.88 3.33 2.57
N SER A 37 8.31 3.31 3.79
CA SER A 37 7.95 2.08 4.49
C SER A 37 6.46 1.76 4.39
N GLU A 38 5.65 2.59 3.73
CA GLU A 38 4.41 2.07 3.14
C GLU A 38 4.72 0.96 2.13
N LEU A 39 3.71 0.16 1.78
CA LEU A 39 3.76 -0.88 0.76
C LEU A 39 5.01 -1.75 0.89
N MET A 40 5.14 -2.45 2.02
CA MET A 40 6.21 -3.39 2.29
C MET A 40 6.16 -4.61 1.36
N LEU A 41 6.71 -4.49 0.16
CA LEU A 41 6.85 -5.57 -0.81
C LEU A 41 8.26 -6.11 -0.74
N GLU A 42 9.28 -5.32 -1.10
CA GLU A 42 10.62 -5.88 -1.29
C GLU A 42 11.29 -6.23 0.05
N LYS A 43 10.60 -5.98 1.17
CA LYS A 43 11.09 -6.03 2.54
C LYS A 43 11.15 -7.47 3.06
N CYS A 44 11.75 -8.36 2.29
CA CYS A 44 11.79 -9.80 2.56
C CYS A 44 13.21 -10.33 2.30
N PRO A 45 14.20 -9.98 3.16
CA PRO A 45 15.58 -10.42 2.98
C PRO A 45 15.81 -11.88 3.41
N PHE A 46 14.80 -12.56 3.97
CA PHE A 46 14.99 -13.87 4.57
C PHE A 46 15.32 -14.90 3.49
N PRO A 47 16.18 -15.88 3.78
CA PRO A 47 16.50 -16.96 2.87
C PRO A 47 15.26 -17.83 2.67
N ALA A 48 14.98 -18.13 1.41
CA ALA A 48 13.91 -19.02 1.00
C ALA A 48 14.11 -20.37 1.65
N GLY A 49 13.01 -20.97 2.11
CA GLY A 49 13.00 -22.23 2.82
C GLY A 49 13.20 -22.06 4.33
N SER A 50 13.62 -20.89 4.82
CA SER A 50 13.55 -20.60 6.24
C SER A 50 12.09 -20.32 6.62
N ASP A 51 11.77 -20.49 7.91
CA ASP A 51 10.43 -20.29 8.47
C ASP A 51 10.02 -18.84 8.30
N LEU A 52 10.99 -17.94 8.36
CA LEU A 52 10.76 -16.51 8.31
C LEU A 52 10.32 -16.08 6.91
N ALA A 53 10.82 -16.74 5.85
CA ALA A 53 10.41 -16.43 4.48
C ALA A 53 8.92 -16.77 4.31
N GLN A 54 8.47 -17.91 4.86
CA GLN A 54 7.06 -18.25 4.85
C GLN A 54 6.28 -17.27 5.73
N LYS A 55 6.69 -17.04 6.98
CA LYS A 55 5.97 -16.19 7.92
C LYS A 55 5.96 -14.72 7.52
N TRP A 56 6.83 -14.26 6.61
CA TRP A 56 6.78 -12.91 6.06
C TRP A 56 5.42 -12.63 5.41
N HIS A 57 4.79 -13.64 4.81
CA HIS A 57 3.49 -13.50 4.15
C HIS A 57 2.43 -12.95 5.12
N LEU A 58 2.60 -13.20 6.42
CA LEU A 58 1.71 -12.68 7.45
C LEU A 58 1.78 -11.16 7.46
N ILE A 59 2.99 -10.61 7.55
CA ILE A 59 3.25 -9.17 7.57
C ILE A 59 2.85 -8.58 6.22
N LYS A 60 3.45 -9.04 5.12
CA LYS A 60 3.20 -8.51 3.77
C LYS A 60 3.42 -6.98 3.79
N GLN A 61 2.79 -6.23 2.89
CA GLN A 61 2.73 -4.78 2.98
C GLN A 61 1.94 -4.41 4.25
N HIS A 62 2.60 -4.05 5.35
CA HIS A 62 1.94 -3.23 6.37
C HIS A 62 2.94 -2.34 7.08
N THR A 63 2.84 -1.03 6.89
CA THR A 63 3.63 -0.08 7.66
C THR A 63 3.26 -0.16 9.15
N ALA A 64 4.19 0.17 10.03
CA ALA A 64 3.96 0.34 11.46
C ALA A 64 3.99 1.84 11.78
N PRO A 65 3.31 2.30 12.83
CA PRO A 65 3.17 3.72 13.14
C PRO A 65 4.42 4.22 13.88
N VAL A 66 5.56 4.17 13.20
CA VAL A 66 6.85 4.62 13.70
C VAL A 66 7.04 6.06 13.24
N SER A 67 6.37 6.96 13.96
CA SER A 67 6.53 8.39 13.82
C SER A 67 7.12 8.92 15.14
N PRO A 68 8.40 8.62 15.44
CA PRO A 68 9.02 8.95 16.71
C PRO A 68 9.30 10.45 16.75
N HIS A 69 8.35 11.21 17.27
CA HIS A 69 8.37 12.67 17.35
C HIS A 69 8.42 13.37 15.98
N SER A 70 8.06 12.65 14.90
CA SER A 70 7.98 13.11 13.53
C SER A 70 6.62 12.74 12.95
#